data_4O02
#
_entry.id   4O02
#
_cell.length_a   110.464
_cell.length_b   266.988
_cell.length_c   102.163
_cell.angle_alpha   90.00
_cell.angle_beta   90.00
_cell.angle_gamma   90.00
#
_symmetry.space_group_name_H-M   'P 21 21 2'
#
loop_
_entity.id
_entity.type
_entity.pdbx_description
1 polymer 'Integrin alpha-V'
2 polymer 'Integrin beta-3'
3 polymer '17E6 light chain'
4 polymer '17E6 heavy chain'
5 branched beta-D-mannopyranose-(1-4)-alpha-D-mannopyranose-(1-6)-[alpha-D-mannopyranose-(1-3)]beta-D-mannopyranose-(1-4)-2-acetamido-2-deoxy-beta-D-glucopyranose-(1-4)-2-acetamido-2-deoxy-beta-D-glucopyranose
6 branched beta-D-mannopyranose-(1-4)-2-acetamido-2-deoxy-beta-D-glucopyranose-(1-4)-2-acetamido-2-deoxy-beta-D-glucopyranose
7 branched alpha-D-mannopyranose-(1-3)-alpha-D-mannopyranose-(1-6)-[alpha-D-mannopyranose-(1-3)]beta-D-mannopyranose-(1-4)-2-acetamido-2-deoxy-beta-D-glucopyranose-(1-4)-2-acetamido-2-deoxy-beta-D-glucopyranose
8 branched 2-acetamido-2-deoxy-beta-D-glucopyranose-(1-4)-2-acetamido-2-deoxy-beta-D-glucopyranose
9 branched alpha-D-mannopyranose-(1-3)-alpha-D-mannopyranose-(1-3)-alpha-D-mannopyranose-(1-3)-beta-D-mannopyranose-(1-4)-2-acetamido-2-deoxy-beta-D-glucopyranose-(1-4)-2-acetamido-2-deoxy-beta-D-glucopyranose
10 non-polymer 2-acetamido-2-deoxy-beta-D-glucopyranose
11 non-polymer 'MANGANESE (II) ION'
12 non-polymer 'NITRATE ION'
#
loop_
_entity_poly.entity_id
_entity_poly.type
_entity_poly.pdbx_seq_one_letter_code
_entity_poly.pdbx_strand_id
1 'polypeptide(L)'
;FNLDVDSPAEYSGPEGSYFGFAVDFFVPSASSRMFLLVGAPKANTTQPGIVEGGQVLKCDWSSTRRCQPIEFDATGNRDY
AKDDPLEFKSHQWFGASVRSKQDKILACAPLYHWRTEMKQEREPVGTCFLQDGTKTVEYAPCRSQDIDADGQGFCQGGFS
IDFTKADRVLLGGPGSFYWQGQLISDQVAEIVSKYDPNVYSIKYNNQLATRTAQAIFDDSYLGYSVAVGDFNGDGIDDFV
SGVPRAARTLGMVYIYDGKNMSSLYNFTGEQMAAYFGFSVAATDINGDDYADVFIGAPLFMDRGSDGKLQEVGQVSVSLQ
RASGDFQTTKLNGFEVFARFGSAIAPLGDLDQDGFNDIAIAAPYGGEDKKGIVYIFNGRSTGLNAVPSQILEGQWAARSM
PPSFGYSMKGATDIDKNGYPDLIVGAFGVDRAILYRARPVITVNAGLEVYPSILNQDNKTCSLPGTALKVSCFNVRFCLK
ADGKGVLPRKLNFQVELLLDKLKQKGAIRRALFLYSRSPSHSKNMTISRGGLMQCEELIAYLRDESEFRDKLTPITIFME
YRLDYRTAADTTGLQPILNQFTPANISRQAHILLDCGEDNVCKPKLEVSVDSDQKKIYIGDDNPLTLIVKAQNQGEGAYE
AELIVSIPLQADFIGVVRNNEALARLSCAFKTENQTRQVVCDLGNPMKAGTQLLAGLRFSVHQQSEMDTSVKFDLQIQSS
NLFDKVSPVVSHKVDLAVLAAVEIRGVSSPDHVFLPIPNWEHKENPETEEDVGPVVQHIYELRNNGPSSFSKAMLHLQWP
YKYNNNTLLYILHYDIDGPMNCTSDMEINPLRIKISSLQTTEKNDTVAGQGERDHLITKRDLALSEGDIHTLGCGVAQCL
KIVCQVGRLDRGKSAILYVKSLLWTETFMNKENQNHSYSLKSSASFNVIEFPYKNLPIEDITNSTLVTTNVTWGIQPAPM
PV
;
A
2 'polypeptide(L)'
;GPNICTTRGVSSCQQCLAVSPMCAWCSDEALPLGSPRCDLKENLLKDNCAPESIEFPVSEARVLEDRPLSDKGSGDSSQV
TQVSPQRIALRLRPDDSKNFSIQVRQVEDYPVDIYYLMDLSYSMKDDLWSIQNLGTKLATQMRKLTSNLRIGFGAFVDKP
VSPYMYISPPEALENPCYDMKTTCLPMFGYKHVLTLTDQVTRFNEEVKKQSVSRNRDAPEGGFDAIMQATVCDEKIGWRN
DASHLLVFTTDAKTHIALDGRLAGIVQPNDGQCHVGSDNHYSASTTMDYPSLGLMTEKLSQKNINLIFAVTENVVNLYQN
YSELIPGTTVGVLSMDSSNVLQLIVDAYGKIRSKVELEVRDLPEELSLSFNATCLNNEVIPGLKSCMGLKIGDTVSFSIE
AKVRGCPQEKEKSFTIKPVGFKDSLIVQVTFDCDCACQAQAEPNSHRCNNGNGTFECGVCRCGPGWLGSQCECSEEDYRP
SQQDECSPREGQPVCSQRGECLCGQCVCHSSDFGKITGKYCECDDFSCVRYKGEMCSGHGQCSCGDCLCDSDWTGYYCNC
TTRTDTCMSSNGLLCSGRGKCECGSCVCIQPGSYGDTCEKCPTCPDACTFKKECVECKKFDRGALHDENTCNRYCRDEIE
SVKELKDTGKDAVNCTYKNEDDCVVRFQYYEDSSGKSILYVVEEPECPKGPD
;
B
3 'polypeptide(L)'
;DIQMTQTTSSLSASLGDRVIISCRASQDISNYLSWYQQKPDGTVKLLIFYTSKLHSGVPSRFSGSGSGTDYSLTISNLDQ
EDIATYFCQQGNTFPYTFGGGTKVEMRRADAAPTVSIFPPSSEQLTSGGASVVCFLNNFYPKDINVKWKIDGSERQNGVL
NSWTDQDSKDSTYSMSSTLTLTKDEYERHNSYTCEATHKTSTSPIVKSFNRNEC
;
L
4 'polypeptide(L)'
;QVQLQQSGAELAEPGASVKMSCKASGYTFSSFWMHWVKQRPGQGLEWIGYINPRSGYTECNEIFRDKATMTADTSSSTAY
MQLSGLTSEDSAVYYCASFLGRGAMDYWGQGTSVTVSSAKTTAPSVYPLAPVCGDTTGSSVTLGCLVKGYFPEPVTLTWN
SGSLSAGVHTFPAVLQSDLYTLSSSVTVTSSTWPSQSITCNVAHPASSTKVDKKIEPR
;
H
#
loop_
_chem_comp.id
_chem_comp.type
_chem_comp.name
_chem_comp.formula
BMA D-saccharide, beta linking beta-D-mannopyranose 'C6 H12 O6'
MAN D-saccharide, alpha linking alpha-D-mannopyranose 'C6 H12 O6'
MN non-polymer 'MANGANESE (II) ION' 'Mn 2'
NAG D-saccharide, beta linking 2-acetamido-2-deoxy-beta-D-glucopyranose 'C8 H15 N O6'
NO3 non-polymer 'NITRATE ION' 'N O3 -1'
#
# COMPACT_ATOMS: atom_id res chain seq x y z
N PHE A 1 -9.23 -1.76 26.24
CA PHE A 1 -9.38 -1.12 27.55
C PHE A 1 -9.29 -2.15 28.68
N ASN A 2 -9.70 -3.38 28.41
CA ASN A 2 -9.80 -4.41 29.44
C ASN A 2 -8.55 -5.28 29.50
N LEU A 3 -7.55 -4.90 28.71
CA LEU A 3 -6.24 -5.54 28.75
C LEU A 3 -5.55 -5.09 30.02
N ASP A 4 -5.14 -6.04 30.87
CA ASP A 4 -4.47 -5.70 32.12
C ASP A 4 -3.05 -5.22 31.84
N VAL A 5 -2.77 -3.98 32.20
CA VAL A 5 -1.44 -3.41 32.02
C VAL A 5 -0.65 -3.42 33.32
N ASP A 6 -1.29 -3.90 34.40
CA ASP A 6 -0.66 -3.92 35.71
C ASP A 6 0.38 -5.02 35.86
N SER A 7 0.01 -6.24 35.47
CA SER A 7 0.87 -7.40 35.72
C SER A 7 1.00 -8.32 34.51
N PRO A 8 1.78 -7.89 33.51
CA PRO A 8 2.10 -8.73 32.35
C PRO A 8 3.26 -9.69 32.62
N ALA A 9 3.59 -10.50 31.64
CA ALA A 9 4.69 -11.46 31.78
C ALA A 9 5.86 -11.07 30.89
N GLU A 10 7.06 -11.05 31.45
CA GLU A 10 8.22 -10.56 30.74
C GLU A 10 9.19 -11.72 30.52
N TYR A 11 9.53 -11.95 29.25
CA TYR A 11 10.40 -13.04 28.88
C TYR A 11 11.61 -12.43 28.20
N SER A 12 12.76 -13.10 28.31
CA SER A 12 13.98 -12.57 27.71
C SER A 12 14.93 -13.66 27.26
N GLY A 13 15.56 -13.43 26.11
CA GLY A 13 16.56 -14.34 25.58
C GLY A 13 17.94 -13.77 25.83
N PRO A 14 18.97 -14.36 25.21
CA PRO A 14 20.35 -13.93 25.43
C PRO A 14 20.60 -12.52 24.87
N GLU A 15 21.59 -11.83 25.41
CA GLU A 15 21.89 -10.47 24.98
C GLU A 15 22.34 -10.46 23.52
N GLY A 16 21.74 -9.60 22.72
CA GLY A 16 22.12 -9.49 21.31
C GLY A 16 21.39 -10.44 20.36
N SER A 17 20.45 -11.23 20.88
CA SER A 17 19.77 -12.22 20.06
C SER A 17 18.59 -11.65 19.29
N TYR A 18 18.29 -10.37 19.51
CA TYR A 18 17.07 -9.77 19.00
C TYR A 18 15.85 -10.59 19.43
N PHE A 19 15.94 -11.18 20.61
CA PHE A 19 14.86 -11.95 21.20
C PHE A 19 13.60 -11.07 21.23
N GLY A 20 12.55 -11.54 20.58
CA GLY A 20 11.32 -10.78 20.52
C GLY A 20 11.02 -10.24 19.13
N PHE A 21 11.97 -10.40 18.21
CA PHE A 21 11.77 -9.90 16.84
C PHE A 21 10.51 -10.52 16.23
N ALA A 22 10.19 -11.76 16.62
CA ALA A 22 8.95 -12.39 16.18
C ALA A 22 8.28 -13.17 17.31
N VAL A 23 6.96 -13.01 17.44
CA VAL A 23 6.21 -13.69 18.49
C VAL A 23 4.93 -14.33 17.96
N ASP A 24 4.45 -15.37 18.64
CA ASP A 24 3.18 -16.01 18.27
C ASP A 24 2.72 -16.94 19.39
N PHE A 25 1.44 -17.31 19.39
CA PHE A 25 0.97 -18.33 20.33
C PHE A 25 1.13 -19.75 19.79
N PHE A 26 1.39 -20.69 20.71
CA PHE A 26 1.37 -22.10 20.37
C PHE A 26 0.25 -22.81 21.12
N VAL A 27 -0.66 -23.42 20.35
CA VAL A 27 -1.89 -24.05 20.85
C VAL A 27 -1.94 -25.54 20.47
N PRO A 28 -1.16 -26.36 21.17
CA PRO A 28 -1.05 -27.79 20.84
C PRO A 28 -2.33 -28.53 21.20
N SER A 29 -2.67 -29.58 20.44
CA SER A 29 -3.89 -30.34 20.70
C SER A 29 -3.72 -31.35 21.82
N ALA A 30 -2.48 -31.69 22.12
CA ALA A 30 -2.17 -32.72 23.11
C ALA A 30 -2.22 -32.19 24.55
N SER A 31 -1.20 -31.43 24.94
CA SER A 31 -1.02 -31.01 26.33
C SER A 31 -1.82 -29.75 26.69
N SER A 32 -2.26 -29.66 27.94
CA SER A 32 -3.05 -28.53 28.40
C SER A 32 -2.22 -27.27 28.50
N ARG A 33 -0.90 -27.41 28.49
CA ARG A 33 -0.04 -26.25 28.67
C ARG A 33 0.24 -25.63 27.32
N MET A 34 -0.29 -24.42 27.14
CA MET A 34 -0.14 -23.62 25.94
C MET A 34 1.20 -22.90 25.99
N PHE A 35 1.76 -22.56 24.84
CA PHE A 35 3.07 -21.92 24.87
C PHE A 35 3.14 -20.62 24.09
N LEU A 36 4.32 -20.00 24.13
CA LEU A 36 4.60 -18.82 23.32
C LEU A 36 5.90 -18.98 22.54
N LEU A 37 5.89 -18.51 21.30
CA LEU A 37 7.02 -18.73 20.41
C LEU A 37 7.70 -17.38 20.17
N VAL A 38 8.96 -17.28 20.58
CA VAL A 38 9.73 -16.05 20.44
C VAL A 38 10.87 -16.23 19.46
N GLY A 39 10.90 -15.42 18.39
CA GLY A 39 12.00 -15.51 17.47
C GLY A 39 13.24 -14.79 17.95
N ALA A 40 14.37 -15.49 17.88
CA ALA A 40 15.66 -14.96 18.32
C ALA A 40 16.62 -15.14 17.17
N PRO A 41 16.49 -14.29 16.14
CA PRO A 41 17.19 -14.53 14.88
C PRO A 41 18.71 -14.42 14.94
N LYS A 42 19.26 -13.69 15.93
CA LYS A 42 20.71 -13.57 16.05
C LYS A 42 21.37 -14.46 17.12
N ALA A 43 20.59 -15.26 17.82
CA ALA A 43 21.12 -16.03 18.96
C ALA A 43 22.12 -17.10 18.56
N ASN A 44 23.20 -17.20 19.33
CA ASN A 44 24.19 -18.24 19.12
C ASN A 44 23.61 -19.59 19.43
N THR A 45 24.03 -20.60 18.66
CA THR A 45 23.40 -21.91 18.71
C THR A 45 24.39 -23.05 18.90
N THR A 46 23.85 -24.23 19.19
CA THR A 46 24.67 -25.43 19.37
C THR A 46 25.03 -26.08 18.04
N GLN A 47 24.46 -25.57 16.95
CA GLN A 47 24.81 -26.06 15.62
C GLN A 47 26.29 -25.83 15.40
N PRO A 48 27.07 -26.91 15.21
CA PRO A 48 28.52 -26.78 15.05
C PRO A 48 28.91 -25.91 13.86
N GLY A 49 29.75 -24.90 14.12
CA GLY A 49 30.26 -24.03 13.08
C GLY A 49 29.32 -22.91 12.67
N ILE A 50 28.05 -23.05 13.03
CA ILE A 50 27.04 -22.05 12.65
C ILE A 50 27.05 -20.91 13.68
N VAL A 51 27.43 -19.71 13.21
CA VAL A 51 27.50 -18.54 14.07
C VAL A 51 26.23 -17.70 13.95
N GLU A 52 25.57 -17.44 15.08
CA GLU A 52 24.32 -16.68 15.12
C GLU A 52 23.29 -17.27 14.16
N GLY A 53 23.10 -18.58 14.24
CA GLY A 53 22.15 -19.26 13.37
C GLY A 53 20.72 -18.87 13.65
N GLY A 54 20.44 -18.41 14.86
CA GLY A 54 19.12 -17.98 15.25
C GLY A 54 18.25 -19.15 15.65
N GLN A 55 17.23 -18.89 16.46
CA GLN A 55 16.36 -19.97 16.90
C GLN A 55 15.00 -19.49 17.38
N VAL A 56 14.12 -20.43 17.69
CA VAL A 56 12.83 -20.09 18.25
C VAL A 56 12.65 -20.76 19.61
N LEU A 57 12.04 -20.04 20.53
CA LEU A 57 11.87 -20.54 21.89
C LEU A 57 10.41 -20.66 22.30
N LYS A 58 10.04 -21.81 22.87
CA LYS A 58 8.73 -21.96 23.48
C LYS A 58 8.71 -21.55 24.97
N CYS A 59 7.79 -20.64 25.31
CA CYS A 59 7.71 -20.15 26.68
C CYS A 59 6.41 -20.50 27.40
N ASP A 60 6.55 -21.07 28.59
CA ASP A 60 5.41 -21.42 29.44
C ASP A 60 4.85 -20.15 30.09
N TRP A 61 3.56 -19.87 29.97
CA TRP A 61 2.99 -18.80 30.80
C TRP A 61 2.54 -19.27 32.19
N SER A 62 1.93 -20.46 32.28
CA SER A 62 1.33 -20.91 33.53
C SER A 62 2.23 -21.82 34.37
N SER A 63 2.37 -21.48 35.65
CA SER A 63 3.36 -22.08 36.55
C SER A 63 4.79 -21.84 36.02
N THR A 64 5.64 -22.87 36.07
CA THR A 64 7.08 -22.66 35.91
C THR A 64 7.44 -21.94 34.62
N ARG A 65 8.15 -20.83 34.81
CA ARG A 65 8.44 -19.86 33.76
C ARG A 65 9.79 -20.07 33.04
N ARG A 66 10.19 -19.00 32.36
CA ARG A 66 11.23 -18.95 31.33
C ARG A 66 10.96 -19.80 30.09
N CYS A 67 11.99 -20.34 29.46
CA CYS A 67 11.83 -20.77 28.07
C CYS A 67 12.80 -21.84 27.56
N GLN A 68 12.32 -22.70 26.66
CA GLN A 68 13.21 -23.71 26.10
C GLN A 68 13.24 -23.54 24.58
N PRO A 69 14.44 -23.61 23.98
CA PRO A 69 14.51 -23.51 22.52
C PRO A 69 13.97 -24.77 21.83
N ILE A 70 13.18 -24.60 20.77
CA ILE A 70 12.71 -25.75 20.01
C ILE A 70 13.84 -26.19 19.10
N GLU A 71 14.24 -27.46 19.20
CA GLU A 71 15.33 -27.91 18.35
C GLU A 71 14.75 -28.47 17.06
N PHE A 72 14.84 -27.64 16.03
CA PHE A 72 14.47 -28.02 14.67
C PHE A 72 15.61 -28.77 14.01
N ASP A 73 16.77 -28.13 14.05
CA ASP A 73 17.95 -28.58 13.34
C ASP A 73 19.23 -28.45 14.16
N ALA A 74 19.87 -29.57 14.44
CA ALA A 74 21.14 -29.52 15.15
C ALA A 74 22.33 -29.59 14.19
N THR A 75 22.04 -29.73 12.89
CA THR A 75 23.11 -29.94 11.91
C THR A 75 23.77 -28.63 11.51
N GLY A 76 25.05 -28.72 11.14
CA GLY A 76 25.79 -27.59 10.61
C GLY A 76 25.61 -27.52 9.10
N ASN A 77 26.61 -27.00 8.40
CA ASN A 77 26.57 -26.96 6.94
C ASN A 77 26.91 -28.33 6.35
N ARG A 78 26.17 -28.73 5.32
CA ARG A 78 26.54 -29.89 4.51
C ARG A 78 27.64 -29.49 3.53
N ASP A 79 28.36 -30.48 2.99
CA ASP A 79 29.44 -30.20 2.05
C ASP A 79 29.10 -30.75 0.65
N TYR A 80 29.09 -29.86 -0.33
CA TYR A 80 29.02 -30.27 -1.72
C TYR A 80 30.25 -31.10 -2.08
N ALA A 81 31.40 -30.66 -1.57
CA ALA A 81 32.63 -31.42 -1.69
C ALA A 81 33.53 -31.23 -0.48
N LYS A 82 34.72 -31.82 -0.53
CA LYS A 82 35.67 -31.71 0.58
C LYS A 82 36.07 -30.25 0.74
N ASP A 83 35.84 -29.72 1.94
CA ASP A 83 36.10 -28.32 2.25
C ASP A 83 35.40 -27.38 1.26
N ASP A 84 34.26 -27.82 0.75
CA ASP A 84 33.45 -27.06 -0.19
C ASP A 84 32.00 -27.06 0.30
N PRO A 85 31.62 -26.03 1.07
CA PRO A 85 30.34 -25.95 1.79
C PRO A 85 29.13 -25.88 0.86
N LEU A 86 28.09 -26.67 1.15
CA LEU A 86 26.86 -26.67 0.35
C LEU A 86 25.91 -25.54 0.73
N GLU A 87 26.00 -25.10 1.98
CA GLU A 87 25.07 -24.12 2.53
C GLU A 87 25.74 -23.29 3.60
N PHE A 88 25.16 -22.15 3.92
CA PHE A 88 25.72 -21.32 4.96
C PHE A 88 24.64 -20.87 5.95
N LYS A 89 24.75 -21.42 7.16
CA LYS A 89 23.81 -21.19 8.24
C LYS A 89 24.22 -20.05 9.17
N SER A 90 25.47 -19.60 9.04
CA SER A 90 25.95 -18.51 9.87
C SER A 90 25.21 -17.23 9.50
N HIS A 91 24.62 -16.58 10.50
CA HIS A 91 23.89 -15.33 10.30
C HIS A 91 22.71 -15.56 9.36
N GLN A 92 22.10 -16.74 9.43
CA GLN A 92 20.97 -17.08 8.57
C GLN A 92 19.64 -16.56 9.13
N TRP A 93 19.69 -16.02 10.35
CA TRP A 93 18.52 -15.43 10.99
C TRP A 93 17.31 -16.36 11.12
N PHE A 94 17.55 -17.62 11.43
CA PHE A 94 16.44 -18.56 11.65
C PHE A 94 15.57 -18.03 12.77
N GLY A 95 14.26 -17.91 12.52
CA GLY A 95 13.42 -17.29 13.52
C GLY A 95 13.00 -15.86 13.24
N ALA A 96 13.34 -15.32 12.06
CA ALA A 96 12.88 -13.97 11.73
C ALA A 96 11.36 -13.93 11.54
N SER A 97 10.74 -15.10 11.43
CA SER A 97 9.31 -15.19 11.19
C SER A 97 8.79 -16.55 11.64
N VAL A 98 7.71 -16.52 12.40
CA VAL A 98 7.22 -17.69 13.13
C VAL A 98 5.71 -17.61 13.15
N ARG A 99 5.05 -18.63 12.62
CA ARG A 99 3.60 -18.65 12.62
C ARG A 99 3.14 -20.06 12.93
N SER A 100 2.04 -20.16 13.66
CA SER A 100 1.51 -21.47 13.98
C SER A 100 0.02 -21.61 13.84
N LYS A 101 -0.38 -22.85 13.53
CA LYS A 101 -1.77 -23.19 13.40
C LYS A 101 -1.93 -24.59 13.98
N GLN A 102 -2.73 -24.67 15.03
CA GLN A 102 -2.96 -25.92 15.74
C GLN A 102 -1.63 -26.54 16.15
N ASP A 103 -1.43 -27.82 15.83
CA ASP A 103 -0.23 -28.54 16.23
C ASP A 103 1.00 -28.11 15.44
N LYS A 104 0.78 -27.44 14.31
CA LYS A 104 1.89 -27.08 13.41
C LYS A 104 2.50 -25.73 13.75
N ILE A 105 3.84 -25.67 13.67
CA ILE A 105 4.54 -24.39 13.71
C ILE A 105 5.67 -24.25 12.67
N LEU A 106 5.66 -23.09 12.01
CA LEU A 106 6.57 -22.76 10.93
C LEU A 106 7.54 -21.64 11.35
N ALA A 107 8.84 -21.86 11.13
CA ALA A 107 9.85 -20.85 11.42
C ALA A 107 10.80 -20.77 10.24
N CYS A 108 11.28 -19.56 9.95
CA CYS A 108 12.07 -19.34 8.75
C CYS A 108 13.36 -18.56 8.98
N ALA A 109 14.34 -18.87 8.15
CA ALA A 109 15.63 -18.22 8.09
C ALA A 109 15.76 -17.52 6.75
N PRO A 110 15.36 -16.26 6.70
CA PRO A 110 15.40 -15.47 5.46
C PRO A 110 16.80 -15.15 4.98
N LEU A 111 17.81 -15.24 5.84
CA LEU A 111 19.16 -14.87 5.39
C LEU A 111 19.94 -16.12 4.97
N TYR A 112 19.26 -17.26 5.00
CA TYR A 112 19.89 -18.55 4.77
C TYR A 112 20.64 -18.57 3.46
N HIS A 113 21.92 -18.94 3.51
CA HIS A 113 22.70 -18.95 2.29
C HIS A 113 22.84 -20.36 1.75
N TRP A 114 22.94 -20.48 0.44
CA TRP A 114 23.00 -21.79 -0.22
C TRP A 114 23.98 -21.76 -1.39
N ARG A 115 24.95 -22.66 -1.37
CA ARG A 115 25.85 -22.83 -2.51
C ARG A 115 25.02 -23.39 -3.68
N THR A 116 25.41 -23.03 -4.89
CA THR A 116 24.75 -23.56 -6.06
C THR A 116 25.09 -25.04 -6.18
N GLU A 117 24.25 -25.77 -6.92
CA GLU A 117 24.48 -27.19 -7.14
C GLU A 117 25.62 -27.41 -8.11
N MET A 118 25.86 -26.39 -8.93
CA MET A 118 26.93 -26.44 -9.92
C MET A 118 28.02 -25.41 -9.65
N LYS A 119 27.66 -24.14 -9.68
CA LYS A 119 28.61 -23.07 -9.47
C LYS A 119 28.91 -22.84 -7.99
N GLN A 120 29.80 -21.90 -7.71
CA GLN A 120 30.25 -21.65 -6.35
C GLN A 120 29.40 -20.59 -5.63
N GLU A 121 28.44 -20.02 -6.35
CA GLU A 121 27.63 -18.92 -5.81
C GLU A 121 26.91 -19.28 -4.51
N ARG A 122 27.12 -18.47 -3.47
CA ARG A 122 26.38 -18.61 -2.23
C ARG A 122 25.25 -17.59 -2.19
N GLU A 123 24.03 -18.08 -2.32
CA GLU A 123 22.89 -17.20 -2.58
C GLU A 123 21.87 -17.23 -1.45
N PRO A 124 21.25 -16.07 -1.20
CA PRO A 124 20.25 -15.96 -0.13
C PRO A 124 18.89 -16.54 -0.53
N VAL A 125 18.79 -17.86 -0.60
CA VAL A 125 17.52 -18.49 -0.98
C VAL A 125 16.49 -18.38 0.15
N GLY A 126 16.97 -18.44 1.37
CA GLY A 126 16.11 -18.47 2.54
C GLY A 126 15.60 -19.88 2.73
N THR A 127 15.27 -20.26 3.96
CA THR A 127 14.69 -21.58 4.15
C THR A 127 13.68 -21.58 5.29
N CYS A 128 12.83 -22.60 5.36
CA CYS A 128 11.95 -22.75 6.51
C CYS A 128 11.92 -24.17 7.10
N PHE A 129 11.34 -24.29 8.29
CA PHE A 129 11.15 -25.62 8.89
C PHE A 129 9.76 -25.82 9.47
N LEU A 130 9.13 -26.93 9.09
CA LEU A 130 7.80 -27.24 9.61
C LEU A 130 7.90 -28.44 10.54
N GLN A 131 7.49 -28.27 11.79
CA GLN A 131 7.54 -29.37 12.76
C GLN A 131 6.09 -29.71 13.03
N ASP A 132 5.78 -30.95 13.40
CA ASP A 132 4.39 -31.16 13.78
C ASP A 132 4.10 -32.29 14.77
N GLY A 133 4.04 -33.52 14.30
CA GLY A 133 3.67 -34.63 15.16
C GLY A 133 4.79 -35.00 16.11
N THR A 134 5.89 -35.44 15.52
CA THR A 134 7.18 -35.42 16.16
C THR A 134 8.03 -34.68 15.15
N LYS A 135 8.41 -35.41 14.11
CA LYS A 135 8.48 -34.94 12.72
C LYS A 135 8.91 -33.51 12.48
N THR A 136 10.02 -33.34 11.76
CA THR A 136 10.50 -32.03 11.37
C THR A 136 10.89 -32.13 9.90
N VAL A 137 10.42 -31.19 9.10
CA VAL A 137 10.78 -31.16 7.69
C VAL A 137 11.38 -29.83 7.29
N GLU A 138 12.24 -29.85 6.28
CA GLU A 138 12.81 -28.62 5.78
C GLU A 138 11.98 -28.24 4.57
N TYR A 139 11.59 -26.97 4.53
CA TYR A 139 10.79 -26.44 3.44
C TYR A 139 11.54 -25.26 2.84
N ALA A 140 12.02 -25.44 1.62
CA ALA A 140 12.88 -24.46 0.97
C ALA A 140 12.33 -24.12 -0.40
N PRO A 141 11.15 -23.47 -0.45
CA PRO A 141 10.40 -23.18 -1.67
C PRO A 141 11.21 -22.43 -2.71
N CYS A 142 11.93 -21.39 -2.30
CA CYS A 142 12.76 -20.61 -3.20
C CYS A 142 14.04 -21.33 -3.59
N ARG A 143 14.34 -22.43 -2.92
CA ARG A 143 15.49 -23.20 -3.29
C ARG A 143 15.00 -24.12 -4.38
N SER A 144 15.39 -23.79 -5.59
CA SER A 144 14.86 -24.42 -6.79
C SER A 144 15.94 -24.52 -7.86
N GLN A 145 15.53 -24.92 -9.05
CA GLN A 145 16.46 -25.20 -10.14
C GLN A 145 16.95 -23.97 -10.91
N ASP A 146 16.17 -22.91 -10.94
CA ASP A 146 16.69 -21.68 -11.55
C ASP A 146 17.14 -20.72 -10.45
N ILE A 147 18.46 -20.57 -10.35
CA ILE A 147 19.07 -19.86 -9.24
C ILE A 147 20.03 -18.76 -9.71
N ASP A 148 19.63 -17.51 -9.48
CA ASP A 148 20.48 -16.31 -9.57
C ASP A 148 19.59 -15.11 -9.35
N ALA A 149 20.15 -13.91 -9.42
CA ALA A 149 19.37 -12.68 -9.25
C ALA A 149 18.14 -12.63 -10.17
N ASP A 150 18.26 -13.20 -11.36
CA ASP A 150 17.12 -13.25 -12.28
C ASP A 150 16.06 -14.30 -11.90
N GLY A 151 16.49 -15.42 -11.34
CA GLY A 151 15.58 -16.47 -10.90
C GLY A 151 15.27 -16.27 -9.44
N GLN A 152 15.14 -17.34 -8.67
CA GLN A 152 15.20 -17.11 -7.24
C GLN A 152 16.49 -17.72 -6.69
N GLY A 153 17.53 -16.89 -6.57
CA GLY A 153 18.63 -17.19 -5.68
C GLY A 153 18.64 -16.17 -4.56
N PHE A 154 18.01 -15.03 -4.84
CA PHE A 154 17.96 -13.90 -3.95
C PHE A 154 16.63 -13.73 -3.24
N CYS A 155 15.75 -14.71 -3.43
CA CYS A 155 14.38 -14.66 -2.92
C CYS A 155 14.30 -14.36 -1.43
N GLN A 156 15.19 -14.95 -0.64
CA GLN A 156 15.13 -14.87 0.81
C GLN A 156 13.77 -15.37 1.30
N GLY A 157 13.37 -16.54 0.80
CA GLY A 157 12.08 -17.10 1.14
C GLY A 157 11.86 -17.37 2.61
N GLY A 158 10.71 -16.93 3.11
CA GLY A 158 10.39 -17.01 4.52
C GLY A 158 10.45 -15.65 5.20
N PHE A 159 10.72 -14.61 4.43
CA PHE A 159 10.73 -13.24 4.93
C PHE A 159 9.38 -12.85 5.51
N SER A 160 8.32 -13.47 5.01
CA SER A 160 7.01 -13.40 5.67
C SER A 160 6.15 -14.63 5.39
N ILE A 161 5.39 -15.09 6.39
CA ILE A 161 4.58 -16.30 6.22
C ILE A 161 3.24 -16.19 6.94
N ASP A 162 2.29 -17.07 6.61
CA ASP A 162 0.96 -17.11 7.23
C ASP A 162 0.22 -18.40 6.87
N PHE A 163 -0.57 -18.95 7.79
CA PHE A 163 -1.42 -20.07 7.39
C PHE A 163 -2.82 -19.65 6.94
N THR A 164 -3.33 -20.35 5.92
CA THR A 164 -4.72 -20.23 5.49
C THR A 164 -5.59 -20.97 6.51
N LYS A 165 -6.88 -20.68 6.52
CA LYS A 165 -7.84 -21.41 7.36
C LYS A 165 -7.76 -22.92 7.11
N ALA A 166 -7.64 -23.29 5.84
CA ALA A 166 -7.45 -24.68 5.45
C ALA A 166 -6.00 -25.06 5.74
N ASP A 167 -5.54 -26.18 5.22
CA ASP A 167 -4.13 -26.46 5.44
C ASP A 167 -3.35 -26.07 4.19
N ARG A 168 -2.77 -24.88 4.23
CA ARG A 168 -1.82 -24.44 3.21
C ARG A 168 -1.03 -23.23 3.69
N VAL A 169 0.28 -23.21 3.46
CA VAL A 169 1.08 -22.11 3.98
C VAL A 169 1.23 -21.08 2.87
N LEU A 170 1.03 -19.81 3.17
CA LEU A 170 1.41 -18.77 2.22
C LEU A 170 2.74 -18.16 2.66
N LEU A 171 3.68 -18.05 1.73
CA LEU A 171 5.00 -17.55 2.06
C LEU A 171 5.48 -16.48 1.08
N GLY A 172 6.01 -15.41 1.65
CA GLY A 172 6.49 -14.26 0.91
C GLY A 172 7.99 -14.18 0.76
N GLY A 173 8.55 -14.03 -0.43
CA GLY A 173 9.98 -13.84 -0.43
C GLY A 173 10.06 -12.57 -1.24
N PRO A 174 10.84 -11.61 -0.73
CA PRO A 174 10.98 -10.26 -1.28
C PRO A 174 11.88 -10.13 -2.49
N GLY A 175 12.81 -11.06 -2.65
CA GLY A 175 13.93 -10.84 -3.54
C GLY A 175 13.86 -11.48 -4.90
N SER A 176 12.86 -12.32 -5.10
CA SER A 176 12.74 -13.06 -6.34
C SER A 176 12.62 -12.14 -7.55
N PHE A 177 13.22 -12.59 -8.66
CA PHE A 177 13.15 -11.92 -9.96
C PHE A 177 13.61 -10.47 -9.87
N TYR A 178 14.88 -10.26 -9.53
CA TYR A 178 15.45 -8.93 -9.35
C TYR A 178 14.63 -8.11 -8.39
N TRP A 179 14.29 -8.74 -7.27
CA TRP A 179 13.56 -8.09 -6.20
C TRP A 179 12.20 -7.56 -6.64
N GLN A 180 11.66 -8.17 -7.70
CA GLN A 180 10.25 -8.00 -8.02
C GLN A 180 9.49 -8.53 -6.84
N GLY A 181 9.95 -9.67 -6.34
CA GLY A 181 9.33 -10.35 -5.22
C GLY A 181 8.48 -11.49 -5.73
N GLN A 182 8.13 -12.41 -4.83
CA GLN A 182 7.34 -13.56 -5.21
C GLN A 182 6.50 -14.07 -4.03
N LEU A 183 5.29 -14.52 -4.34
CA LEU A 183 4.53 -15.29 -3.37
C LEU A 183 4.48 -16.72 -3.84
N ILE A 184 4.70 -17.64 -2.93
CA ILE A 184 4.50 -19.05 -3.21
C ILE A 184 3.75 -19.68 -2.04
N SER A 185 2.74 -20.49 -2.36
CA SER A 185 1.92 -21.14 -1.37
C SER A 185 1.86 -22.63 -1.65
N ASP A 186 1.93 -23.43 -0.60
CA ASP A 186 2.00 -24.87 -0.70
C ASP A 186 1.15 -25.50 0.38
N GLN A 187 0.57 -26.65 0.10
CA GLN A 187 -0.17 -27.37 1.11
C GLN A 187 0.84 -27.93 2.11
N VAL A 188 0.67 -27.61 3.38
CA VAL A 188 1.54 -28.11 4.45
C VAL A 188 1.71 -29.64 4.38
N ALA A 189 0.59 -30.33 4.17
CA ALA A 189 0.54 -31.78 4.00
C ALA A 189 1.50 -32.20 2.90
N GLU A 190 1.51 -31.43 1.82
CA GLU A 190 2.33 -31.72 0.67
C GLU A 190 3.79 -31.60 1.10
N ILE A 191 4.09 -30.51 1.83
CA ILE A 191 5.45 -30.24 2.28
C ILE A 191 6.04 -31.38 3.10
N VAL A 192 5.31 -31.79 4.14
CA VAL A 192 5.79 -32.86 5.00
C VAL A 192 5.86 -34.17 4.22
N SER A 193 4.84 -34.43 3.40
CA SER A 193 4.73 -35.69 2.69
C SER A 193 5.90 -35.90 1.72
N LYS A 194 6.12 -34.90 0.87
CA LYS A 194 7.12 -34.99 -0.19
C LYS A 194 8.53 -34.53 0.18
N TYR A 195 8.77 -34.11 1.42
CA TYR A 195 10.16 -33.78 1.75
C TYR A 195 11.05 -35.04 1.75
N ASP A 196 12.05 -35.05 0.88
CA ASP A 196 13.11 -36.06 0.88
C ASP A 196 14.44 -35.35 1.09
N PRO A 197 15.11 -35.64 2.23
CA PRO A 197 16.32 -34.91 2.64
C PRO A 197 17.49 -35.01 1.66
N ASN A 198 17.48 -36.03 0.81
CA ASN A 198 18.51 -36.21 -0.20
C ASN A 198 18.21 -35.41 -1.47
N VAL A 199 17.10 -34.67 -1.44
CA VAL A 199 16.70 -33.82 -2.57
C VAL A 199 16.69 -32.37 -2.11
N TYR A 200 17.52 -31.54 -2.76
CA TYR A 200 17.72 -30.16 -2.33
C TYR A 200 16.65 -29.22 -2.85
N SER A 201 16.00 -29.61 -3.94
CA SER A 201 14.83 -28.90 -4.45
C SER A 201 13.71 -29.91 -4.66
N ILE A 202 12.67 -29.84 -3.84
CA ILE A 202 11.67 -30.91 -3.86
C ILE A 202 10.41 -30.53 -4.64
N LYS A 203 9.96 -31.44 -5.50
CA LYS A 203 8.81 -31.20 -6.36
C LYS A 203 7.52 -31.28 -5.56
N TYR A 204 6.77 -30.19 -5.57
CA TYR A 204 5.54 -30.09 -4.81
C TYR A 204 4.33 -30.00 -5.72
N ASN A 205 3.39 -30.92 -5.54
CA ASN A 205 2.19 -30.92 -6.36
C ASN A 205 1.22 -29.88 -5.81
N ASN A 206 0.59 -29.12 -6.72
CA ASN A 206 -0.36 -28.08 -6.37
C ASN A 206 0.22 -26.91 -5.56
N GLN A 207 1.38 -26.44 -6.00
CA GLN A 207 1.99 -25.24 -5.45
C GLN A 207 1.59 -24.05 -6.32
N LEU A 208 1.26 -22.93 -5.70
CA LEU A 208 0.91 -21.71 -6.44
C LEU A 208 1.97 -20.62 -6.26
N ALA A 209 2.40 -20.02 -7.37
CA ALA A 209 3.43 -18.99 -7.28
C ALA A 209 3.25 -17.98 -8.39
N THR A 210 3.57 -16.72 -8.11
CA THR A 210 3.59 -15.72 -9.17
C THR A 210 4.78 -15.98 -10.07
N ARG A 211 4.87 -15.23 -11.15
CA ARG A 211 5.96 -15.42 -12.10
C ARG A 211 6.73 -14.14 -12.26
N THR A 212 7.78 -14.19 -13.07
CA THR A 212 8.48 -12.99 -13.47
C THR A 212 7.50 -12.10 -14.22
N ALA A 213 7.70 -10.79 -14.13
CA ALA A 213 6.90 -9.83 -14.83
C ALA A 213 7.84 -8.91 -15.58
N GLN A 214 7.31 -7.86 -16.18
CA GLN A 214 8.11 -6.94 -16.97
C GLN A 214 9.11 -6.25 -16.05
N ALA A 215 10.25 -5.87 -16.61
CA ALA A 215 11.42 -5.49 -15.82
C ALA A 215 11.24 -4.19 -15.01
N ILE A 216 10.25 -3.40 -15.39
CA ILE A 216 9.88 -2.21 -14.62
C ILE A 216 9.52 -2.60 -13.19
N PHE A 217 8.94 -3.79 -13.01
CA PHE A 217 8.49 -4.22 -11.71
C PHE A 217 9.64 -4.69 -10.82
N ASP A 218 10.87 -4.60 -11.34
CA ASP A 218 12.03 -4.98 -10.52
C ASP A 218 12.13 -4.08 -9.30
N ASP A 219 12.80 -4.59 -8.26
CA ASP A 219 13.02 -3.88 -7.00
C ASP A 219 11.72 -3.34 -6.38
N SER A 220 10.63 -4.08 -6.52
CA SER A 220 9.36 -3.67 -5.90
C SER A 220 9.05 -4.43 -4.60
N TYR A 221 9.88 -5.41 -4.27
CA TYR A 221 9.77 -6.15 -3.00
C TYR A 221 8.40 -6.79 -2.74
N LEU A 222 7.85 -7.50 -3.71
CA LEU A 222 6.64 -8.29 -3.44
C LEU A 222 6.93 -9.33 -2.36
N GLY A 223 6.00 -9.52 -1.43
CA GLY A 223 6.20 -10.45 -0.35
C GLY A 223 7.00 -9.92 0.82
N TYR A 224 7.15 -8.61 0.88
CA TYR A 224 7.72 -7.97 2.06
C TYR A 224 6.84 -8.30 3.27
N SER A 225 5.53 -8.15 3.09
CA SER A 225 4.58 -8.56 4.12
C SER A 225 3.56 -9.50 3.52
N VAL A 226 2.82 -10.17 4.39
CA VAL A 226 1.85 -11.15 3.91
C VAL A 226 0.75 -11.33 4.95
N ALA A 227 -0.43 -11.68 4.43
CA ALA A 227 -1.64 -11.90 5.21
C ALA A 227 -2.61 -12.74 4.40
N VAL A 228 -3.54 -13.45 5.07
CA VAL A 228 -4.48 -14.29 4.34
C VAL A 228 -5.93 -13.97 4.72
N GLY A 229 -6.84 -14.12 3.76
CA GLY A 229 -8.23 -13.80 4.00
C GLY A 229 -9.08 -13.88 2.73
N ASP A 230 -10.37 -14.11 2.91
CA ASP A 230 -11.24 -14.31 1.76
C ASP A 230 -11.86 -13.01 1.27
N PHE A 231 -11.71 -12.74 -0.01
CA PHE A 231 -12.18 -11.48 -0.59
C PHE A 231 -13.02 -11.72 -1.84
N ASN A 232 -12.42 -12.34 -2.85
CA ASN A 232 -13.16 -12.64 -4.06
C ASN A 232 -14.22 -13.70 -3.78
N GLY A 233 -15.47 -13.32 -4.05
CA GLY A 233 -16.61 -14.18 -3.83
C GLY A 233 -16.60 -14.72 -2.41
N ASP A 234 -16.56 -16.04 -2.34
CA ASP A 234 -16.63 -16.78 -1.10
C ASP A 234 -15.42 -17.70 -1.01
N GLY A 235 -15.56 -18.66 -0.11
CA GLY A 235 -14.75 -19.86 -0.08
C GLY A 235 -13.35 -19.71 0.43
N ILE A 236 -12.42 -20.25 -0.33
CA ILE A 236 -11.03 -20.37 0.10
C ILE A 236 -10.44 -19.04 0.52
N ASP A 237 -9.55 -19.08 1.49
CA ASP A 237 -8.75 -17.92 1.82
C ASP A 237 -8.02 -17.46 0.60
N ASP A 238 -8.20 -16.19 0.24
CA ASP A 238 -7.47 -15.65 -0.89
C ASP A 238 -6.23 -14.88 -0.29
N PHE A 239 -5.27 -14.48 -1.14
CA PHE A 239 -3.95 -14.01 -0.66
C PHE A 239 -3.64 -12.50 -0.63
N VAL A 240 -3.28 -11.91 0.52
CA VAL A 240 -2.85 -10.51 0.58
C VAL A 240 -1.34 -10.34 0.80
N SER A 241 -0.70 -9.42 0.08
CA SER A 241 0.75 -9.17 0.26
C SER A 241 1.23 -7.75 0.03
N GLY A 242 2.07 -7.25 0.93
CA GLY A 242 2.66 -5.93 0.71
C GLY A 242 3.83 -5.91 -0.25
N VAL A 243 3.78 -4.95 -1.17
CA VAL A 243 4.85 -4.71 -2.16
C VAL A 243 5.28 -3.24 -1.98
N PRO A 244 6.09 -2.97 -0.95
CA PRO A 244 6.36 -1.62 -0.43
C PRO A 244 7.18 -0.73 -1.37
N ARG A 245 8.04 -1.31 -2.19
CA ARG A 245 8.88 -0.51 -3.06
C ARG A 245 8.24 -0.27 -4.41
N ALA A 246 7.06 -0.87 -4.61
CA ALA A 246 6.38 -0.81 -5.89
C ALA A 246 5.97 0.61 -6.29
N ALA A 247 5.77 0.79 -7.59
CA ALA A 247 5.33 2.06 -8.17
C ALA A 247 6.24 3.23 -7.79
N ARG A 248 7.53 3.07 -8.06
CA ARG A 248 8.54 4.10 -7.79
C ARG A 248 8.55 4.43 -6.30
N THR A 249 8.61 3.39 -5.49
CA THR A 249 8.61 3.49 -4.02
C THR A 249 7.32 4.09 -3.45
N LEU A 250 6.25 4.05 -4.23
CA LEU A 250 4.93 4.41 -3.72
C LEU A 250 4.35 3.29 -2.87
N GLY A 251 4.61 2.05 -3.31
CA GLY A 251 4.12 0.88 -2.61
C GLY A 251 2.72 0.47 -3.04
N MET A 252 2.47 -0.83 -2.98
CA MET A 252 1.16 -1.39 -3.30
C MET A 252 0.88 -2.59 -2.39
N VAL A 253 -0.36 -3.06 -2.39
CA VAL A 253 -0.71 -4.32 -1.72
C VAL A 253 -1.51 -5.13 -2.73
N TYR A 254 -0.95 -6.26 -3.17
CA TYR A 254 -1.62 -7.12 -4.14
C TYR A 254 -2.44 -8.16 -3.42
N ILE A 255 -3.58 -8.50 -4.01
CA ILE A 255 -4.37 -9.63 -3.54
C ILE A 255 -4.57 -10.64 -4.67
N TYR A 256 -4.13 -11.87 -4.43
CA TYR A 256 -4.30 -12.95 -5.40
C TYR A 256 -5.34 -13.94 -4.92
N ASP A 257 -6.03 -14.57 -5.86
CA ASP A 257 -7.05 -15.58 -5.55
C ASP A 257 -6.36 -16.77 -4.90
N GLY A 258 -7.07 -17.46 -4.01
CA GLY A 258 -6.52 -18.62 -3.35
C GLY A 258 -6.45 -19.82 -4.28
N LYS A 259 -7.38 -19.91 -5.22
CA LYS A 259 -7.44 -21.04 -6.14
C LYS A 259 -6.41 -20.91 -7.26
N ASN A 260 -6.32 -19.73 -7.86
CA ASN A 260 -5.29 -19.44 -8.86
C ASN A 260 -4.62 -18.09 -8.58
N MET A 261 -3.50 -17.83 -9.24
CA MET A 261 -2.72 -16.63 -8.94
C MET A 261 -3.23 -15.40 -9.67
N SER A 262 -4.34 -15.54 -10.38
CA SER A 262 -5.09 -14.38 -10.88
C SER A 262 -5.33 -13.45 -9.71
N SER A 263 -5.15 -12.14 -9.92
CA SER A 263 -5.30 -11.20 -8.82
C SER A 263 -6.49 -10.26 -9.00
N LEU A 264 -7.06 -9.89 -7.85
CA LEU A 264 -8.41 -9.36 -7.77
C LEU A 264 -8.42 -7.85 -7.57
N TYR A 265 -7.88 -7.41 -6.44
CA TYR A 265 -7.76 -5.99 -6.14
C TYR A 265 -6.33 -5.57 -5.86
N ASN A 266 -6.05 -4.31 -6.14
CA ASN A 266 -4.81 -3.67 -5.70
C ASN A 266 -5.10 -2.45 -4.85
N PHE A 267 -4.18 -2.17 -3.93
CA PHE A 267 -4.18 -0.88 -3.24
C PHE A 267 -2.85 -0.23 -3.58
N THR A 268 -2.79 1.10 -3.47
CA THR A 268 -1.56 1.81 -3.77
C THR A 268 -1.27 2.93 -2.75
N GLY A 269 0.00 3.12 -2.45
CA GLY A 269 0.44 4.09 -1.45
C GLY A 269 0.09 5.53 -1.79
N GLU A 270 0.27 6.42 -0.82
CA GLU A 270 -0.09 7.82 -0.99
C GLU A 270 1.06 8.61 -1.59
N GLN A 271 2.19 8.70 -0.88
CA GLN A 271 3.37 9.35 -1.42
C GLN A 271 4.58 8.44 -1.24
N MET A 272 5.61 8.65 -2.07
CA MET A 272 6.77 7.75 -2.13
C MET A 272 7.57 7.63 -0.85
N ALA A 273 8.18 6.46 -0.69
CA ALA A 273 9.05 6.18 0.44
C ALA A 273 8.31 6.21 1.76
N ALA A 274 7.00 6.05 1.73
CA ALA A 274 6.24 6.01 2.98
C ALA A 274 6.22 4.57 3.48
N TYR A 275 6.74 3.69 2.64
CA TYR A 275 6.76 2.25 2.89
C TYR A 275 5.35 1.72 3.17
N PHE A 276 4.41 2.21 2.37
CA PHE A 276 3.06 1.65 2.32
C PHE A 276 3.18 0.17 1.99
N GLY A 277 2.86 -0.68 2.95
CA GLY A 277 3.01 -2.10 2.72
C GLY A 277 3.96 -2.79 3.68
N PHE A 278 4.67 -2.01 4.50
CA PHE A 278 5.57 -2.54 5.52
C PHE A 278 4.89 -3.66 6.28
N SER A 279 3.64 -3.40 6.66
CA SER A 279 2.86 -4.38 7.39
C SER A 279 1.47 -4.43 6.76
N VAL A 280 0.88 -5.61 6.81
CA VAL A 280 -0.46 -5.81 6.29
C VAL A 280 -1.18 -6.73 7.25
N ALA A 281 -2.49 -6.57 7.36
CA ALA A 281 -3.30 -7.42 8.20
C ALA A 281 -4.68 -7.66 7.61
N ALA A 282 -5.27 -8.81 7.89
CA ALA A 282 -6.63 -9.07 7.45
C ALA A 282 -7.53 -9.53 8.60
N THR A 283 -8.69 -8.90 8.72
CA THR A 283 -9.66 -9.23 9.77
C THR A 283 -10.95 -8.44 9.55
N ASP A 284 -12.05 -8.95 10.10
CA ASP A 284 -13.34 -8.29 9.91
C ASP A 284 -13.56 -7.32 11.07
N ILE A 285 -13.42 -6.02 10.79
CA ILE A 285 -13.45 -5.02 11.84
C ILE A 285 -14.87 -4.69 12.26
N ASN A 286 -15.80 -4.78 11.30
CA ASN A 286 -17.19 -4.43 11.55
C ASN A 286 -18.10 -5.64 11.76
N GLY A 287 -17.53 -6.84 11.75
CA GLY A 287 -18.28 -8.07 11.94
C GLY A 287 -19.41 -8.26 10.94
N ASP A 288 -19.16 -7.84 9.70
CA ASP A 288 -20.14 -7.94 8.62
C ASP A 288 -19.96 -9.21 7.80
N ASP A 289 -19.09 -10.10 8.28
CA ASP A 289 -18.75 -11.37 7.62
C ASP A 289 -18.01 -11.12 6.30
N TYR A 290 -17.42 -9.94 6.19
CA TYR A 290 -16.54 -9.63 5.07
C TYR A 290 -15.21 -9.13 5.62
N ALA A 291 -14.16 -9.89 5.36
CA ALA A 291 -12.82 -9.55 5.83
C ALA A 291 -12.36 -8.19 5.33
N ASP A 292 -11.73 -7.43 6.21
CA ASP A 292 -11.31 -6.06 5.90
C ASP A 292 -9.79 -6.01 5.99
N VAL A 293 -9.20 -5.27 5.05
CA VAL A 293 -7.75 -5.19 4.87
C VAL A 293 -7.19 -4.00 5.64
N PHE A 294 -6.06 -4.20 6.30
CA PHE A 294 -5.37 -3.11 6.98
C PHE A 294 -3.95 -3.01 6.45
N ILE A 295 -3.48 -1.79 6.19
CA ILE A 295 -2.15 -1.62 5.60
C ILE A 295 -1.30 -0.60 6.35
N GLY A 296 -0.18 -1.06 6.90
CA GLY A 296 0.71 -0.17 7.59
C GLY A 296 1.64 0.53 6.63
N ALA A 297 1.70 1.85 6.79
CA ALA A 297 2.63 2.72 6.08
C ALA A 297 3.34 3.62 7.09
N PRO A 298 4.27 3.03 7.85
CA PRO A 298 4.81 3.66 9.06
C PRO A 298 5.67 4.90 8.81
N LEU A 299 6.11 5.11 7.56
CA LEU A 299 6.96 6.26 7.24
C LEU A 299 6.22 7.45 6.62
N PHE A 300 4.89 7.36 6.59
CA PHE A 300 4.06 8.41 6.01
C PHE A 300 4.26 9.77 6.70
N MET A 301 4.23 10.86 5.94
CA MET A 301 4.30 12.20 6.54
C MET A 301 2.99 12.93 6.31
N ASP A 302 2.12 13.03 7.32
CA ASP A 302 1.00 13.94 7.14
C ASP A 302 1.30 15.42 7.32
N ARG A 303 0.23 16.22 7.25
CA ARG A 303 0.28 17.68 7.32
C ARG A 303 -0.48 18.17 8.55
N GLY A 304 0.18 18.63 9.60
CA GLY A 304 -0.57 19.17 10.72
C GLY A 304 -0.61 20.68 10.78
N SER A 305 -1.59 21.25 11.47
CA SER A 305 -1.53 22.63 11.94
C SER A 305 -1.11 23.63 10.87
N ASP A 306 0.06 24.20 11.10
CA ASP A 306 0.71 25.16 10.20
C ASP A 306 0.78 24.71 8.74
N GLY A 307 0.77 23.40 8.52
CA GLY A 307 0.88 22.85 7.19
C GLY A 307 2.24 22.22 6.96
N LYS A 308 3.06 22.23 8.01
CA LYS A 308 4.41 21.69 7.92
C LYS A 308 4.34 20.17 7.84
N LEU A 309 5.20 19.58 7.02
CA LEU A 309 5.24 18.13 6.87
C LEU A 309 5.78 17.43 8.11
N GLN A 310 5.24 16.26 8.42
CA GLN A 310 5.77 15.49 9.54
C GLN A 310 5.52 13.98 9.44
N GLU A 311 6.59 13.18 9.55
CA GLU A 311 6.42 11.74 9.41
C GLU A 311 5.74 11.24 10.68
N VAL A 312 4.46 10.88 10.59
CA VAL A 312 3.77 10.28 11.74
C VAL A 312 3.51 8.78 11.60
N GLY A 313 3.61 8.28 10.37
CA GLY A 313 3.16 6.93 10.08
C GLY A 313 1.66 6.96 9.83
N GLN A 314 1.15 6.03 9.02
CA GLN A 314 -0.28 5.97 8.75
C GLN A 314 -0.76 4.54 8.53
N VAL A 315 -1.96 4.21 9.01
CA VAL A 315 -2.55 2.89 8.77
C VAL A 315 -3.86 2.99 7.96
N SER A 316 -3.94 2.23 6.88
CA SER A 316 -5.13 2.20 6.03
C SER A 316 -6.11 1.13 6.52
N VAL A 317 -7.41 1.42 6.43
CA VAL A 317 -8.44 0.49 6.88
C VAL A 317 -9.46 0.37 5.75
N SER A 318 -9.40 -0.75 5.03
CA SER A 318 -10.25 -0.97 3.86
C SER A 318 -11.35 -1.97 4.21
N LEU A 319 -12.56 -1.46 4.35
CA LEU A 319 -13.71 -2.29 4.70
C LEU A 319 -14.28 -2.99 3.48
N GLN A 320 -14.41 -4.31 3.53
CA GLN A 320 -14.96 -5.02 2.39
C GLN A 320 -16.47 -4.79 2.28
N ARG A 321 -16.92 -4.60 1.06
CA ARG A 321 -18.35 -4.46 0.75
C ARG A 321 -18.74 -5.50 -0.29
N ALA A 322 -19.98 -5.99 -0.21
CA ALA A 322 -20.48 -7.01 -1.13
C ALA A 322 -20.34 -6.63 -2.60
N SER A 323 -20.37 -5.33 -2.90
CA SER A 323 -20.23 -4.84 -4.27
C SER A 323 -18.86 -5.12 -4.88
N GLY A 324 -17.90 -5.50 -4.05
CA GLY A 324 -16.55 -5.75 -4.51
C GLY A 324 -15.65 -4.54 -4.34
N ASP A 325 -16.26 -3.35 -4.34
CA ASP A 325 -15.54 -2.11 -4.09
C ASP A 325 -15.42 -1.87 -2.60
N PHE A 326 -14.20 -1.68 -2.11
CA PHE A 326 -14.00 -1.47 -0.68
C PHE A 326 -14.44 -0.07 -0.21
N GLN A 327 -14.42 0.10 1.10
CA GLN A 327 -14.70 1.37 1.77
C GLN A 327 -13.51 1.74 2.65
N THR A 328 -12.60 2.55 2.13
CA THR A 328 -11.31 2.73 2.77
C THR A 328 -11.33 3.99 3.63
N THR A 329 -10.58 3.97 4.72
CA THR A 329 -10.37 5.14 5.55
C THR A 329 -8.93 5.16 6.04
N LYS A 330 -8.49 6.33 6.49
CA LYS A 330 -7.11 6.53 6.94
C LYS A 330 -6.99 6.76 8.44
N LEU A 331 -5.84 6.40 9.00
CA LEU A 331 -5.63 6.48 10.44
C LEU A 331 -4.21 6.99 10.66
N ASN A 332 -4.08 8.25 11.10
CA ASN A 332 -2.76 8.87 11.13
C ASN A 332 -2.06 8.74 12.48
N GLY A 333 -0.74 8.58 12.44
CA GLY A 333 0.08 8.50 13.64
C GLY A 333 -0.02 9.75 14.49
N PHE A 334 0.16 9.58 15.80
CA PHE A 334 0.00 10.70 16.74
C PHE A 334 1.31 11.39 17.15
N GLU A 335 2.45 10.76 16.85
CA GLU A 335 3.76 11.34 17.19
C GLU A 335 4.73 11.24 16.01
N VAL A 336 5.63 12.22 15.89
CA VAL A 336 6.63 12.23 14.83
C VAL A 336 7.77 11.24 15.11
N PHE A 337 8.14 10.49 14.08
CA PHE A 337 9.18 9.46 14.12
C PHE A 337 8.76 8.32 15.05
N ALA A 338 7.45 8.15 15.19
CA ALA A 338 6.88 7.01 15.90
C ALA A 338 6.85 5.77 15.03
N ARG A 339 6.72 5.96 13.72
CA ARG A 339 6.46 4.87 12.78
C ARG A 339 5.20 4.11 13.21
N PHE A 340 4.05 4.77 13.02
CA PHE A 340 2.76 4.34 13.58
C PHE A 340 2.26 2.99 13.11
N GLY A 341 2.34 2.72 11.82
CA GLY A 341 1.80 1.48 11.26
C GLY A 341 2.76 0.30 11.20
N SER A 342 3.82 0.34 11.99
CA SER A 342 4.91 -0.62 11.86
C SER A 342 4.48 -2.06 12.10
N ALA A 343 3.50 -2.28 12.98
CA ALA A 343 2.93 -3.61 13.14
C ALA A 343 1.42 -3.55 13.39
N ILE A 344 0.65 -4.27 12.58
CA ILE A 344 -0.80 -4.34 12.77
C ILE A 344 -1.25 -5.76 13.11
N ALA A 345 -1.63 -5.99 14.36
CA ALA A 345 -1.96 -7.34 14.81
C ALA A 345 -3.43 -7.42 15.21
N PRO A 346 -4.28 -8.03 14.37
CA PRO A 346 -5.66 -8.25 14.81
C PRO A 346 -5.78 -9.01 16.12
N LEU A 347 -6.62 -8.55 17.04
CA LEU A 347 -6.68 -9.25 18.31
C LEU A 347 -7.94 -10.07 18.39
N GLY A 348 -8.81 -9.90 17.40
CA GLY A 348 -10.15 -10.41 17.59
C GLY A 348 -10.89 -9.61 18.62
N ASP A 349 -11.93 -10.19 19.21
CA ASP A 349 -12.74 -9.42 20.13
C ASP A 349 -12.21 -9.56 21.53
N LEU A 350 -11.54 -8.51 21.97
CA LEU A 350 -10.87 -8.48 23.25
C LEU A 350 -11.87 -8.25 24.35
N ASP A 351 -12.94 -7.53 24.03
CA ASP A 351 -13.99 -7.22 24.99
C ASP A 351 -15.22 -8.12 24.85
N GLN A 352 -15.20 -9.00 23.85
CA GLN A 352 -16.31 -9.91 23.56
C GLN A 352 -17.63 -9.15 23.39
N ASP A 353 -17.54 -7.96 22.80
CA ASP A 353 -18.71 -7.13 22.55
C ASP A 353 -19.46 -7.59 21.29
N GLY A 354 -18.83 -8.46 20.53
CA GLY A 354 -19.39 -8.94 19.28
C GLY A 354 -18.66 -8.46 18.03
N PHE A 355 -17.75 -7.52 18.20
CA PHE A 355 -16.97 -7.04 17.06
C PHE A 355 -15.48 -7.21 17.30
N ASN A 356 -14.78 -7.65 16.27
CA ASN A 356 -13.35 -7.89 16.37
C ASN A 356 -12.54 -6.60 16.48
N ASP A 357 -11.37 -6.70 17.07
CA ASP A 357 -10.53 -5.56 17.40
C ASP A 357 -9.08 -5.84 16.96
N ILE A 358 -8.26 -4.80 17.05
CA ILE A 358 -6.90 -4.75 16.50
C ILE A 358 -5.94 -3.81 17.25
N ALA A 359 -4.65 -4.18 17.27
CA ALA A 359 -3.60 -3.40 17.92
C ALA A 359 -2.62 -2.90 16.83
N ILE A 360 -2.32 -1.61 16.82
CA ILE A 360 -1.39 -1.01 15.88
C ILE A 360 -0.21 -0.43 16.64
N ALA A 361 1.01 -0.74 16.21
CA ALA A 361 2.18 -0.37 17.02
C ALA A 361 3.02 0.77 16.45
N ALA A 362 3.34 1.72 17.32
CA ALA A 362 4.31 2.76 17.05
C ALA A 362 5.50 2.56 17.98
N PRO A 363 6.42 1.66 17.61
CA PRO A 363 7.47 1.22 18.53
C PRO A 363 8.52 2.29 18.84
N TYR A 364 8.56 3.32 18.00
CA TYR A 364 9.50 4.42 18.19
C TYR A 364 8.87 5.69 18.78
N GLY A 365 7.59 5.60 19.13
CA GLY A 365 6.90 6.75 19.68
C GLY A 365 6.79 6.67 21.19
N GLY A 366 6.09 7.63 21.78
CA GLY A 366 5.98 7.69 23.22
C GLY A 366 7.19 8.34 23.85
N GLU A 367 7.06 8.74 25.12
CA GLU A 367 8.16 9.30 25.89
C GLU A 367 9.40 8.40 25.91
N ASP A 368 10.55 9.03 25.72
CA ASP A 368 11.84 8.34 25.59
C ASP A 368 11.87 7.30 24.48
N LYS A 369 11.02 7.47 23.47
CA LYS A 369 10.87 6.53 22.35
C LYS A 369 10.80 5.09 22.84
N LYS A 370 10.13 4.88 23.97
CA LYS A 370 10.09 3.58 24.62
C LYS A 370 9.19 2.63 23.85
N GLY A 371 8.34 3.22 23.01
CA GLY A 371 7.46 2.46 22.16
C GLY A 371 6.05 2.45 22.71
N ILE A 372 5.07 2.48 21.81
CA ILE A 372 3.66 2.45 22.20
C ILE A 372 2.87 1.48 21.32
N VAL A 373 1.84 0.86 21.89
CA VAL A 373 0.89 0.09 21.11
C VAL A 373 -0.49 0.68 21.33
N TYR A 374 -1.14 1.11 20.25
CA TYR A 374 -2.50 1.65 20.37
C TYR A 374 -3.47 0.50 20.08
N ILE A 375 -4.52 0.43 20.87
CA ILE A 375 -5.52 -0.61 20.76
C ILE A 375 -6.86 0.02 20.46
N PHE A 376 -7.45 -0.46 19.38
CA PHE A 376 -8.69 0.05 18.80
C PHE A 376 -9.77 -1.01 18.78
N ASN A 377 -10.96 -0.65 19.25
CA ASN A 377 -12.09 -1.59 19.31
C ASN A 377 -12.89 -1.50 18.01
N GLY A 378 -13.42 -2.63 17.56
CA GLY A 378 -14.29 -2.62 16.39
C GLY A 378 -15.72 -2.22 16.71
N ARG A 379 -16.45 -1.76 15.70
CA ARG A 379 -17.86 -1.44 15.85
C ARG A 379 -18.61 -1.69 14.54
N SER A 380 -19.94 -1.57 14.59
CA SER A 380 -20.79 -1.79 13.42
C SER A 380 -20.34 -0.96 12.21
N THR A 381 -19.96 0.29 12.46
CA THR A 381 -19.46 1.18 11.42
C THR A 381 -18.12 0.69 10.86
N GLY A 382 -17.25 0.23 11.74
CA GLY A 382 -15.89 -0.09 11.35
C GLY A 382 -14.95 0.09 12.53
N LEU A 383 -13.68 0.34 12.25
CA LEU A 383 -12.72 0.56 13.32
C LEU A 383 -13.01 1.91 13.96
N ASN A 384 -13.02 1.95 15.29
CA ASN A 384 -13.19 3.21 15.98
C ASN A 384 -11.82 3.82 16.13
N ALA A 385 -11.59 4.92 15.42
CA ALA A 385 -10.27 5.53 15.28
C ALA A 385 -9.75 6.09 16.60
N VAL A 386 -10.66 6.38 17.53
CA VAL A 386 -10.23 6.81 18.85
C VAL A 386 -9.84 5.56 19.64
N PRO A 387 -8.54 5.38 19.89
CA PRO A 387 -8.06 4.14 20.49
C PRO A 387 -8.51 4.00 21.94
N SER A 388 -8.97 2.82 22.31
CA SER A 388 -9.50 2.64 23.64
C SER A 388 -8.38 2.37 24.63
N GLN A 389 -7.20 2.00 24.12
CA GLN A 389 -6.09 1.85 25.07
C GLN A 389 -4.71 2.03 24.47
N ILE A 390 -3.78 2.53 25.27
CA ILE A 390 -2.43 2.73 24.78
C ILE A 390 -1.48 2.03 25.76
N LEU A 391 -0.90 0.91 25.33
CA LEU A 391 0.10 0.20 26.12
C LEU A 391 1.46 0.85 25.92
N GLU A 392 2.09 1.27 27.02
CA GLU A 392 3.34 2.00 26.91
C GLU A 392 4.55 1.11 27.07
N GLY A 393 5.72 1.73 26.88
CA GLY A 393 6.98 1.03 26.98
C GLY A 393 7.32 0.52 28.37
N GLN A 394 8.02 -0.61 28.42
CA GLN A 394 8.42 -1.23 29.67
C GLN A 394 9.89 -0.95 29.87
N TRP A 395 10.69 -1.43 28.91
CA TRP A 395 12.14 -1.28 28.95
C TRP A 395 12.55 -0.01 28.21
N ALA A 396 13.46 0.75 28.81
CA ALA A 396 13.81 2.07 28.28
C ALA A 396 14.67 1.95 27.03
N ALA A 397 15.92 1.53 27.20
CA ALA A 397 16.88 1.38 26.11
C ALA A 397 18.21 0.86 26.63
N ARG A 398 19.00 0.28 25.74
CA ARG A 398 20.37 -0.12 26.05
C ARG A 398 21.31 0.41 24.98
N SER A 399 21.21 -0.17 23.79
CA SER A 399 21.93 0.32 22.63
C SER A 399 20.89 0.81 21.62
N MET A 400 20.21 -0.17 21.02
CA MET A 400 19.09 0.09 20.14
C MET A 400 17.88 0.61 20.91
N PRO A 401 17.06 1.43 20.25
CA PRO A 401 15.74 1.68 20.83
C PRO A 401 15.04 0.33 20.95
N PRO A 402 14.32 0.07 22.07
CA PRO A 402 13.77 -1.26 22.31
C PRO A 402 12.82 -1.73 21.23
N SER A 403 12.17 -0.77 20.59
CA SER A 403 11.21 -1.05 19.54
C SER A 403 10.10 -1.91 20.11
N PHE A 404 9.59 -1.51 21.26
CA PHE A 404 8.45 -2.15 21.88
C PHE A 404 7.28 -2.02 20.91
N GLY A 405 6.70 -3.16 20.52
CA GLY A 405 5.63 -3.15 19.55
C GLY A 405 6.11 -3.48 18.14
N TYR A 406 7.43 -3.59 17.97
CA TYR A 406 8.00 -3.96 16.67
C TYR A 406 7.48 -5.32 16.26
N SER A 407 7.10 -6.13 17.24
CA SER A 407 6.39 -7.34 16.86
C SER A 407 5.21 -7.61 17.77
N MET A 408 4.19 -8.28 17.23
CA MET A 408 2.96 -8.52 17.98
C MET A 408 2.28 -9.80 17.53
N LYS A 409 1.48 -10.36 18.43
CA LYS A 409 0.60 -11.47 18.10
C LYS A 409 -0.63 -11.43 18.98
N GLY A 410 -1.77 -11.78 18.41
CA GLY A 410 -3.03 -11.65 19.12
C GLY A 410 -4.05 -12.67 18.66
N ALA A 411 -5.28 -12.49 19.14
CA ALA A 411 -6.45 -13.30 18.77
C ALA A 411 -6.39 -14.74 19.30
N THR A 412 -5.29 -15.11 19.94
CA THR A 412 -5.20 -16.44 20.50
C THR A 412 -5.11 -16.29 22.00
N ASP A 413 -6.15 -16.72 22.69
CA ASP A 413 -6.26 -16.55 24.13
C ASP A 413 -5.38 -17.55 24.87
N ILE A 414 -4.38 -16.99 25.57
CA ILE A 414 -3.33 -17.78 26.22
C ILE A 414 -3.71 -18.34 27.57
N ASP A 415 -4.66 -17.71 28.24
CA ASP A 415 -5.11 -18.19 29.54
C ASP A 415 -6.53 -18.72 29.41
N LYS A 416 -7.13 -19.05 30.55
CA LYS A 416 -8.42 -19.72 30.55
C LYS A 416 -9.59 -18.82 30.17
N ASN A 417 -9.50 -17.54 30.50
CA ASN A 417 -10.63 -16.61 30.35
C ASN A 417 -11.10 -16.49 28.91
N GLY A 418 -12.35 -16.05 28.75
CA GLY A 418 -12.98 -16.02 27.45
C GLY A 418 -12.53 -14.87 26.57
N TYR A 419 -11.37 -14.30 26.88
CA TYR A 419 -10.89 -13.11 26.18
C TYR A 419 -9.45 -13.29 25.64
N PRO A 420 -9.21 -12.80 24.40
CA PRO A 420 -7.94 -12.87 23.69
C PRO A 420 -6.87 -12.04 24.36
N ASP A 421 -5.63 -12.41 24.15
CA ASP A 421 -4.51 -11.74 24.80
C ASP A 421 -3.47 -11.37 23.74
N LEU A 422 -2.49 -10.57 24.11
CA LEU A 422 -1.60 -10.00 23.10
C LEU A 422 -0.14 -10.00 23.54
N ILE A 423 0.73 -10.48 22.66
CA ILE A 423 2.16 -10.39 22.87
C ILE A 423 2.80 -9.27 22.08
N VAL A 424 3.58 -8.42 22.75
CA VAL A 424 4.41 -7.50 21.99
C VAL A 424 5.89 -7.79 22.22
N GLY A 425 6.64 -7.84 21.13
CA GLY A 425 8.06 -8.08 21.19
C GLY A 425 8.78 -6.77 20.99
N ALA A 426 9.82 -6.63 21.81
CA ALA A 426 10.74 -5.50 21.79
C ALA A 426 12.18 -5.99 21.66
N PHE A 427 12.60 -6.24 20.42
CA PHE A 427 13.84 -6.94 20.12
C PHE A 427 15.04 -6.07 20.45
N GLY A 428 14.84 -4.76 20.44
CA GLY A 428 15.88 -3.81 20.78
C GLY A 428 16.32 -3.92 22.24
N VAL A 429 15.50 -4.58 23.05
CA VAL A 429 15.84 -4.84 24.44
C VAL A 429 15.85 -6.34 24.70
N ASP A 430 15.69 -7.10 23.63
CA ASP A 430 15.65 -8.56 23.70
C ASP A 430 14.59 -9.08 24.67
N ARG A 431 13.37 -8.56 24.52
CA ARG A 431 12.29 -8.91 25.43
C ARG A 431 10.98 -9.19 24.73
N ALA A 432 10.10 -9.94 25.40
CA ALA A 432 8.74 -10.10 24.91
C ALA A 432 7.76 -10.08 26.08
N ILE A 433 6.63 -9.42 25.88
CA ILE A 433 5.68 -9.18 26.95
C ILE A 433 4.26 -9.65 26.59
N LEU A 434 3.68 -10.48 27.46
CA LEU A 434 2.30 -10.93 27.30
C LEU A 434 1.35 -10.07 28.11
N TYR A 435 0.43 -9.41 27.41
CA TYR A 435 -0.67 -8.68 28.03
C TYR A 435 -1.93 -9.53 27.98
N ARG A 436 -2.59 -9.68 29.12
CA ARG A 436 -3.75 -10.54 29.24
C ARG A 436 -5.02 -9.74 29.44
N ALA A 437 -6.10 -10.11 28.73
CA ALA A 437 -7.36 -9.38 28.82
C ALA A 437 -8.14 -9.74 30.08
N ARG A 438 -8.75 -8.74 30.70
CA ARG A 438 -9.61 -8.96 31.84
C ARG A 438 -11.04 -9.17 31.36
N PRO A 439 -11.82 -9.99 32.09
CA PRO A 439 -13.24 -10.21 31.79
C PRO A 439 -14.05 -8.92 31.90
N VAL A 440 -15.03 -8.75 31.01
CA VAL A 440 -15.75 -7.49 30.94
C VAL A 440 -17.12 -7.59 31.61
N ILE A 441 -17.55 -6.50 32.22
CA ILE A 441 -18.82 -6.49 32.94
C ILE A 441 -19.77 -5.39 32.47
N THR A 442 -20.97 -5.81 32.06
CA THR A 442 -22.02 -4.87 31.70
C THR A 442 -23.06 -4.87 32.83
N VAL A 443 -23.23 -3.71 33.43
CA VAL A 443 -24.21 -3.51 34.48
C VAL A 443 -25.44 -2.75 33.99
N ASN A 444 -26.60 -3.12 34.52
CA ASN A 444 -27.86 -2.44 34.21
C ASN A 444 -28.48 -1.88 35.47
N ALA A 445 -28.38 -0.56 35.64
CA ALA A 445 -28.89 0.10 36.83
C ALA A 445 -30.35 0.49 36.63
N GLY A 446 -31.16 0.24 37.65
CA GLY A 446 -32.55 0.65 37.64
C GLY A 446 -32.82 1.73 38.67
N LEU A 447 -33.79 2.58 38.37
CA LEU A 447 -34.23 3.60 39.32
C LEU A 447 -35.71 3.94 39.10
N GLU A 448 -36.43 4.13 40.20
CA GLU A 448 -37.84 4.47 40.14
C GLU A 448 -38.30 5.12 41.45
N VAL A 449 -39.19 6.11 41.33
CA VAL A 449 -39.80 6.73 42.49
C VAL A 449 -41.31 6.45 42.49
N TYR A 450 -41.91 6.43 43.67
CA TYR A 450 -43.30 5.99 43.80
C TYR A 450 -44.26 6.82 42.97
N PRO A 451 -44.41 8.11 43.31
CA PRO A 451 -45.05 9.10 42.42
C PRO A 451 -44.03 9.91 41.62
N SER A 452 -44.50 10.78 40.75
CA SER A 452 -43.68 11.90 40.29
C SER A 452 -44.42 13.20 40.55
N ILE A 453 -43.98 13.94 41.58
CA ILE A 453 -44.51 15.25 41.95
C ILE A 453 -43.87 15.68 43.27
N LEU A 454 -43.95 16.97 43.61
CA LEU A 454 -43.41 17.46 44.87
C LEU A 454 -44.34 18.46 45.55
N ASN A 455 -44.83 18.12 46.74
CA ASN A 455 -45.68 19.03 47.50
C ASN A 455 -45.55 18.86 49.00
N GLN A 456 -45.58 19.98 49.73
CA GLN A 456 -45.52 19.94 51.18
C GLN A 456 -46.83 19.40 51.78
N ASP A 457 -47.90 19.50 51.01
CA ASP A 457 -49.22 19.04 51.44
C ASP A 457 -49.45 17.57 51.13
N ASN A 458 -48.41 16.90 50.66
CA ASN A 458 -48.45 15.49 50.29
C ASN A 458 -48.22 14.55 51.47
N LYS A 459 -48.21 15.12 52.67
CA LYS A 459 -47.77 14.43 53.89
C LYS A 459 -48.34 13.03 54.10
N THR A 460 -47.44 12.08 54.36
CA THR A 460 -47.82 10.68 54.53
C THR A 460 -47.18 10.02 55.76
N CYS A 461 -45.87 9.85 55.71
CA CYS A 461 -45.14 9.10 56.75
C CYS A 461 -44.84 9.88 58.03
N SER A 462 -44.69 9.12 59.12
CA SER A 462 -44.32 9.69 60.41
C SER A 462 -42.80 9.60 60.54
N LEU A 463 -42.28 9.87 61.74
CA LEU A 463 -40.84 9.85 61.98
C LEU A 463 -40.47 10.06 63.44
N PRO A 464 -39.48 9.29 63.93
CA PRO A 464 -38.94 9.33 65.29
C PRO A 464 -38.31 10.68 65.62
N GLY A 465 -38.03 11.47 64.60
CA GLY A 465 -37.39 12.77 64.78
C GLY A 465 -38.27 13.74 65.53
N THR A 466 -39.52 13.88 65.07
CA THR A 466 -40.47 14.79 65.68
C THR A 466 -41.88 14.42 65.25
N ALA A 467 -42.87 15.17 65.73
CA ALA A 467 -44.25 14.95 65.29
C ALA A 467 -44.26 15.15 63.79
N LEU A 468 -44.72 14.15 63.06
CA LEU A 468 -44.54 14.19 61.61
C LEU A 468 -45.79 13.96 60.79
N LYS A 469 -46.21 15.02 60.09
CA LYS A 469 -46.95 14.86 58.86
C LYS A 469 -46.03 15.43 57.79
N VAL A 470 -45.44 14.54 57.00
CA VAL A 470 -44.40 14.94 56.06
C VAL A 470 -44.52 14.24 54.72
N SER A 471 -44.02 14.89 53.68
CA SER A 471 -44.18 14.41 52.32
C SER A 471 -43.03 13.54 51.83
N CYS A 472 -43.20 12.23 52.00
CA CYS A 472 -42.15 11.29 51.67
C CYS A 472 -42.49 10.56 50.36
N PHE A 473 -41.50 9.90 49.79
CA PHE A 473 -41.68 9.12 48.57
C PHE A 473 -40.77 7.90 48.63
N ASN A 474 -41.00 6.92 47.76
CA ASN A 474 -40.21 5.70 47.84
C ASN A 474 -39.15 5.70 46.74
N VAL A 475 -37.92 5.35 47.10
CA VAL A 475 -36.81 5.27 46.16
C VAL A 475 -36.23 3.86 46.13
N ARG A 476 -36.10 3.28 44.94
CA ARG A 476 -35.60 1.92 44.85
C ARG A 476 -34.58 1.81 43.72
N PHE A 477 -33.33 1.50 44.05
CA PHE A 477 -32.35 1.27 43.02
C PHE A 477 -32.18 -0.24 42.86
N CYS A 478 -31.54 -0.65 41.78
CA CYS A 478 -31.36 -2.06 41.46
C CYS A 478 -30.22 -2.26 40.48
N LEU A 479 -29.50 -3.37 40.63
CA LEU A 479 -28.38 -3.65 39.75
C LEU A 479 -28.49 -5.07 39.24
N LYS A 480 -28.47 -5.19 37.92
CA LYS A 480 -28.34 -6.48 37.25
C LYS A 480 -27.05 -6.42 36.47
N ALA A 481 -26.12 -7.30 36.78
CA ALA A 481 -24.82 -7.28 36.12
C ALA A 481 -24.50 -8.62 35.51
N ASP A 482 -23.85 -8.59 34.36
CA ASP A 482 -23.44 -9.81 33.68
C ASP A 482 -22.35 -9.59 32.66
N GLY A 483 -21.65 -10.68 32.35
CA GLY A 483 -20.62 -10.66 31.32
C GLY A 483 -20.16 -12.06 30.97
N LYS A 484 -19.69 -12.23 29.75
CA LYS A 484 -19.16 -13.49 29.25
C LYS A 484 -17.77 -13.74 29.83
N GLY A 485 -17.32 -14.99 29.77
CA GLY A 485 -15.97 -15.33 30.20
C GLY A 485 -15.90 -15.68 31.68
N VAL A 486 -14.68 -15.81 32.20
CA VAL A 486 -14.55 -16.16 33.61
C VAL A 486 -14.75 -14.92 34.48
N LEU A 487 -15.83 -14.96 35.24
CA LEU A 487 -16.15 -13.94 36.23
C LEU A 487 -16.21 -14.64 37.58
N PRO A 488 -15.33 -14.26 38.52
CA PRO A 488 -15.26 -15.00 39.78
C PRO A 488 -16.55 -14.92 40.62
N ARG A 489 -17.62 -15.51 40.08
CA ARG A 489 -18.85 -15.70 40.84
C ARG A 489 -19.43 -14.40 41.42
N LYS A 490 -19.40 -14.31 42.73
CA LYS A 490 -20.01 -13.23 43.51
C LYS A 490 -19.20 -11.95 43.45
N LEU A 491 -19.73 -10.93 42.79
CA LEU A 491 -19.07 -9.63 42.68
C LEU A 491 -19.78 -8.53 43.49
N ASN A 492 -19.01 -7.91 44.37
CA ASN A 492 -19.46 -6.83 45.25
C ASN A 492 -19.20 -5.43 44.69
N PHE A 493 -20.23 -4.60 44.73
CA PHE A 493 -20.22 -3.22 44.26
C PHE A 493 -20.66 -2.26 45.37
N GLN A 494 -19.93 -1.17 45.48
CA GLN A 494 -20.24 -0.08 46.39
C GLN A 494 -21.00 1.05 45.71
N VAL A 495 -22.32 1.08 45.92
CA VAL A 495 -23.18 2.11 45.32
C VAL A 495 -23.42 3.36 46.20
N GLU A 496 -23.53 4.54 45.60
CA GLU A 496 -23.78 5.77 46.38
C GLU A 496 -24.82 6.66 45.70
N LEU A 497 -25.80 7.12 46.47
CA LEU A 497 -26.87 7.98 45.96
C LEU A 497 -26.91 9.39 46.55
N LEU A 498 -27.31 10.34 45.71
CA LEU A 498 -27.46 11.76 46.06
C LEU A 498 -28.73 12.22 45.34
N LEU A 499 -29.68 12.75 46.11
CA LEU A 499 -30.95 13.24 45.59
C LEU A 499 -31.10 14.68 45.07
N ASP A 500 -30.02 15.47 45.00
CA ASP A 500 -30.19 16.87 44.66
C ASP A 500 -29.87 17.28 43.21
N LYS A 501 -28.57 17.33 42.97
CA LYS A 501 -27.87 17.89 41.82
C LYS A 501 -27.88 19.42 41.84
N LEU A 502 -29.01 20.08 42.09
CA LEU A 502 -28.94 21.54 42.11
C LEU A 502 -28.60 21.91 43.55
N LYS A 503 -27.57 21.28 44.09
CA LYS A 503 -27.22 21.43 45.50
C LYS A 503 -25.87 20.79 45.81
N GLN A 504 -25.65 20.60 47.10
CA GLN A 504 -24.48 19.90 47.67
C GLN A 504 -23.17 20.66 47.71
N LYS A 505 -23.07 21.77 46.98
CA LYS A 505 -21.93 22.66 47.15
C LYS A 505 -21.93 23.16 48.58
N GLY A 506 -23.14 23.32 49.13
CA GLY A 506 -23.36 23.83 50.47
C GLY A 506 -24.74 24.44 50.44
N ALA A 507 -24.98 25.40 51.32
CA ALA A 507 -26.22 26.16 51.34
C ALA A 507 -27.46 25.29 51.56
N ILE A 508 -28.48 25.50 50.72
CA ILE A 508 -29.77 24.83 50.90
C ILE A 508 -29.87 23.46 50.23
N ARG A 509 -30.07 22.42 51.03
CA ARG A 509 -30.22 21.07 50.53
C ARG A 509 -31.71 20.74 50.35
N ARG A 510 -32.08 20.36 49.14
CA ARG A 510 -33.49 20.23 48.77
C ARG A 510 -34.18 18.90 49.14
N ALA A 511 -33.39 17.89 49.49
CA ALA A 511 -33.95 16.54 49.68
C ALA A 511 -33.36 15.81 50.88
N LEU A 512 -34.19 15.05 51.61
CA LEU A 512 -33.68 14.38 52.80
C LEU A 512 -34.16 12.94 52.90
N PHE A 513 -33.46 12.14 53.71
CA PHE A 513 -33.89 10.78 53.99
C PHE A 513 -34.99 10.74 55.06
N LEU A 514 -35.89 9.77 54.96
CA LEU A 514 -36.88 9.55 56.01
C LEU A 514 -36.27 8.60 57.04
N TYR A 515 -35.01 8.25 56.83
CA TYR A 515 -34.30 7.30 57.68
C TYR A 515 -32.99 7.86 58.23
N SER A 516 -32.03 8.10 57.34
CA SER A 516 -30.68 8.52 57.72
C SER A 516 -30.45 10.04 57.75
N ARG A 517 -31.52 10.81 57.54
CA ARG A 517 -31.49 12.28 57.56
C ARG A 517 -30.38 12.89 56.70
N SER A 518 -30.10 12.28 55.55
CA SER A 518 -28.99 12.76 54.73
C SER A 518 -29.28 12.86 53.23
N PRO A 519 -28.65 13.85 52.58
CA PRO A 519 -28.62 14.04 51.12
C PRO A 519 -27.72 13.01 50.44
N SER A 520 -26.81 12.44 51.23
CA SER A 520 -25.84 11.46 50.74
C SER A 520 -26.08 10.08 51.35
N HIS A 521 -25.87 9.02 50.57
CA HIS A 521 -26.06 7.68 51.12
C HIS A 521 -25.27 6.59 50.42
N SER A 522 -24.69 5.68 51.21
CA SER A 522 -23.87 4.60 50.66
C SER A 522 -24.59 3.26 50.79
N LYS A 523 -24.11 2.25 50.07
CA LYS A 523 -24.69 0.91 50.15
C LYS A 523 -23.75 -0.18 49.62
N ASN A 524 -23.21 -1.00 50.52
CA ASN A 524 -22.48 -2.20 50.12
C ASN A 524 -23.42 -3.21 49.48
N MET A 525 -23.38 -3.32 48.15
CA MET A 525 -24.24 -4.26 47.44
C MET A 525 -23.38 -5.42 46.94
N THR A 526 -23.95 -6.61 46.81
CA THR A 526 -23.15 -7.76 46.38
C THR A 526 -23.93 -8.63 45.39
N ILE A 527 -23.97 -8.25 44.12
CA ILE A 527 -24.67 -9.06 43.12
C ILE A 527 -23.85 -10.27 42.66
N SER A 528 -24.44 -11.07 41.78
CA SER A 528 -23.80 -12.30 41.30
C SER A 528 -24.35 -12.76 39.95
N ARG A 529 -23.76 -13.83 39.43
CA ARG A 529 -24.23 -14.55 38.25
C ARG A 529 -24.42 -13.64 37.05
N GLY A 530 -25.43 -13.93 36.23
CA GLY A 530 -25.91 -12.99 35.24
C GLY A 530 -27.29 -12.44 35.54
N GLY A 531 -28.01 -13.12 36.44
CA GLY A 531 -29.40 -12.82 36.72
C GLY A 531 -29.73 -12.24 38.08
N LEU A 532 -30.98 -12.43 38.50
CA LEU A 532 -31.46 -11.98 39.80
C LEU A 532 -31.10 -10.53 40.08
N MET A 533 -31.75 -9.59 39.40
CA MET A 533 -31.42 -8.19 39.62
C MET A 533 -31.69 -7.88 41.08
N GLN A 534 -30.66 -7.42 41.79
CA GLN A 534 -30.81 -7.23 43.22
C GLN A 534 -31.22 -5.80 43.51
N CYS A 535 -32.27 -5.66 44.32
CA CYS A 535 -32.84 -4.36 44.58
C CYS A 535 -32.71 -4.05 46.06
N GLU A 536 -32.89 -2.79 46.42
CA GLU A 536 -32.89 -2.35 47.81
C GLU A 536 -33.66 -1.05 47.87
N GLU A 537 -34.59 -0.94 48.81
CA GLU A 537 -35.44 0.23 48.86
C GLU A 537 -35.10 1.13 50.04
N LEU A 538 -35.40 2.42 49.88
CA LEU A 538 -35.25 3.43 50.92
C LEU A 538 -36.35 4.46 50.71
N ILE A 539 -37.00 4.91 51.77
CA ILE A 539 -38.00 5.95 51.60
C ILE A 539 -37.43 7.30 51.99
N ALA A 540 -37.42 8.24 51.03
CA ALA A 540 -36.85 9.56 51.28
C ALA A 540 -37.92 10.65 51.24
N TYR A 541 -37.84 11.60 52.17
CA TYR A 541 -38.82 12.67 52.26
C TYR A 541 -38.27 14.01 51.74
N LEU A 542 -39.15 14.99 51.61
CA LEU A 542 -38.73 16.27 51.08
C LEU A 542 -38.86 17.35 52.14
N ARG A 543 -38.42 18.56 51.81
CA ARG A 543 -38.59 19.67 52.73
C ARG A 543 -40.07 19.99 52.75
N ASP A 544 -40.54 20.62 53.82
CA ASP A 544 -41.96 20.95 53.93
C ASP A 544 -42.20 22.44 54.09
N GLU A 545 -42.76 23.07 53.06
CA GLU A 545 -43.15 24.47 53.12
C GLU A 545 -42.03 25.39 53.61
N SER A 546 -42.24 25.96 54.80
CA SER A 546 -41.34 26.95 55.37
C SER A 546 -39.91 26.43 55.55
N GLU A 547 -38.96 27.37 55.55
CA GLU A 547 -37.51 27.13 55.67
C GLU A 547 -36.92 26.65 54.35
N PHE A 548 -37.77 26.23 53.42
CA PHE A 548 -37.33 25.88 52.08
C PHE A 548 -37.43 27.04 51.11
N ARG A 549 -36.34 27.33 50.41
CA ARG A 549 -36.31 28.39 49.42
C ARG A 549 -36.95 27.85 48.15
N ASP A 550 -37.03 26.53 48.10
CA ASP A 550 -37.58 25.74 46.99
C ASP A 550 -36.96 26.10 45.65
N LYS A 551 -37.76 25.99 44.59
CA LYS A 551 -37.35 26.28 43.22
C LYS A 551 -38.43 25.85 42.24
N LEU A 552 -38.24 26.19 40.97
CA LEU A 552 -38.95 25.53 39.88
C LEU A 552 -38.24 24.21 39.55
N THR A 553 -36.93 24.19 39.80
CA THR A 553 -36.06 23.08 39.42
C THR A 553 -36.54 21.74 39.99
N PRO A 554 -36.48 20.70 39.16
CA PRO A 554 -36.93 19.34 39.48
C PRO A 554 -36.08 18.60 40.52
N ILE A 555 -34.86 19.08 40.79
CA ILE A 555 -33.98 18.43 41.75
C ILE A 555 -33.72 16.99 41.28
N THR A 556 -32.65 16.81 40.52
CA THR A 556 -32.28 15.54 39.89
C THR A 556 -31.63 14.54 40.83
N ILE A 557 -32.28 13.40 41.00
CA ILE A 557 -31.69 12.33 41.82
C ILE A 557 -30.72 11.50 40.97
N PHE A 558 -29.48 11.47 41.44
CA PHE A 558 -28.35 10.81 40.78
C PHE A 558 -27.82 9.64 41.63
N MET A 559 -27.63 8.50 40.98
CA MET A 559 -27.10 7.28 41.61
C MET A 559 -25.84 6.83 40.86
N GLU A 560 -24.77 6.55 41.63
CA GLU A 560 -23.53 5.99 41.09
C GLU A 560 -23.06 4.70 41.78
N TYR A 561 -22.16 3.97 41.12
CA TYR A 561 -21.67 2.69 41.62
C TYR A 561 -20.24 2.33 41.16
N ARG A 562 -19.49 1.68 42.05
CA ARG A 562 -18.12 1.25 41.70
C ARG A 562 -17.89 -0.21 42.12
N LEU A 563 -17.12 -0.95 41.33
CA LEU A 563 -16.73 -2.31 41.72
C LEU A 563 -15.63 -2.31 42.79
N ASP A 564 -15.56 -3.41 43.54
CA ASP A 564 -14.50 -3.57 44.53
C ASP A 564 -13.32 -4.37 43.98
N TYR A 565 -12.15 -3.75 44.04
CA TYR A 565 -10.90 -4.34 43.57
C TYR A 565 -10.32 -5.34 44.56
N ARG A 566 -10.23 -4.93 45.83
CA ARG A 566 -9.55 -5.72 46.85
C ARG A 566 -10.30 -7.00 47.16
N THR A 567 -11.63 -6.97 46.99
CA THR A 567 -12.35 -8.24 47.00
C THR A 567 -12.61 -8.63 45.56
N ALA A 568 -11.73 -9.50 45.06
CA ALA A 568 -11.77 -10.04 43.71
C ALA A 568 -10.88 -11.26 43.73
N ALA A 569 -11.02 -12.17 42.77
CA ALA A 569 -10.22 -13.39 42.84
C ALA A 569 -9.70 -13.89 41.49
N ASP A 570 -8.55 -14.56 41.55
CA ASP A 570 -7.95 -15.21 40.39
C ASP A 570 -6.83 -16.12 40.91
N THR A 571 -6.15 -16.81 40.01
CA THR A 571 -5.05 -17.70 40.38
C THR A 571 -3.87 -16.90 40.94
N THR A 572 -3.39 -15.94 40.17
CA THR A 572 -2.37 -15.01 40.66
C THR A 572 -3.10 -13.73 41.04
N GLY A 573 -3.48 -12.96 40.05
CA GLY A 573 -4.64 -12.09 40.20
C GLY A 573 -5.03 -11.38 38.92
N LEU A 574 -6.33 -11.19 38.74
CA LEU A 574 -6.85 -10.34 37.69
C LEU A 574 -8.10 -9.62 38.19
N GLN A 575 -8.07 -8.30 38.26
CA GLN A 575 -9.25 -7.55 38.64
C GLN A 575 -10.13 -7.37 37.40
N PRO A 576 -11.37 -7.86 37.45
CA PRO A 576 -12.24 -7.67 36.28
C PRO A 576 -12.61 -6.20 36.09
N ILE A 577 -13.05 -5.84 34.89
CA ILE A 577 -13.30 -4.44 34.56
C ILE A 577 -14.75 -4.24 34.14
N LEU A 578 -15.26 -3.03 34.37
CA LEU A 578 -16.60 -2.66 33.91
C LEU A 578 -16.61 -2.44 32.41
N ASN A 579 -17.77 -2.14 31.87
CA ASN A 579 -17.90 -1.88 30.44
C ASN A 579 -17.31 -0.51 30.07
N GLN A 580 -16.84 -0.38 28.83
CA GLN A 580 -16.23 0.87 28.36
C GLN A 580 -17.22 2.01 28.50
N PHE A 581 -18.25 2.05 27.65
CA PHE A 581 -19.31 3.01 27.86
C PHE A 581 -20.60 2.28 28.25
N THR A 582 -20.84 2.26 29.55
CA THR A 582 -22.08 1.79 30.15
C THR A 582 -22.23 2.66 31.38
N PRO A 583 -22.74 3.89 31.19
CA PRO A 583 -22.53 4.98 32.15
C PRO A 583 -22.72 4.55 33.58
N ALA A 584 -21.80 5.01 34.44
CA ALA A 584 -21.66 4.51 35.79
C ALA A 584 -22.58 5.23 36.74
N ASN A 585 -23.44 6.08 36.17
CA ASN A 585 -24.46 6.73 36.96
C ASN A 585 -25.71 7.08 36.18
N ILE A 586 -26.80 7.34 36.91
CA ILE A 586 -28.06 7.68 36.26
C ILE A 586 -28.78 8.78 37.03
N SER A 587 -29.57 9.56 36.29
CA SER A 587 -30.33 10.69 36.80
C SER A 587 -31.82 10.59 36.49
N ARG A 588 -32.67 10.89 37.46
CA ARG A 588 -34.09 11.07 37.19
C ARG A 588 -34.59 12.36 37.82
N GLN A 589 -35.82 12.73 37.49
CA GLN A 589 -36.42 13.98 37.98
C GLN A 589 -37.95 13.93 38.01
N ALA A 590 -38.51 14.52 39.05
CA ALA A 590 -39.96 14.66 39.20
C ALA A 590 -40.33 16.10 38.85
N HIS A 591 -41.60 16.46 39.08
CA HIS A 591 -42.00 17.84 38.85
C HIS A 591 -42.55 18.49 40.12
N ILE A 592 -42.85 19.78 40.01
CA ILE A 592 -43.45 20.56 41.09
C ILE A 592 -44.97 20.36 41.14
N LEU A 593 -45.53 20.44 42.34
CA LEU A 593 -46.99 20.38 42.49
C LEU A 593 -47.68 21.61 41.90
N LEU A 594 -46.89 22.59 41.47
CA LEU A 594 -47.43 23.87 41.02
C LEU A 594 -48.29 23.80 39.76
N ASP A 595 -49.20 24.76 39.67
CA ASP A 595 -50.20 24.92 38.62
C ASP A 595 -51.15 23.73 38.43
N CYS A 596 -51.58 23.53 37.19
CA CYS A 596 -52.45 22.45 36.75
C CYS A 596 -53.87 22.45 37.33
N GLY A 597 -54.09 23.19 38.42
CA GLY A 597 -55.37 23.20 39.11
C GLY A 597 -55.04 23.26 40.59
N GLU A 598 -55.98 22.88 41.46
CA GLU A 598 -55.48 22.38 42.74
C GLU A 598 -55.57 20.87 42.62
N ASP A 599 -54.50 20.30 42.08
CA ASP A 599 -54.30 18.86 41.97
C ASP A 599 -52.82 18.57 42.15
N ASN A 600 -52.03 19.27 41.33
CA ASN A 600 -50.64 19.00 40.91
C ASN A 600 -50.55 18.17 39.62
N VAL A 601 -51.69 17.77 39.07
CA VAL A 601 -51.69 17.00 37.82
C VAL A 601 -52.57 17.61 36.73
N CYS A 602 -52.04 17.74 35.52
CA CYS A 602 -52.82 18.24 34.39
C CYS A 602 -52.35 17.71 33.03
N LYS A 603 -53.10 18.05 31.98
CA LYS A 603 -52.84 17.59 30.63
C LYS A 603 -52.91 18.69 29.57
N PRO A 604 -51.77 19.31 29.23
CA PRO A 604 -51.78 20.42 28.26
C PRO A 604 -51.98 19.99 26.81
N LYS A 605 -52.30 20.96 25.95
CA LYS A 605 -52.43 20.73 24.51
C LYS A 605 -51.22 21.26 23.77
N LEU A 606 -50.40 20.35 23.27
CA LEU A 606 -49.13 20.69 22.63
C LEU A 606 -49.31 20.96 21.15
N GLU A 607 -48.70 22.04 20.67
CA GLU A 607 -48.81 22.40 19.27
C GLU A 607 -47.45 22.77 18.66
N VAL A 608 -47.19 22.24 17.48
CA VAL A 608 -45.98 22.50 16.73
C VAL A 608 -46.30 22.94 15.31
N SER A 609 -45.51 23.86 14.78
CA SER A 609 -45.73 24.35 13.42
C SER A 609 -44.43 24.92 12.88
N VAL A 610 -44.25 24.86 11.56
CA VAL A 610 -43.00 25.31 10.98
C VAL A 610 -43.25 26.04 9.67
N ASP A 611 -42.22 26.70 9.16
CA ASP A 611 -42.29 27.41 7.89
C ASP A 611 -40.93 27.42 7.23
N SER A 612 -40.92 27.29 5.91
CA SER A 612 -39.69 27.35 5.14
C SER A 612 -39.44 28.79 4.72
N ASP A 613 -38.32 29.03 4.04
CA ASP A 613 -38.05 30.32 3.47
C ASP A 613 -38.26 30.25 1.95
N GLN A 614 -37.44 29.42 1.31
CA GLN A 614 -37.60 29.11 -0.10
C GLN A 614 -37.62 27.57 -0.30
N LYS A 615 -36.59 26.89 0.21
CA LYS A 615 -36.36 25.48 0.00
C LYS A 615 -36.12 25.13 -1.47
N LYS A 616 -34.86 25.28 -1.88
CA LYS A 616 -34.35 24.77 -3.14
C LYS A 616 -33.14 23.86 -2.95
N ILE A 617 -33.33 22.54 -3.11
CA ILE A 617 -32.24 21.60 -2.87
C ILE A 617 -31.16 21.63 -3.96
N TYR A 618 -29.90 21.59 -3.56
CA TYR A 618 -28.81 21.77 -4.52
C TYR A 618 -28.59 20.59 -5.46
N ILE A 619 -29.39 19.53 -5.30
CA ILE A 619 -29.20 18.22 -5.96
C ILE A 619 -28.19 17.47 -5.10
N GLY A 620 -27.79 18.12 -4.01
CA GLY A 620 -26.90 17.53 -3.03
C GLY A 620 -25.49 18.08 -2.94
N ASP A 621 -25.19 19.11 -3.72
CA ASP A 621 -23.88 19.74 -3.57
C ASP A 621 -23.97 20.95 -2.64
N ASP A 622 -23.44 20.78 -1.43
CA ASP A 622 -23.31 21.83 -0.43
C ASP A 622 -24.51 22.77 -0.30
N ASN A 623 -25.66 22.29 0.18
CA ASN A 623 -26.81 23.18 0.26
C ASN A 623 -27.22 23.54 1.68
N PRO A 624 -27.16 24.86 1.98
CA PRO A 624 -27.52 25.49 3.26
C PRO A 624 -29.04 25.51 3.46
N LEU A 625 -29.55 25.08 4.61
CA LEU A 625 -31.00 25.13 4.80
C LEU A 625 -31.40 25.47 6.23
N THR A 626 -32.11 26.58 6.38
CA THR A 626 -32.67 26.99 7.67
C THR A 626 -34.20 27.05 7.60
N LEU A 627 -34.87 26.50 8.60
CA LEU A 627 -36.33 26.56 8.63
C LEU A 627 -36.79 27.22 9.91
N ILE A 628 -37.77 28.13 9.84
CA ILE A 628 -38.20 28.81 11.05
C ILE A 628 -39.31 28.01 11.71
N VAL A 629 -39.22 27.83 13.02
CA VAL A 629 -40.21 27.02 13.71
C VAL A 629 -40.96 27.74 14.83
N LYS A 630 -42.28 27.57 14.86
CA LYS A 630 -43.13 28.12 15.89
C LYS A 630 -43.77 26.98 16.70
N ALA A 631 -43.23 26.76 17.90
CA ALA A 631 -43.74 25.77 18.84
C ALA A 631 -44.54 26.42 19.97
N GLN A 632 -45.81 26.06 20.12
CA GLN A 632 -46.62 26.67 21.16
C GLN A 632 -47.43 25.64 21.95
N ASN A 633 -47.59 25.90 23.25
CA ASN A 633 -48.39 25.05 24.11
C ASN A 633 -49.64 25.81 24.55
N GLN A 634 -50.79 25.40 24.03
CA GLN A 634 -52.04 26.10 24.30
C GLN A 634 -52.62 25.66 25.64
N GLY A 635 -52.13 24.53 26.15
CA GLY A 635 -52.55 24.05 27.46
C GLY A 635 -51.71 24.57 28.60
N GLU A 636 -51.64 23.77 29.66
CA GLU A 636 -50.88 24.12 30.86
C GLU A 636 -49.41 23.72 30.75
N GLY A 637 -48.69 23.80 31.87
CA GLY A 637 -47.29 23.43 31.91
C GLY A 637 -47.04 21.98 31.56
N ALA A 638 -46.13 21.74 30.61
CA ALA A 638 -45.75 20.38 30.23
C ALA A 638 -44.44 19.99 30.89
N TYR A 639 -44.46 18.92 31.68
CA TYR A 639 -43.27 18.50 32.42
C TYR A 639 -42.24 17.80 31.51
N GLU A 640 -40.99 18.20 31.66
CA GLU A 640 -39.87 17.64 30.91
C GLU A 640 -40.14 17.54 29.41
N ALA A 641 -40.76 18.58 28.86
CA ALA A 641 -41.06 18.63 27.43
C ALA A 641 -39.80 18.90 26.60
N GLU A 642 -39.66 18.15 25.51
CA GLU A 642 -38.49 18.30 24.66
C GLU A 642 -38.88 18.03 23.19
N LEU A 643 -38.29 18.82 22.30
CA LEU A 643 -38.57 18.70 20.87
C LEU A 643 -37.80 17.55 20.21
N ILE A 644 -38.54 16.76 19.43
CA ILE A 644 -38.01 15.61 18.68
C ILE A 644 -38.15 15.81 17.18
N VAL A 645 -37.19 16.46 16.53
CA VAL A 645 -37.27 16.59 15.08
C VAL A 645 -36.71 15.38 14.32
N SER A 646 -37.60 14.54 13.81
CA SER A 646 -37.19 13.36 13.04
C SER A 646 -36.96 13.73 11.57
N ILE A 647 -35.71 13.55 11.16
CA ILE A 647 -35.20 13.97 9.86
C ILE A 647 -34.66 12.78 9.08
N PRO A 648 -34.50 12.91 7.74
CA PRO A 648 -33.94 11.78 6.98
C PRO A 648 -32.54 11.43 7.49
N LEU A 649 -32.24 10.14 7.53
CA LEU A 649 -31.04 9.64 8.22
C LEU A 649 -29.75 10.12 7.57
N GLN A 650 -29.80 10.45 6.29
CA GLN A 650 -28.67 11.11 5.68
C GLN A 650 -28.95 12.62 5.62
N ALA A 651 -28.31 13.32 6.53
CA ALA A 651 -28.34 14.78 6.63
C ALA A 651 -27.54 15.14 7.88
N ASP A 652 -26.95 16.33 7.88
CA ASP A 652 -26.19 16.77 9.03
C ASP A 652 -26.74 18.03 9.66
N PHE A 653 -26.40 18.20 10.93
CA PHE A 653 -26.84 19.33 11.73
C PHE A 653 -25.72 20.34 11.85
N ILE A 654 -26.01 21.58 11.48
CA ILE A 654 -25.03 22.66 11.55
C ILE A 654 -24.99 23.28 12.93
N GLY A 655 -26.13 23.78 13.40
CA GLY A 655 -26.14 24.43 14.70
C GLY A 655 -27.41 25.18 14.99
N VAL A 656 -27.50 25.68 16.21
CA VAL A 656 -28.59 26.58 16.57
C VAL A 656 -28.31 27.92 15.94
N VAL A 657 -29.37 28.71 15.77
CA VAL A 657 -29.34 29.83 14.84
C VAL A 657 -28.51 31.01 15.35
N ARG A 658 -28.92 31.63 16.46
CA ARG A 658 -28.22 32.77 17.05
C ARG A 658 -28.01 33.86 16.00
N ASN A 659 -29.00 34.05 15.15
CA ASN A 659 -28.97 35.06 14.10
C ASN A 659 -30.20 35.96 14.19
N ASN A 660 -31.35 35.40 13.84
CA ASN A 660 -32.62 36.11 14.00
C ASN A 660 -32.98 36.18 15.48
N GLU A 661 -33.26 37.38 15.97
CA GLU A 661 -33.54 37.58 17.38
C GLU A 661 -34.91 37.07 17.79
N ALA A 662 -35.70 36.67 16.80
CA ALA A 662 -36.98 36.02 17.06
C ALA A 662 -36.77 34.52 17.24
N LEU A 663 -35.51 34.10 17.15
CA LEU A 663 -35.16 32.69 17.21
C LEU A 663 -34.32 32.37 18.43
N ALA A 664 -34.36 31.11 18.87
CA ALA A 664 -33.72 30.71 20.11
C ALA A 664 -32.22 30.42 19.95
N ARG A 665 -31.44 30.86 20.93
CA ARG A 665 -29.99 30.69 20.98
C ARG A 665 -29.64 29.46 21.82
N LEU A 666 -30.68 28.70 22.17
CA LEU A 666 -30.65 27.70 23.23
C LEU A 666 -29.98 26.33 22.99
N SER A 667 -30.28 25.44 23.94
CA SER A 667 -29.69 24.11 24.15
C SER A 667 -30.21 22.99 23.27
N CYS A 668 -29.33 22.44 22.43
CA CYS A 668 -29.71 21.48 21.39
C CYS A 668 -28.81 20.25 21.54
N ALA A 669 -29.25 19.12 21.01
CA ALA A 669 -28.48 17.88 21.12
C ALA A 669 -28.73 16.82 20.03
N PHE A 670 -27.61 16.16 19.71
CA PHE A 670 -27.53 15.11 18.72
C PHE A 670 -27.76 13.73 19.31
N LYS A 671 -28.46 12.88 18.56
CA LYS A 671 -28.65 11.48 18.96
C LYS A 671 -28.84 10.64 17.72
N THR A 672 -27.87 9.77 17.45
CA THR A 672 -27.91 8.92 16.26
C THR A 672 -28.43 7.51 16.49
N GLU A 673 -28.60 7.10 17.74
CA GLU A 673 -28.92 5.70 18.00
C GLU A 673 -30.22 5.46 18.76
N ASN A 674 -30.47 4.17 19.04
CA ASN A 674 -31.81 3.62 19.18
C ASN A 674 -32.49 3.80 17.83
N GLN A 675 -31.64 3.88 16.80
CA GLN A 675 -32.04 4.09 15.41
C GLN A 675 -32.73 5.45 15.25
N THR A 676 -32.43 6.36 16.17
CA THR A 676 -32.99 7.70 16.13
C THR A 676 -32.28 8.59 15.13
N ARG A 677 -33.02 9.08 14.14
CA ARG A 677 -32.49 10.04 13.19
C ARG A 677 -32.86 11.44 13.68
N GLN A 678 -33.51 11.47 14.83
CA GLN A 678 -34.08 12.68 15.39
C GLN A 678 -33.02 13.59 16.00
N VAL A 679 -33.28 14.89 16.00
CA VAL A 679 -32.53 15.84 16.81
C VAL A 679 -33.39 16.22 18.01
N VAL A 680 -32.77 16.28 19.18
CA VAL A 680 -33.45 16.59 20.42
C VAL A 680 -32.96 17.85 21.10
N CYS A 681 -33.84 18.83 21.30
CA CYS A 681 -33.45 20.10 21.91
C CYS A 681 -34.18 20.25 23.25
N ASP A 682 -33.49 20.73 24.27
CA ASP A 682 -34.08 20.87 25.61
C ASP A 682 -34.90 22.14 25.87
N LEU A 683 -36.15 21.98 26.25
CA LEU A 683 -37.01 23.12 26.61
C LEU A 683 -37.17 23.32 28.13
N GLY A 684 -36.59 22.42 28.93
CA GLY A 684 -36.71 22.53 30.38
C GLY A 684 -37.79 21.67 31.03
N ASN A 685 -37.52 21.20 32.25
CA ASN A 685 -38.44 20.32 32.95
C ASN A 685 -39.75 21.01 33.38
N PRO A 686 -39.67 22.16 34.09
CA PRO A 686 -40.92 22.90 34.31
C PRO A 686 -41.23 23.88 33.17
N MET A 687 -41.80 23.39 32.07
CA MET A 687 -42.22 24.26 30.98
C MET A 687 -43.47 25.07 31.34
N LYS A 688 -43.69 26.17 30.62
CA LYS A 688 -44.75 27.12 30.95
C LYS A 688 -46.04 26.92 30.16
N ALA A 689 -47.04 27.73 30.51
CA ALA A 689 -48.34 27.71 29.86
C ALA A 689 -48.60 29.03 29.16
N GLY A 690 -49.26 28.98 28.01
CA GLY A 690 -49.52 30.17 27.22
C GLY A 690 -48.25 30.71 26.59
N THR A 691 -47.16 29.98 26.78
CA THR A 691 -45.86 30.37 26.23
C THR A 691 -45.68 29.83 24.81
N GLN A 692 -45.06 30.65 23.97
CA GLN A 692 -44.77 30.26 22.59
C GLN A 692 -43.32 30.56 22.26
N LEU A 693 -42.64 29.61 21.63
CA LEU A 693 -41.24 29.82 21.25
C LEU A 693 -41.03 29.71 19.75
N LEU A 694 -40.09 30.48 19.24
CA LEU A 694 -39.70 30.47 17.83
C LEU A 694 -38.19 30.25 17.68
N ALA A 695 -37.81 29.28 16.85
CA ALA A 695 -36.40 28.92 16.73
C ALA A 695 -36.01 28.52 15.30
N GLY A 696 -34.78 28.82 14.91
CA GLY A 696 -34.26 28.42 13.60
C GLY A 696 -33.19 27.36 13.66
N LEU A 697 -33.34 26.33 12.83
CA LEU A 697 -32.36 25.25 12.76
C LEU A 697 -31.75 25.11 11.36
N ARG A 698 -30.44 25.35 11.25
CA ARG A 698 -29.74 25.22 9.98
C ARG A 698 -29.07 23.85 9.86
N PHE A 699 -29.08 23.32 8.64
CA PHE A 699 -28.51 22.00 8.38
C PHE A 699 -27.73 21.98 7.06
N SER A 700 -27.18 20.82 6.74
CA SER A 700 -26.56 20.62 5.42
C SER A 700 -26.72 19.15 5.00
N VAL A 701 -27.02 18.91 3.72
CA VAL A 701 -27.48 17.57 3.33
C VAL A 701 -27.11 17.16 1.90
N HIS A 702 -26.97 15.84 1.70
CA HIS A 702 -26.59 15.22 0.43
C HIS A 702 -27.80 14.64 -0.31
N GLN A 703 -28.49 13.71 0.34
CA GLN A 703 -29.63 13.00 -0.27
C GLN A 703 -29.19 12.19 -1.49
N GLN A 704 -28.50 11.09 -1.22
CA GLN A 704 -27.61 10.38 -2.15
C GLN A 704 -28.10 10.16 -3.60
N SER A 705 -29.10 9.31 -3.81
CA SER A 705 -29.50 8.99 -5.18
C SER A 705 -30.99 8.76 -5.44
N GLU A 706 -31.52 9.50 -6.42
CA GLU A 706 -32.85 9.31 -6.99
C GLU A 706 -33.97 9.27 -5.94
N MET A 707 -33.70 9.89 -4.79
CA MET A 707 -34.68 10.05 -3.73
C MET A 707 -35.28 11.44 -3.86
N ASP A 708 -34.89 12.10 -4.94
CA ASP A 708 -35.04 13.55 -5.09
C ASP A 708 -36.40 14.16 -4.79
N THR A 709 -37.51 13.44 -5.05
CA THR A 709 -38.81 14.10 -4.96
C THR A 709 -39.08 14.67 -3.56
N SER A 710 -39.16 15.99 -3.55
CA SER A 710 -39.24 16.84 -2.36
C SER A 710 -38.28 16.42 -1.24
N VAL A 711 -38.37 17.11 -0.10
CA VAL A 711 -37.66 16.70 1.10
C VAL A 711 -38.66 16.73 2.25
N LYS A 712 -38.68 15.71 3.11
CA LYS A 712 -39.78 15.61 4.05
C LYS A 712 -39.18 15.85 5.43
N PHE A 713 -39.78 16.72 6.22
CA PHE A 713 -39.40 16.82 7.62
C PHE A 713 -40.52 16.40 8.57
N ASP A 714 -40.21 15.56 9.54
CA ASP A 714 -41.21 15.27 10.57
C ASP A 714 -40.71 15.86 11.87
N LEU A 715 -41.55 16.56 12.61
CA LEU A 715 -41.14 17.10 13.90
C LEU A 715 -42.25 16.96 14.93
N GLN A 716 -41.89 16.64 16.18
CA GLN A 716 -42.93 16.66 17.22
C GLN A 716 -42.40 16.91 18.62
N ILE A 717 -43.21 17.58 19.43
CA ILE A 717 -42.91 17.86 20.83
C ILE A 717 -43.34 16.66 21.68
N GLN A 718 -42.62 16.40 22.77
CA GLN A 718 -43.07 15.32 23.65
C GLN A 718 -42.73 15.55 25.11
N SER A 719 -43.61 15.07 25.98
CA SER A 719 -43.53 15.41 27.40
C SER A 719 -43.89 14.24 28.31
N SER A 720 -43.77 14.47 29.61
CA SER A 720 -44.03 13.47 30.64
C SER A 720 -45.44 13.58 31.20
N ASN A 721 -46.27 14.41 30.56
CA ASN A 721 -47.66 14.62 30.99
C ASN A 721 -48.44 13.31 31.01
N LEU A 722 -49.45 13.24 31.88
CA LEU A 722 -50.28 12.04 31.98
C LEU A 722 -51.14 11.84 30.73
N PHE A 723 -51.71 12.94 30.24
CA PHE A 723 -52.55 12.89 29.04
C PHE A 723 -52.09 13.94 28.04
N ASP A 724 -52.25 13.65 26.75
CA ASP A 724 -51.84 14.54 25.67
C ASP A 724 -50.40 15.03 25.85
N LYS A 725 -49.52 14.09 26.21
CA LYS A 725 -48.14 14.42 26.56
C LYS A 725 -47.30 14.65 25.32
N VAL A 726 -47.88 14.41 24.15
CA VAL A 726 -47.18 14.56 22.90
C VAL A 726 -48.01 15.45 21.99
N SER A 727 -47.34 16.19 21.11
CA SER A 727 -48.03 16.96 20.09
C SER A 727 -48.31 16.03 18.91
N PRO A 728 -49.23 16.43 18.01
CA PRO A 728 -49.36 15.68 16.77
C PRO A 728 -48.10 15.79 15.92
N VAL A 729 -47.85 14.82 15.06
CA VAL A 729 -46.67 14.86 14.20
C VAL A 729 -46.83 15.96 13.16
N VAL A 730 -45.75 16.69 12.91
CA VAL A 730 -45.81 17.84 12.02
C VAL A 730 -44.93 17.63 10.80
N SER A 731 -45.56 17.65 9.62
CA SER A 731 -44.84 17.54 8.36
C SER A 731 -44.21 18.87 7.99
N HIS A 732 -43.28 18.82 7.05
CA HIS A 732 -42.64 20.00 6.49
C HIS A 732 -42.16 19.71 5.08
N LYS A 733 -42.89 20.21 4.09
CA LYS A 733 -42.49 20.03 2.71
C LYS A 733 -41.18 20.79 2.46
N VAL A 734 -40.42 20.30 1.50
CA VAL A 734 -39.27 21.00 0.91
C VAL A 734 -39.16 20.80 -0.61
N ASP A 735 -39.02 21.89 -1.37
CA ASP A 735 -39.11 21.82 -2.82
C ASP A 735 -37.77 21.22 -3.25
N LEU A 736 -37.90 20.14 -4.01
CA LEU A 736 -36.80 19.42 -4.66
C LEU A 736 -36.05 19.94 -5.89
N ALA A 737 -34.74 19.82 -5.73
CA ALA A 737 -33.68 20.20 -6.64
C ALA A 737 -33.56 21.69 -6.93
N VAL A 738 -33.17 21.98 -8.17
CA VAL A 738 -32.78 23.33 -8.58
C VAL A 738 -32.23 23.30 -10.01
N LEU A 739 -31.96 24.48 -10.57
CA LEU A 739 -31.25 24.59 -11.84
C LEU A 739 -29.82 25.11 -11.67
N ALA A 740 -29.09 25.22 -12.78
CA ALA A 740 -27.74 25.79 -12.76
C ALA A 740 -27.54 26.69 -13.98
N ALA A 741 -26.52 27.55 -13.93
CA ALA A 741 -26.17 28.35 -15.10
C ALA A 741 -24.94 27.76 -15.79
N VAL A 742 -25.18 27.13 -16.94
CA VAL A 742 -24.11 26.61 -17.77
C VAL A 742 -23.77 27.64 -18.84
N GLU A 743 -22.49 27.87 -19.09
CA GLU A 743 -22.13 28.82 -20.14
C GLU A 743 -21.03 28.31 -21.06
N ILE A 744 -21.08 28.76 -22.32
CA ILE A 744 -20.01 28.48 -23.26
C ILE A 744 -19.34 29.78 -23.66
N ARG A 745 -18.01 29.74 -23.82
CA ARG A 745 -17.26 30.90 -24.27
C ARG A 745 -15.98 30.48 -24.98
N GLY A 746 -15.48 31.34 -25.86
CA GLY A 746 -14.36 30.97 -26.71
C GLY A 746 -13.40 32.10 -27.00
N VAL A 747 -12.30 31.77 -27.68
CA VAL A 747 -11.26 32.74 -27.99
C VAL A 747 -10.39 32.25 -29.14
N SER A 748 -9.73 33.19 -29.83
CA SER A 748 -8.74 32.85 -30.84
C SER A 748 -7.40 33.48 -30.46
N SER A 749 -6.40 32.64 -30.21
CA SER A 749 -5.14 33.07 -29.61
C SER A 749 -4.46 34.24 -30.33
N PRO A 750 -4.31 34.17 -31.67
CA PRO A 750 -4.02 35.46 -32.29
C PRO A 750 -5.31 36.18 -32.69
N ASP A 751 -5.92 36.88 -31.74
CA ASP A 751 -7.18 37.58 -31.96
C ASP A 751 -7.06 38.66 -33.04
N HIS A 752 -5.82 38.97 -33.42
CA HIS A 752 -5.54 39.97 -34.43
C HIS A 752 -4.75 39.34 -35.57
N VAL A 753 -4.72 40.03 -36.71
CA VAL A 753 -3.85 39.66 -37.82
C VAL A 753 -3.31 40.93 -38.45
N PHE A 754 -2.01 41.11 -38.35
CA PHE A 754 -1.30 42.26 -38.93
C PHE A 754 -0.95 42.14 -40.40
N LEU A 755 -0.08 43.03 -40.85
CA LEU A 755 0.18 43.28 -42.26
C LEU A 755 0.96 42.15 -42.92
N PRO A 756 1.39 42.38 -44.16
CA PRO A 756 1.99 41.36 -45.05
C PRO A 756 3.16 40.61 -44.41
N ILE A 757 3.09 39.29 -44.49
CA ILE A 757 4.03 38.41 -43.80
C ILE A 757 5.31 38.19 -44.60
N PRO A 758 6.45 38.21 -43.91
CA PRO A 758 7.77 38.04 -44.53
C PRO A 758 7.95 36.64 -45.08
N ASN A 759 8.73 36.50 -46.16
CA ASN A 759 9.00 35.20 -46.77
C ASN A 759 7.70 34.50 -47.14
N TRP A 760 6.83 35.23 -47.83
CA TRP A 760 5.52 34.72 -48.22
C TRP A 760 5.43 34.63 -49.74
N GLU A 761 4.86 33.54 -50.24
CA GLU A 761 4.63 33.37 -51.66
C GLU A 761 3.43 32.44 -51.87
N HIS A 762 2.78 32.58 -53.00
CA HIS A 762 1.56 31.82 -53.25
C HIS A 762 1.53 31.15 -54.61
N LYS A 763 1.41 29.82 -54.60
CA LYS A 763 1.21 29.03 -55.81
C LYS A 763 0.00 28.13 -55.59
N GLU A 764 -0.33 27.29 -56.56
CA GLU A 764 -1.44 26.36 -56.35
C GLU A 764 -0.95 24.98 -55.94
N ASN A 765 0.37 24.78 -55.95
CA ASN A 765 0.95 23.60 -55.31
C ASN A 765 2.13 23.93 -54.39
N PRO A 766 1.92 24.84 -53.41
CA PRO A 766 2.96 25.31 -52.49
C PRO A 766 2.91 24.58 -51.15
N GLU A 767 3.44 23.37 -51.06
CA GLU A 767 3.25 22.52 -49.88
C GLU A 767 3.57 23.19 -48.53
N THR A 768 2.62 23.05 -47.61
CA THR A 768 2.72 23.42 -46.20
C THR A 768 2.90 24.91 -45.85
N GLU A 769 3.95 25.19 -45.06
CA GLU A 769 3.94 26.30 -44.11
C GLU A 769 4.05 27.72 -44.66
N GLU A 770 5.00 27.96 -45.56
CA GLU A 770 5.22 29.31 -46.10
C GLU A 770 3.97 29.85 -46.78
N ASP A 771 3.34 29.02 -47.59
CA ASP A 771 2.17 29.45 -48.36
C ASP A 771 0.91 29.49 -47.52
N VAL A 772 0.75 28.49 -46.65
CA VAL A 772 -0.41 28.42 -45.79
C VAL A 772 -0.39 29.63 -44.86
N GLY A 773 0.74 29.86 -44.22
CA GLY A 773 0.87 30.99 -43.31
C GLY A 773 0.84 30.57 -41.86
N PRO A 774 0.90 31.55 -40.95
CA PRO A 774 1.03 31.25 -39.52
C PRO A 774 -0.20 30.56 -38.93
N VAL A 775 0.04 29.75 -37.91
CA VAL A 775 -1.02 29.02 -37.23
C VAL A 775 -1.84 29.95 -36.33
N VAL A 776 -3.15 29.80 -36.39
CA VAL A 776 -4.05 30.53 -35.51
C VAL A 776 -4.95 29.57 -34.73
N GLN A 777 -4.73 29.51 -33.41
CA GLN A 777 -5.53 28.64 -32.56
C GLN A 777 -6.78 29.33 -32.02
N HIS A 778 -7.92 28.66 -32.17
CA HIS A 778 -9.19 29.12 -31.60
C HIS A 778 -9.80 28.08 -30.65
N ILE A 779 -9.61 28.26 -29.34
CA ILE A 779 -10.19 27.35 -28.35
C ILE A 779 -11.61 27.78 -27.94
N TYR A 780 -12.55 26.84 -27.99
CA TYR A 780 -13.92 27.06 -27.51
C TYR A 780 -14.27 26.12 -26.37
N GLU A 781 -14.89 26.64 -25.31
CA GLU A 781 -15.13 25.86 -24.10
C GLU A 781 -16.57 25.99 -23.60
N LEU A 782 -17.27 24.87 -23.53
CA LEU A 782 -18.59 24.83 -22.89
C LEU A 782 -18.47 24.22 -21.50
N ARG A 783 -18.94 24.95 -20.50
CA ARG A 783 -18.86 24.48 -19.13
C ARG A 783 -20.13 24.56 -18.31
N ASN A 784 -20.43 23.45 -17.66
CA ASN A 784 -21.53 23.36 -16.71
C ASN A 784 -20.97 23.63 -15.32
N ASN A 785 -21.32 24.79 -14.76
CA ASN A 785 -20.90 25.16 -13.41
C ASN A 785 -22.07 25.69 -12.60
N GLY A 786 -22.40 25.00 -11.53
CA GLY A 786 -23.57 25.33 -10.75
C GLY A 786 -24.11 24.08 -10.08
N PRO A 787 -25.17 24.22 -9.29
CA PRO A 787 -25.57 22.97 -8.62
C PRO A 787 -26.50 22.12 -9.47
N SER A 788 -26.13 21.92 -10.73
CA SER A 788 -26.86 21.03 -11.64
C SER A 788 -25.96 20.65 -12.81
N SER A 789 -26.28 19.55 -13.48
CA SER A 789 -25.48 19.08 -14.60
C SER A 789 -26.37 18.74 -15.79
N PHE A 790 -25.74 18.54 -16.95
CA PHE A 790 -26.48 18.22 -18.16
C PHE A 790 -26.37 16.76 -18.54
N SER A 791 -27.48 16.03 -18.44
CA SER A 791 -27.49 14.61 -18.73
C SER A 791 -27.42 14.40 -20.24
N LYS A 792 -27.93 15.38 -20.98
CA LYS A 792 -27.75 15.39 -22.44
C LYS A 792 -27.74 16.84 -22.87
N ALA A 793 -26.98 17.18 -23.90
CA ALA A 793 -27.02 18.54 -24.41
C ALA A 793 -26.63 18.60 -25.89
N MET A 794 -26.94 19.71 -26.54
CA MET A 794 -26.60 19.84 -27.95
C MET A 794 -25.76 21.08 -28.17
N LEU A 795 -24.67 20.92 -28.91
CA LEU A 795 -23.78 22.03 -29.24
C LEU A 795 -23.70 22.24 -30.75
N HIS A 796 -23.84 23.47 -31.21
CA HIS A 796 -23.80 23.73 -32.65
C HIS A 796 -22.75 24.79 -32.95
N LEU A 797 -21.70 24.40 -33.66
CA LEU A 797 -20.67 25.35 -34.09
C LEU A 797 -20.80 25.74 -35.55
N GLN A 798 -20.73 27.04 -35.85
CA GLN A 798 -20.63 27.57 -37.19
C GLN A 798 -19.24 28.19 -37.41
N TRP A 799 -18.52 27.69 -38.41
CA TRP A 799 -17.13 28.08 -38.63
C TRP A 799 -17.00 28.80 -39.97
N PRO A 800 -16.39 29.99 -39.95
CA PRO A 800 -16.27 30.67 -41.24
C PRO A 800 -15.21 30.04 -42.15
N TYR A 801 -15.67 29.14 -43.02
CA TYR A 801 -14.79 28.32 -43.86
C TYR A 801 -14.35 29.08 -45.09
N LYS A 802 -15.31 29.67 -45.78
CA LYS A 802 -15.04 30.42 -46.99
C LYS A 802 -15.88 31.68 -47.05
N TYR A 803 -15.32 32.75 -47.60
CA TYR A 803 -16.06 33.98 -47.81
C TYR A 803 -16.99 33.83 -49.00
N ASN A 804 -16.41 33.80 -50.21
CA ASN A 804 -17.22 33.55 -51.40
C ASN A 804 -16.74 32.36 -52.23
N ASN A 805 -15.71 32.58 -53.05
CA ASN A 805 -15.13 31.49 -53.85
C ASN A 805 -13.84 30.90 -53.29
N ASN A 806 -13.33 31.49 -52.22
CA ASN A 806 -12.03 31.09 -51.68
C ASN A 806 -12.12 30.62 -50.23
N THR A 807 -11.34 29.60 -49.90
CA THR A 807 -11.33 29.11 -48.53
C THR A 807 -10.46 30.04 -47.69
N LEU A 808 -11.07 30.65 -46.67
CA LEU A 808 -10.37 31.58 -45.81
C LEU A 808 -9.55 30.87 -44.74
N LEU A 809 -10.24 30.22 -43.81
CA LEU A 809 -9.56 29.49 -42.75
C LEU A 809 -9.58 27.99 -42.99
N TYR A 810 -8.38 27.43 -43.12
CA TYR A 810 -8.18 26.03 -43.46
C TYR A 810 -7.86 25.22 -42.20
N ILE A 811 -8.71 24.25 -41.90
CA ILE A 811 -8.55 23.46 -40.69
C ILE A 811 -7.51 22.35 -40.89
N LEU A 812 -6.45 22.44 -40.11
CA LEU A 812 -5.38 21.46 -40.04
C LEU A 812 -5.73 20.21 -39.23
N HIS A 813 -6.12 20.44 -37.99
CA HIS A 813 -6.36 19.37 -37.01
C HIS A 813 -7.34 19.84 -35.94
N TYR A 814 -8.18 18.90 -35.49
CA TYR A 814 -9.06 19.16 -34.35
C TYR A 814 -8.75 18.27 -33.14
N ASP A 815 -8.98 18.84 -31.96
CA ASP A 815 -8.72 18.19 -30.67
C ASP A 815 -9.96 18.09 -29.79
N ILE A 816 -9.91 17.20 -28.80
CA ILE A 816 -11.05 16.91 -27.94
C ILE A 816 -10.78 16.92 -26.43
N ASP A 817 -11.77 17.40 -25.67
CA ASP A 817 -11.71 17.44 -24.21
C ASP A 817 -12.99 16.90 -23.58
N GLY A 818 -12.87 15.90 -22.70
CA GLY A 818 -14.00 15.41 -21.95
C GLY A 818 -14.87 14.38 -22.65
N PRO A 819 -15.99 14.00 -22.01
CA PRO A 819 -16.93 12.98 -22.51
C PRO A 819 -17.80 13.50 -23.64
N MET A 820 -17.18 13.77 -24.78
CA MET A 820 -17.85 14.39 -25.92
C MET A 820 -17.33 13.83 -27.25
N ASN A 821 -18.23 13.44 -28.14
CA ASN A 821 -17.80 13.19 -29.51
C ASN A 821 -18.29 14.30 -30.44
N CYS A 822 -17.61 14.54 -31.54
CA CYS A 822 -18.09 15.53 -32.52
C CYS A 822 -17.98 15.17 -34.00
N THR A 823 -18.83 15.78 -34.80
CA THR A 823 -18.77 15.58 -36.24
C THR A 823 -18.95 16.91 -36.96
N SER A 824 -18.07 17.14 -37.93
CA SER A 824 -18.11 18.29 -38.84
C SER A 824 -18.79 18.05 -40.19
N ASP A 825 -18.74 19.07 -41.04
CA ASP A 825 -19.21 19.00 -42.42
C ASP A 825 -18.18 19.69 -43.31
N MET A 826 -18.20 19.41 -44.62
CA MET A 826 -17.25 20.04 -45.55
C MET A 826 -15.83 19.75 -45.11
N GLU A 827 -15.40 18.51 -45.31
CA GLU A 827 -14.24 17.91 -44.63
C GLU A 827 -12.98 18.76 -44.62
N ILE A 828 -12.32 18.75 -43.47
CA ILE A 828 -11.24 19.68 -43.14
C ILE A 828 -9.89 19.36 -43.79
N ASN A 829 -9.33 18.20 -43.45
CA ASN A 829 -7.95 17.89 -43.81
C ASN A 829 -7.66 17.99 -45.31
N PRO A 830 -6.78 18.92 -45.67
CA PRO A 830 -6.36 19.25 -47.04
C PRO A 830 -5.17 18.41 -47.49
N LEU A 831 -4.60 18.75 -48.65
CA LEU A 831 -3.34 18.18 -49.06
C LEU A 831 -2.36 18.40 -47.92
N ARG A 832 -1.74 17.32 -47.47
CA ARG A 832 -1.17 17.24 -46.12
C ARG A 832 -0.28 18.41 -45.71
N ILE A 833 -0.56 18.92 -44.50
CA ILE A 833 0.23 19.95 -43.84
C ILE A 833 0.44 21.18 -44.72
N LEU A 872 -23.01 37.47 -40.96
CA LEU A 872 -21.80 38.26 -40.79
C LEU A 872 -20.59 37.53 -41.37
N GLY A 873 -19.63 37.18 -40.53
CA GLY A 873 -18.47 36.45 -41.00
C GLY A 873 -18.84 35.05 -41.47
N CYS A 874 -19.36 34.25 -40.56
CA CYS A 874 -19.92 32.95 -40.91
C CYS A 874 -21.45 32.94 -40.93
N GLY A 875 -22.06 34.04 -40.50
CA GLY A 875 -23.50 34.11 -40.36
C GLY A 875 -24.24 34.05 -41.69
N VAL A 876 -25.14 33.08 -41.83
CA VAL A 876 -26.00 32.95 -43.01
C VAL A 876 -25.15 32.58 -44.25
N ALA A 877 -23.86 32.44 -44.03
CA ALA A 877 -22.86 32.31 -45.08
C ALA A 877 -22.18 30.96 -44.92
N GLN A 878 -21.43 30.55 -45.93
CA GLN A 878 -21.07 29.15 -46.17
C GLN A 878 -20.61 28.41 -44.91
N CYS A 879 -21.23 27.26 -44.65
CA CYS A 879 -21.08 26.65 -43.35
C CYS A 879 -20.07 25.51 -43.32
N LEU A 880 -19.23 25.66 -42.31
CA LEU A 880 -18.25 24.79 -41.73
C LEU A 880 -18.80 24.33 -40.40
N LYS A 881 -20.05 23.86 -40.39
CA LYS A 881 -20.61 23.52 -39.08
C LYS A 881 -20.54 22.03 -38.77
N ILE A 882 -20.15 21.90 -37.49
CA ILE A 882 -20.04 20.69 -36.69
C ILE A 882 -20.87 20.60 -35.42
N VAL A 883 -21.76 19.61 -35.39
CA VAL A 883 -22.52 19.33 -34.18
C VAL A 883 -21.77 18.27 -33.36
N CYS A 884 -21.82 18.44 -32.04
CA CYS A 884 -21.23 17.48 -31.12
C CYS A 884 -22.12 17.01 -29.96
N GLN A 885 -22.00 15.73 -29.63
CA GLN A 885 -22.77 15.09 -28.59
C GLN A 885 -21.93 14.80 -27.33
N VAL A 886 -22.18 15.58 -26.28
CA VAL A 886 -21.47 15.43 -25.02
C VAL A 886 -22.24 14.45 -24.13
N GLY A 887 -21.54 13.53 -23.47
CA GLY A 887 -22.24 12.60 -22.61
C GLY A 887 -22.81 13.26 -21.37
N ARG A 888 -21.93 13.82 -20.54
CA ARG A 888 -22.35 14.63 -19.41
C ARG A 888 -21.26 15.61 -18.98
N LEU A 889 -21.66 16.82 -18.62
CA LEU A 889 -20.76 17.72 -17.89
C LEU A 889 -21.28 17.76 -16.46
N ASP A 890 -20.56 17.14 -15.53
CA ASP A 890 -21.10 16.89 -14.20
C ASP A 890 -20.37 17.61 -13.07
N ARG A 891 -21.15 18.32 -12.25
CA ARG A 891 -20.63 18.99 -11.05
C ARG A 891 -19.41 19.85 -11.32
N GLY A 892 -19.61 20.96 -12.05
CA GLY A 892 -18.51 21.84 -12.36
C GLY A 892 -17.56 21.23 -13.38
N LYS A 893 -18.10 20.74 -14.49
CA LYS A 893 -17.29 20.08 -15.50
C LYS A 893 -17.49 20.69 -16.88
N SER A 894 -16.56 20.44 -17.80
CA SER A 894 -16.62 21.10 -19.10
C SER A 894 -15.97 20.35 -20.25
N ALA A 895 -16.49 20.59 -21.45
CA ALA A 895 -15.89 20.10 -22.69
C ALA A 895 -15.26 21.22 -23.51
N ILE A 896 -14.12 20.95 -24.13
CA ILE A 896 -13.39 22.00 -24.83
C ILE A 896 -12.87 21.53 -26.20
N LEU A 897 -13.17 22.31 -27.23
CA LEU A 897 -12.71 22.05 -28.59
C LEU A 897 -11.65 23.08 -28.99
N TYR A 898 -10.41 22.64 -29.23
CA TYR A 898 -9.39 23.56 -29.74
C TYR A 898 -9.19 23.43 -31.25
N VAL A 899 -9.66 24.42 -32.01
CA VAL A 899 -9.48 24.40 -33.46
C VAL A 899 -8.31 25.25 -33.96
N LYS A 900 -7.23 24.61 -34.37
CA LYS A 900 -6.07 25.30 -34.95
C LYS A 900 -6.14 25.37 -36.47
N SER A 901 -6.23 26.57 -37.04
CA SER A 901 -6.33 26.68 -38.50
C SER A 901 -5.29 27.63 -39.11
N LEU A 902 -5.03 27.47 -40.41
CA LEU A 902 -4.17 28.42 -41.11
C LEU A 902 -4.99 29.22 -42.13
N LEU A 903 -4.73 30.52 -42.25
CA LEU A 903 -5.40 31.34 -43.27
C LEU A 903 -4.80 31.16 -44.66
N TRP A 904 -5.63 30.82 -45.64
CA TRP A 904 -5.14 30.49 -46.98
C TRP A 904 -4.78 31.74 -47.77
N THR A 905 -3.63 31.69 -48.46
CA THR A 905 -3.17 32.86 -49.19
C THR A 905 -4.15 33.20 -50.29
N GLU A 906 -4.61 32.19 -51.04
CA GLU A 906 -5.59 32.37 -52.10
C GLU A 906 -6.58 33.43 -51.63
N THR A 907 -7.11 33.15 -50.45
CA THR A 907 -8.10 33.94 -49.75
C THR A 907 -7.53 35.34 -49.55
N PHE A 908 -6.30 35.35 -49.03
CA PHE A 908 -5.65 36.58 -48.58
C PHE A 908 -5.22 37.49 -49.73
N MET A 909 -5.46 37.09 -50.97
CA MET A 909 -5.30 38.00 -52.10
C MET A 909 -6.14 39.26 -51.88
N ASN A 910 -5.65 40.39 -52.39
CA ASN A 910 -6.17 41.72 -52.06
C ASN A 910 -7.69 41.90 -52.19
N LYS A 911 -8.29 41.22 -53.15
CA LYS A 911 -9.75 41.26 -53.35
C LYS A 911 -10.26 42.68 -53.64
N GLU A 912 -9.98 43.17 -54.84
CA GLU A 912 -10.41 44.50 -55.27
C GLU A 912 -9.91 45.60 -54.36
N ASN A 913 -10.82 46.28 -53.67
CA ASN A 913 -10.47 47.31 -52.72
C ASN A 913 -9.37 46.85 -51.76
N GLN A 914 -8.43 47.74 -51.48
CA GLN A 914 -7.21 47.39 -50.77
C GLN A 914 -7.48 47.00 -49.32
N ASN A 915 -6.41 46.73 -48.58
CA ASN A 915 -6.50 46.08 -47.28
C ASN A 915 -7.46 46.77 -46.34
N HIS A 916 -8.40 46.00 -45.81
CA HIS A 916 -9.44 46.50 -44.92
C HIS A 916 -9.54 45.64 -43.68
N SER A 917 -10.47 45.99 -42.80
CA SER A 917 -10.66 45.25 -41.55
C SER A 917 -11.75 44.19 -41.70
N TYR A 918 -11.38 42.93 -41.52
CA TYR A 918 -12.35 41.84 -41.54
C TYR A 918 -12.50 41.23 -40.16
N SER A 919 -13.73 40.94 -39.75
CA SER A 919 -13.94 40.25 -38.49
C SER A 919 -14.42 38.82 -38.72
N LEU A 920 -13.50 37.89 -38.57
CA LEU A 920 -13.80 36.48 -38.81
C LEU A 920 -14.50 35.94 -37.57
N LYS A 921 -15.78 35.62 -37.73
CA LYS A 921 -16.57 35.16 -36.61
C LYS A 921 -17.01 33.71 -36.76
N SER A 922 -16.70 32.92 -35.72
CA SER A 922 -17.28 31.61 -35.53
C SER A 922 -18.28 31.71 -34.39
N SER A 923 -19.24 30.81 -34.34
CA SER A 923 -20.22 30.82 -33.25
C SER A 923 -20.53 29.44 -32.70
N ALA A 924 -20.82 29.36 -31.40
CA ALA A 924 -21.17 28.09 -30.78
C ALA A 924 -22.42 28.28 -29.92
N SER A 925 -23.43 27.45 -30.15
CA SER A 925 -24.64 27.52 -29.33
C SER A 925 -24.87 26.22 -28.55
N PHE A 926 -25.71 26.29 -27.54
CA PHE A 926 -26.08 25.09 -26.78
C PHE A 926 -27.55 25.01 -26.39
N ASN A 927 -28.01 23.79 -26.14
CA ASN A 927 -29.34 23.52 -25.58
C ASN A 927 -29.24 22.37 -24.57
N VAL A 928 -29.66 22.61 -23.33
CA VAL A 928 -29.66 21.52 -22.35
C VAL A 928 -30.88 20.58 -22.35
N ILE A 929 -30.57 19.31 -22.52
CA ILE A 929 -31.52 18.22 -22.70
C ILE A 929 -31.64 17.22 -21.54
N GLU A 930 -32.87 16.83 -21.21
CA GLU A 930 -33.18 15.90 -20.11
C GLU A 930 -32.76 16.22 -18.67
N PHE A 931 -33.46 17.13 -18.01
CA PHE A 931 -33.28 17.34 -16.57
C PHE A 931 -33.54 16.04 -15.80
N PRO A 932 -32.95 15.90 -14.60
CA PRO A 932 -32.87 14.69 -13.79
C PRO A 932 -34.21 14.11 -13.29
N TYR A 933 -35.12 14.94 -12.80
CA TYR A 933 -36.35 14.41 -12.22
C TYR A 933 -37.61 15.06 -12.79
N LYS A 934 -38.68 14.26 -12.89
CA LYS A 934 -39.94 14.74 -13.44
C LYS A 934 -40.66 15.64 -12.46
N ASN A 935 -40.65 15.25 -11.19
CA ASN A 935 -41.20 16.09 -10.13
C ASN A 935 -40.39 17.38 -10.04
N LEU A 936 -41.05 18.44 -9.57
CA LEU A 936 -40.48 19.79 -9.53
C LEU A 936 -40.28 20.37 -10.93
N PRO A 937 -40.05 21.69 -11.01
CA PRO A 937 -39.90 22.51 -12.21
C PRO A 937 -38.56 22.34 -12.94
N ILE A 938 -38.46 21.32 -13.79
CA ILE A 938 -37.28 21.15 -14.63
C ILE A 938 -37.09 22.43 -15.45
N GLU A 939 -35.91 23.03 -15.35
CA GLU A 939 -35.69 24.35 -15.94
C GLU A 939 -35.00 24.33 -17.30
N ASP A 940 -35.56 25.08 -18.23
CA ASP A 940 -34.97 25.22 -19.56
C ASP A 940 -33.73 26.10 -19.52
N ILE A 941 -32.63 25.59 -20.05
CA ILE A 941 -31.41 26.39 -20.14
C ILE A 941 -30.97 26.56 -21.58
N THR A 942 -30.71 27.80 -21.97
CA THR A 942 -30.31 28.13 -23.34
C THR A 942 -29.16 29.13 -23.37
N ASN A 943 -28.22 28.94 -24.28
CA ASN A 943 -27.18 29.94 -24.52
C ASN A 943 -26.39 29.70 -25.81
N SER A 944 -25.48 30.63 -26.12
CA SER A 944 -24.68 30.58 -27.33
C SER A 944 -23.43 31.44 -27.18
N THR A 945 -22.43 31.24 -28.05
CA THR A 945 -21.27 32.14 -28.01
C THR A 945 -20.80 32.51 -29.41
N LEU A 946 -20.03 33.59 -29.52
CA LEU A 946 -19.33 33.95 -30.75
C LEU A 946 -17.85 34.29 -30.52
N VAL A 947 -16.95 33.79 -31.37
CA VAL A 947 -15.55 34.21 -31.28
C VAL A 947 -15.11 34.98 -32.52
N THR A 948 -14.20 35.94 -32.37
CA THR A 948 -13.91 36.87 -33.46
C THR A 948 -12.40 36.99 -33.69
N THR A 949 -12.01 37.14 -34.95
CA THR A 949 -10.62 37.41 -35.32
C THR A 949 -10.44 38.64 -36.20
N ASN A 950 -9.95 39.75 -35.65
CA ASN A 950 -9.86 40.95 -36.47
C ASN A 950 -8.58 40.97 -37.31
N VAL A 951 -8.78 41.01 -38.63
CA VAL A 951 -7.73 41.08 -39.63
C VAL A 951 -7.58 42.48 -40.23
N THR A 952 -6.41 43.07 -40.01
CA THR A 952 -6.08 44.41 -40.53
C THR A 952 -4.68 44.39 -41.13
N TRP A 953 -4.29 45.48 -41.79
CA TRP A 953 -2.97 45.56 -42.40
C TRP A 953 -2.00 46.32 -41.50
N GLY B 1 -20.81 52.56 29.02
CA GLY B 1 -20.19 52.64 30.33
C GLY B 1 -19.99 51.28 30.96
N PRO B 2 -21.00 50.80 31.69
CA PRO B 2 -21.00 49.51 32.39
C PRO B 2 -21.00 48.31 31.44
N ASN B 3 -21.25 48.55 30.16
CA ASN B 3 -21.68 47.51 29.21
C ASN B 3 -20.97 46.15 29.29
N ILE B 4 -19.65 46.14 29.30
CA ILE B 4 -18.94 44.87 29.45
C ILE B 4 -18.24 44.84 30.79
N CYS B 5 -17.62 43.71 31.11
CA CYS B 5 -16.90 43.47 32.37
C CYS B 5 -17.90 43.34 33.53
N THR B 6 -18.94 44.16 33.49
CA THR B 6 -20.01 44.19 34.50
C THR B 6 -20.75 42.85 34.49
N THR B 7 -21.03 42.40 33.27
CA THR B 7 -21.81 41.21 32.97
C THR B 7 -21.03 39.95 33.32
N ARG B 8 -19.71 40.03 33.28
CA ARG B 8 -18.89 38.86 33.50
C ARG B 8 -18.26 39.05 34.87
N GLY B 9 -18.02 37.95 35.57
CA GLY B 9 -18.07 37.92 37.02
C GLY B 9 -17.41 39.00 37.84
N VAL B 10 -16.33 39.59 37.32
CA VAL B 10 -15.41 40.38 38.14
C VAL B 10 -15.04 39.47 39.29
N SER B 11 -15.42 39.83 40.52
CA SER B 11 -15.09 39.08 41.74
C SER B 11 -13.60 39.17 42.06
N SER B 12 -12.82 39.67 41.10
CA SER B 12 -11.40 39.91 41.33
C SER B 12 -10.81 40.89 40.30
N CYS B 13 -9.69 41.50 40.69
CA CYS B 13 -8.93 42.40 39.82
C CYS B 13 -8.30 41.56 38.72
N GLN B 14 -7.70 40.45 39.15
CA GLN B 14 -7.07 39.50 38.27
C GLN B 14 -8.13 38.96 37.33
N GLN B 15 -9.31 38.65 37.87
CA GLN B 15 -10.45 38.24 37.05
C GLN B 15 -10.79 39.28 35.98
N CYS B 16 -10.82 40.56 36.36
CA CYS B 16 -11.11 41.65 35.43
C CYS B 16 -10.11 41.70 34.27
N LEU B 17 -8.82 41.62 34.60
CA LEU B 17 -7.82 41.59 33.55
C LEU B 17 -7.98 40.34 32.71
N ALA B 18 -8.11 39.17 33.36
CA ALA B 18 -8.27 37.92 32.63
C ALA B 18 -9.49 38.00 31.72
N VAL B 19 -10.42 38.88 32.07
CA VAL B 19 -11.64 39.07 31.28
C VAL B 19 -11.16 39.71 30.00
N SER B 20 -10.42 40.81 30.15
CA SER B 20 -9.82 41.46 28.98
C SER B 20 -8.90 42.62 29.35
N PRO B 21 -7.84 42.82 28.54
CA PRO B 21 -6.92 43.97 28.66
C PRO B 21 -7.62 45.31 28.41
N MET B 22 -8.81 45.25 27.82
CA MET B 22 -9.59 46.45 27.53
C MET B 22 -10.35 46.91 28.78
N CYS B 23 -10.16 46.17 29.87
CA CYS B 23 -10.86 46.43 31.12
C CYS B 23 -9.91 47.04 32.16
N ALA B 24 -10.45 47.83 33.08
CA ALA B 24 -9.64 48.45 34.12
C ALA B 24 -10.29 48.29 35.49
N TRP B 25 -9.46 48.36 36.54
CA TRP B 25 -9.91 48.11 37.91
C TRP B 25 -9.25 49.09 38.89
N CYS B 26 -9.64 49.03 40.16
CA CYS B 26 -9.07 49.89 41.20
C CYS B 26 -8.53 49.12 42.40
N SER B 27 -7.73 49.79 43.22
CA SER B 27 -7.11 49.16 44.38
C SER B 27 -7.20 50.02 45.64
N ASP B 28 -6.89 49.42 46.78
CA ASP B 28 -7.02 50.06 48.09
C ASP B 28 -8.46 50.54 48.26
N GLU B 29 -8.65 51.72 48.84
CA GLU B 29 -9.94 52.36 48.71
C GLU B 29 -9.76 53.67 47.93
N ALA B 30 -10.11 53.63 46.65
CA ALA B 30 -10.08 54.82 45.82
C ALA B 30 -11.36 55.63 45.99
N LEU B 31 -12.48 54.92 45.86
CA LEU B 31 -13.80 55.49 46.02
C LEU B 31 -14.72 54.48 46.68
N PRO B 32 -14.59 54.31 48.00
CA PRO B 32 -15.43 53.35 48.72
C PRO B 32 -16.91 53.68 48.63
N LEU B 33 -17.71 52.69 48.27
CA LEU B 33 -19.17 52.85 48.10
C LEU B 33 -19.51 53.92 47.07
N GLY B 34 -18.62 54.09 46.10
CA GLY B 34 -18.80 55.11 45.08
C GLY B 34 -19.33 54.59 43.76
N SER B 35 -18.90 55.20 42.66
CA SER B 35 -19.36 54.82 41.33
C SER B 35 -18.93 53.41 40.96
N PRO B 36 -19.63 52.87 39.97
CA PRO B 36 -19.54 51.46 39.57
C PRO B 36 -18.13 50.90 39.58
N ARG B 37 -18.05 49.59 39.50
CA ARG B 37 -16.78 48.86 39.44
C ARG B 37 -16.49 48.40 38.02
N CYS B 38 -15.21 48.31 37.68
CA CYS B 38 -14.76 47.98 36.33
C CYS B 38 -15.27 48.99 35.31
N ASP B 39 -16.12 48.53 34.39
CA ASP B 39 -16.75 49.41 33.39
C ASP B 39 -15.76 50.14 32.47
N LEU B 40 -14.93 49.35 31.78
CA LEU B 40 -14.02 49.82 30.73
C LEU B 40 -12.95 50.83 31.18
N LYS B 41 -12.73 51.86 30.36
CA LYS B 41 -11.60 52.76 30.57
C LYS B 41 -11.93 54.24 30.45
N GLU B 42 -11.05 55.06 31.04
CA GLU B 42 -11.09 56.52 31.04
C GLU B 42 -12.20 57.04 31.96
N ASN B 43 -13.35 56.38 31.91
CA ASN B 43 -14.49 56.71 32.76
C ASN B 43 -14.13 56.52 34.23
N LEU B 44 -13.52 55.36 34.47
CA LEU B 44 -13.04 54.95 35.78
C LEU B 44 -11.95 55.89 36.25
N LEU B 45 -11.11 56.33 35.32
CA LEU B 45 -10.07 57.29 35.64
C LEU B 45 -10.69 58.64 36.02
N LYS B 46 -11.74 59.02 35.29
CA LYS B 46 -12.48 60.25 35.55
C LYS B 46 -13.12 60.29 36.93
N ASP B 47 -13.74 59.19 37.38
CA ASP B 47 -14.25 59.21 38.75
C ASP B 47 -13.18 58.63 39.68
N ASN B 48 -12.65 59.47 40.56
CA ASN B 48 -11.64 59.04 41.51
C ASN B 48 -10.42 58.42 40.83
N CYS B 49 -10.29 57.10 40.94
CA CYS B 49 -8.99 56.45 40.78
C CYS B 49 -8.32 56.56 39.41
N ALA B 50 -7.20 55.86 39.32
CA ALA B 50 -6.06 56.15 38.45
C ALA B 50 -5.39 57.53 38.67
N PRO B 51 -5.31 57.96 39.94
CA PRO B 51 -4.02 58.27 40.56
C PRO B 51 -3.47 56.95 41.10
N GLU B 52 -2.16 56.83 41.30
CA GLU B 52 -1.58 55.65 41.95
C GLU B 52 -2.06 54.36 41.31
N SER B 53 -2.75 53.52 42.09
CA SER B 53 -3.10 52.21 41.58
C SER B 53 -4.49 52.17 40.97
N ILE B 54 -4.51 52.17 39.64
CA ILE B 54 -5.52 51.54 38.83
C ILE B 54 -4.66 50.88 37.77
N GLU B 55 -4.64 49.55 37.74
CA GLU B 55 -3.69 48.89 36.86
C GLU B 55 -4.35 48.34 35.61
N PHE B 56 -4.12 49.00 34.49
CA PHE B 56 -4.53 48.48 33.20
C PHE B 56 -3.27 48.28 32.36
N PRO B 57 -2.84 47.02 32.22
CA PRO B 57 -1.60 46.72 31.51
C PRO B 57 -1.72 46.80 30.00
N VAL B 58 -0.66 47.22 29.32
CA VAL B 58 -0.62 47.19 27.87
C VAL B 58 0.40 46.15 27.43
N SER B 59 0.10 45.43 26.35
CA SER B 59 1.06 44.45 25.84
C SER B 59 2.14 45.19 25.06
N GLU B 60 3.31 44.57 24.96
CA GLU B 60 4.49 45.25 24.44
C GLU B 60 5.41 44.28 23.70
N ALA B 61 6.26 44.83 22.85
CA ALA B 61 7.31 44.06 22.19
C ALA B 61 8.58 44.89 22.01
N ARG B 62 9.21 45.22 23.13
CA ARG B 62 10.46 45.98 23.15
C ARG B 62 11.54 45.20 22.40
N VAL B 63 12.18 45.84 21.42
CA VAL B 63 13.34 45.27 20.75
C VAL B 63 14.59 45.31 21.62
N LEU B 64 15.16 44.13 21.83
CA LEU B 64 16.37 43.97 22.65
C LEU B 64 17.67 44.12 21.86
N GLU B 65 17.69 43.61 20.63
CA GLU B 65 18.87 43.77 19.79
C GLU B 65 18.50 44.11 18.35
N ASP B 66 19.01 45.21 17.86
CA ASP B 66 18.99 45.45 16.43
C ASP B 66 20.37 45.88 15.97
N ARG B 67 21.06 44.95 15.32
CA ARG B 67 22.30 45.25 14.63
C ARG B 67 22.00 45.51 13.17
N PRO B 68 22.78 46.39 12.52
CA PRO B 68 22.42 46.73 11.14
C PRO B 68 22.59 45.57 10.18
N LEU B 69 21.65 45.37 9.27
CA LEU B 69 21.80 44.33 8.27
C LEU B 69 23.04 44.71 7.47
N SER B 70 23.93 43.75 7.23
CA SER B 70 25.21 44.08 6.62
C SER B 70 25.05 44.35 5.13
N ASP B 71 26.15 44.80 4.53
CA ASP B 71 26.20 45.08 3.11
C ASP B 71 27.14 44.11 2.41
N LYS B 72 28.42 44.16 2.79
CA LYS B 72 29.43 43.25 2.28
C LYS B 72 29.80 42.25 3.38
N GLY B 73 29.58 40.97 3.12
CA GLY B 73 29.86 39.95 4.11
C GLY B 73 31.19 39.25 3.87
N SER B 74 32.04 39.87 3.06
CA SER B 74 33.32 39.28 2.73
C SER B 74 34.33 39.35 3.89
N GLY B 75 34.84 40.55 4.17
CA GLY B 75 35.86 40.68 5.19
C GLY B 75 35.46 40.39 6.62
N ASP B 76 36.03 39.31 7.15
CA ASP B 76 36.07 38.95 8.57
C ASP B 76 34.82 39.24 9.39
N SER B 77 35.06 39.68 10.63
CA SER B 77 34.11 40.31 11.53
C SER B 77 32.93 39.44 11.94
N SER B 78 32.61 38.44 11.11
CA SER B 78 31.46 37.55 11.31
C SER B 78 30.22 38.34 11.74
N GLN B 79 30.09 39.57 11.27
CA GLN B 79 29.03 40.45 11.74
C GLN B 79 27.67 40.07 11.15
N VAL B 80 27.65 39.79 9.85
CA VAL B 80 26.46 39.23 9.22
C VAL B 80 25.23 40.11 9.51
N THR B 81 24.31 39.62 10.35
CA THR B 81 23.14 40.39 10.80
C THR B 81 21.94 40.31 9.86
N GLN B 82 22.04 39.45 8.85
CA GLN B 82 21.04 39.34 7.78
C GLN B 82 19.57 39.23 8.25
N VAL B 83 19.35 38.90 9.52
CA VAL B 83 18.02 38.98 10.13
C VAL B 83 17.99 40.23 11.02
N SER B 84 17.09 41.17 10.75
CA SER B 84 17.28 42.53 11.25
C SER B 84 17.21 42.71 12.78
N PRO B 85 16.04 42.47 13.44
CA PRO B 85 16.27 42.40 14.89
C PRO B 85 16.71 41.00 15.23
N GLN B 86 17.70 40.84 16.09
CA GLN B 86 18.13 39.48 16.42
C GLN B 86 17.29 38.92 17.56
N ARG B 87 16.97 39.76 18.54
CA ARG B 87 16.04 39.34 19.58
C ARG B 87 15.21 40.47 20.19
N ILE B 88 13.96 40.14 20.51
CA ILE B 88 12.94 41.12 20.86
C ILE B 88 12.01 40.52 21.91
N ALA B 89 11.86 41.22 23.02
CA ALA B 89 11.13 40.73 24.15
C ALA B 89 9.70 41.26 24.16
N LEU B 90 8.76 40.33 24.18
CA LEU B 90 7.35 40.63 24.06
C LEU B 90 6.73 40.26 25.40
N ARG B 91 5.99 41.19 25.98
CA ARG B 91 5.22 40.89 27.17
C ARG B 91 3.73 41.08 26.87
N LEU B 92 2.97 40.00 26.89
CA LEU B 92 1.54 40.12 26.62
C LEU B 92 0.60 39.84 27.78
N ARG B 93 -0.44 40.69 27.86
CA ARG B 93 -1.55 40.53 28.79
C ARG B 93 -2.51 39.48 28.24
N PRO B 94 -3.48 39.01 29.06
CA PRO B 94 -4.26 37.84 28.60
C PRO B 94 -5.17 38.10 27.39
N ASP B 95 -5.19 37.14 26.47
CA ASP B 95 -6.01 37.21 25.26
C ASP B 95 -5.74 38.43 24.38
N ASP B 96 -4.55 39.00 24.49
CA ASP B 96 -4.22 40.18 23.72
C ASP B 96 -3.30 39.82 22.56
N SER B 97 -2.99 40.78 21.72
CA SER B 97 -2.01 40.58 20.68
C SER B 97 -1.15 41.82 20.52
N LYS B 98 0.06 41.62 20.05
CA LYS B 98 0.93 42.71 19.67
C LYS B 98 1.70 42.33 18.43
N ASN B 99 1.90 43.30 17.56
CA ASN B 99 2.54 43.09 16.28
C ASN B 99 3.98 43.63 16.28
N PHE B 100 4.80 43.13 15.36
CA PHE B 100 6.18 43.59 15.21
C PHE B 100 6.70 43.16 13.84
N SER B 101 7.92 43.54 13.46
CA SER B 101 8.42 43.17 12.14
C SER B 101 9.87 42.67 12.09
N ILE B 102 10.23 42.06 10.96
CA ILE B 102 11.56 41.48 10.79
C ILE B 102 12.01 41.61 9.32
N GLN B 103 13.18 42.21 9.12
CA GLN B 103 13.72 42.42 7.77
C GLN B 103 14.81 41.43 7.43
N VAL B 104 14.57 40.49 6.51
CA VAL B 104 15.66 39.58 6.15
C VAL B 104 16.36 40.06 4.89
N ARG B 105 17.70 39.94 4.87
CA ARG B 105 18.51 40.39 3.75
C ARG B 105 19.48 39.30 3.29
N GLN B 106 19.62 39.10 2.00
CA GLN B 106 20.64 38.18 1.50
C GLN B 106 21.89 38.99 1.18
N VAL B 107 22.94 38.78 1.96
CA VAL B 107 24.13 39.63 1.87
C VAL B 107 24.92 39.34 0.60
N GLU B 108 25.30 40.40 -0.10
CA GLU B 108 26.13 40.25 -1.28
C GLU B 108 27.50 39.75 -0.86
N ASP B 109 28.07 38.84 -1.63
CA ASP B 109 29.42 38.31 -1.37
C ASP B 109 29.48 37.53 -0.05
N TYR B 110 28.39 36.83 0.26
CA TYR B 110 28.36 35.87 1.37
C TYR B 110 29.12 34.64 0.89
N PRO B 111 29.99 34.05 1.73
CA PRO B 111 30.78 32.89 1.28
C PRO B 111 29.94 31.64 0.99
N VAL B 112 30.49 30.73 0.18
CA VAL B 112 29.76 29.51 -0.16
C VAL B 112 30.63 28.26 -0.08
N ASP B 113 30.11 27.24 0.58
CA ASP B 113 30.67 25.89 0.62
C ASP B 113 29.96 24.96 -0.38
N ILE B 114 30.72 24.15 -1.11
CA ILE B 114 30.12 23.18 -2.02
C ILE B 114 30.72 21.79 -1.79
N TYR B 115 29.95 20.89 -1.18
CA TYR B 115 30.41 19.53 -0.97
C TYR B 115 29.82 18.63 -2.04
N TYR B 116 30.72 18.00 -2.80
CA TYR B 116 30.36 17.19 -3.95
C TYR B 116 30.28 15.73 -3.53
N LEU B 117 29.06 15.21 -3.50
CA LEU B 117 28.74 13.86 -3.08
C LEU B 117 28.29 13.11 -4.32
N MET B 118 29.11 12.19 -4.78
CA MET B 118 28.88 11.59 -6.08
C MET B 118 28.73 10.07 -6.05
N ASP B 119 27.79 9.59 -6.86
CA ASP B 119 27.68 8.18 -7.15
C ASP B 119 28.98 7.72 -7.81
N LEU B 120 29.63 6.71 -7.23
CA LEU B 120 30.81 6.09 -7.83
C LEU B 120 30.54 4.75 -8.49
N SER B 121 29.26 4.42 -8.68
CA SER B 121 28.89 3.20 -9.38
C SER B 121 29.46 3.21 -10.80
N TYR B 122 29.61 2.02 -11.38
CA TYR B 122 30.26 1.83 -12.68
C TYR B 122 29.77 2.80 -13.75
N SER B 123 28.47 3.10 -13.73
CA SER B 123 27.85 4.04 -14.67
C SER B 123 28.49 5.43 -14.67
N MET B 124 29.18 5.75 -13.57
CA MET B 124 29.76 7.07 -13.31
C MET B 124 31.24 7.24 -13.68
N LYS B 125 31.80 6.31 -14.44
CA LYS B 125 33.22 6.39 -14.81
C LYS B 125 33.48 7.55 -15.75
N ASP B 126 32.54 7.73 -16.68
CA ASP B 126 32.60 8.80 -17.64
C ASP B 126 32.37 10.11 -16.94
N ASP B 127 31.64 10.00 -15.83
CA ASP B 127 31.42 11.13 -14.97
C ASP B 127 32.74 11.55 -14.35
N LEU B 128 33.41 10.67 -13.59
CA LEU B 128 34.70 11.06 -12.98
C LEU B 128 35.66 11.70 -14.01
N TRP B 129 35.62 11.09 -15.20
CA TRP B 129 36.46 11.54 -16.31
C TRP B 129 36.16 12.98 -16.62
N SER B 130 34.88 13.30 -16.78
CA SER B 130 34.54 14.66 -17.15
C SER B 130 34.61 15.61 -15.95
N ILE B 131 34.69 15.07 -14.74
CA ILE B 131 34.85 15.90 -13.55
C ILE B 131 36.24 16.50 -13.41
N GLN B 132 37.28 15.71 -13.68
CA GLN B 132 38.61 16.00 -13.09
C GLN B 132 39.07 17.48 -13.10
N ASN B 133 38.69 18.25 -14.11
CA ASN B 133 39.03 19.69 -14.11
C ASN B 133 37.92 20.62 -13.60
N LEU B 134 36.77 20.06 -13.21
CA LEU B 134 35.63 20.86 -12.77
C LEU B 134 35.87 21.66 -11.50
N GLY B 135 36.75 21.16 -10.63
CA GLY B 135 37.01 21.86 -9.38
C GLY B 135 37.46 23.29 -9.63
N THR B 136 38.53 23.43 -10.41
CA THR B 136 39.11 24.73 -10.74
C THR B 136 38.22 25.63 -11.62
N LYS B 137 37.49 25.02 -12.54
CA LYS B 137 36.55 25.72 -13.40
C LYS B 137 35.37 26.29 -12.59
N LEU B 138 34.89 25.50 -11.64
CA LEU B 138 33.83 25.95 -10.77
C LEU B 138 34.41 27.04 -9.90
N ALA B 139 35.67 26.88 -9.52
CA ALA B 139 36.29 27.86 -8.64
C ALA B 139 36.31 29.20 -9.36
N THR B 140 36.57 29.16 -10.68
CA THR B 140 36.66 30.40 -11.44
C THR B 140 35.29 31.05 -11.62
N GLN B 141 34.22 30.25 -11.66
CA GLN B 141 32.89 30.88 -11.75
C GLN B 141 32.44 31.44 -10.38
N MET B 142 32.55 30.61 -9.35
CA MET B 142 32.12 31.09 -8.05
C MET B 142 32.94 32.29 -7.59
N ARG B 143 34.24 32.36 -7.90
CA ARG B 143 35.00 33.59 -7.74
C ARG B 143 34.23 34.85 -8.11
N LYS B 144 33.46 34.70 -9.19
CA LYS B 144 32.66 35.75 -9.76
C LYS B 144 31.57 36.00 -8.71
N LEU B 145 30.80 34.95 -8.38
CA LEU B 145 29.69 35.27 -7.47
C LEU B 145 30.01 35.57 -5.97
N THR B 146 31.01 34.95 -5.38
CA THR B 146 31.36 35.19 -3.98
C THR B 146 32.87 35.08 -3.72
N SER B 147 33.41 36.00 -2.93
CA SER B 147 34.86 36.07 -2.65
C SER B 147 35.47 34.77 -2.15
N ASN B 148 35.12 34.39 -0.93
CA ASN B 148 35.70 33.23 -0.27
C ASN B 148 34.91 31.97 -0.53
N LEU B 149 35.48 31.04 -1.29
CA LEU B 149 34.82 29.78 -1.57
C LEU B 149 35.68 28.62 -1.09
N ARG B 150 35.04 27.55 -0.65
CA ARG B 150 35.73 26.31 -0.34
C ARG B 150 34.90 25.07 -0.71
N ILE B 151 35.57 24.05 -1.23
CA ILE B 151 34.91 22.83 -1.73
C ILE B 151 35.42 21.52 -1.13
N GLY B 152 34.60 20.46 -1.20
CA GLY B 152 35.02 19.16 -0.69
C GLY B 152 34.51 18.00 -1.56
N PHE B 153 34.69 16.77 -1.10
CA PHE B 153 34.29 15.62 -1.92
C PHE B 153 34.00 14.33 -1.13
N GLY B 154 33.04 13.53 -1.61
CA GLY B 154 32.72 12.23 -1.03
C GLY B 154 31.99 11.36 -2.04
N ALA B 155 32.10 10.04 -1.92
CA ALA B 155 31.45 9.16 -2.91
C ALA B 155 30.76 7.94 -2.26
N PHE B 156 29.76 7.40 -2.96
CA PHE B 156 28.98 6.28 -2.39
C PHE B 156 28.53 5.20 -3.39
N VAL B 157 28.54 3.94 -2.95
CA VAL B 157 27.74 2.91 -3.61
C VAL B 157 27.06 2.00 -2.57
N ASP B 158 25.74 2.13 -2.44
CA ASP B 158 24.90 1.29 -1.58
C ASP B 158 25.54 1.02 -0.22
N LYS B 159 25.51 -0.23 0.23
CA LYS B 159 26.18 -0.66 1.47
C LYS B 159 26.76 -2.07 1.31
N PRO B 160 27.97 -2.30 1.84
CA PRO B 160 28.77 -3.45 1.41
C PRO B 160 28.61 -4.81 2.10
N VAL B 161 27.40 -5.30 2.30
CA VAL B 161 27.15 -6.63 2.86
C VAL B 161 25.75 -7.03 2.39
N SER B 162 25.47 -8.33 2.26
CA SER B 162 24.11 -8.82 1.98
C SER B 162 23.75 -8.51 0.52
N PRO B 163 22.59 -8.99 0.01
CA PRO B 163 22.21 -8.84 -1.40
C PRO B 163 22.54 -7.50 -2.08
N TYR B 164 22.54 -6.38 -1.35
CA TYR B 164 22.95 -5.10 -1.93
C TYR B 164 24.29 -5.23 -2.61
N MET B 165 25.25 -5.84 -1.91
CA MET B 165 26.54 -6.16 -2.49
C MET B 165 26.52 -7.61 -2.95
N TYR B 166 27.59 -8.06 -3.58
CA TYR B 166 27.70 -9.48 -3.87
C TYR B 166 28.42 -10.19 -2.72
N ILE B 167 27.80 -11.30 -2.31
CA ILE B 167 28.09 -12.05 -1.08
C ILE B 167 29.46 -12.74 -1.20
N SER B 168 30.13 -12.49 -2.32
CA SER B 168 31.44 -13.04 -2.65
C SER B 168 31.46 -14.54 -2.92
N PRO B 169 30.73 -14.98 -3.95
CA PRO B 169 31.12 -16.30 -4.45
C PRO B 169 32.56 -16.35 -5.02
N PRO B 170 32.96 -15.42 -5.93
CA PRO B 170 34.30 -15.52 -6.51
C PRO B 170 35.41 -14.66 -5.90
N GLU B 171 36.54 -14.73 -6.61
CA GLU B 171 37.68 -13.81 -6.61
C GLU B 171 37.28 -12.33 -6.63
N ALA B 172 36.14 -12.07 -7.26
CA ALA B 172 35.57 -10.75 -7.46
C ALA B 172 35.10 -10.11 -6.16
N LEU B 173 35.23 -10.84 -5.07
CA LEU B 173 35.01 -10.24 -3.77
C LEU B 173 36.06 -9.16 -3.53
N GLU B 174 37.21 -9.29 -4.17
CA GLU B 174 38.15 -8.17 -4.22
C GLU B 174 37.95 -7.29 -5.46
N ASN B 175 37.22 -7.80 -6.45
CA ASN B 175 37.08 -7.12 -7.73
C ASN B 175 35.71 -7.31 -8.38
N PRO B 176 34.71 -6.52 -7.97
CA PRO B 176 33.30 -6.70 -8.37
C PRO B 176 33.11 -6.95 -9.85
N CYS B 177 33.98 -6.40 -10.71
CA CYS B 177 33.91 -6.80 -12.09
C CYS B 177 35.08 -7.72 -12.41
N TYR B 178 34.83 -9.03 -12.32
CA TYR B 178 35.73 -10.05 -12.84
C TYR B 178 35.41 -10.41 -14.28
N ASP B 179 34.11 -10.53 -14.53
CA ASP B 179 33.58 -10.96 -15.82
C ASP B 179 33.90 -10.00 -16.96
N MET B 180 33.83 -8.71 -16.67
CA MET B 180 34.05 -7.69 -17.68
C MET B 180 35.53 -7.41 -17.88
N LYS B 181 36.35 -8.17 -17.15
CA LYS B 181 37.81 -8.10 -17.27
C LYS B 181 38.35 -6.69 -17.01
N THR B 182 37.62 -5.94 -16.20
CA THR B 182 38.04 -4.60 -15.81
C THR B 182 38.05 -4.48 -14.29
N THR B 183 39.23 -4.28 -13.72
CA THR B 183 39.36 -4.17 -12.27
C THR B 183 38.69 -2.90 -11.78
N CYS B 184 38.00 -3.03 -10.65
CA CYS B 184 37.31 -1.90 -10.05
C CYS B 184 37.31 -2.07 -8.54
N LEU B 185 37.23 -0.96 -7.82
CA LEU B 185 37.28 -1.04 -6.36
C LEU B 185 36.03 -1.75 -5.86
N PRO B 186 36.19 -2.62 -4.85
CA PRO B 186 35.02 -3.27 -4.26
C PRO B 186 34.04 -2.24 -3.69
N MET B 187 32.79 -2.65 -3.52
CA MET B 187 31.74 -1.76 -3.05
C MET B 187 32.05 -1.19 -1.67
N PHE B 188 31.83 0.12 -1.51
CA PHE B 188 32.00 0.77 -0.22
C PHE B 188 30.71 1.54 0.12
N GLY B 189 30.35 1.59 1.39
CA GLY B 189 29.12 2.29 1.78
C GLY B 189 29.14 3.79 1.61
N TYR B 190 30.02 4.47 2.33
CA TYR B 190 30.26 5.91 2.16
C TYR B 190 31.72 6.25 2.39
N LYS B 191 32.32 6.97 1.45
CA LYS B 191 33.74 7.29 1.56
C LYS B 191 33.95 8.80 1.43
N HIS B 192 34.34 9.43 2.54
CA HIS B 192 34.72 10.82 2.55
C HIS B 192 36.13 10.97 2.01
N VAL B 193 36.27 11.78 0.97
CA VAL B 193 37.55 11.96 0.31
C VAL B 193 38.24 13.27 0.69
N LEU B 194 37.57 14.38 0.44
CA LEU B 194 38.19 15.69 0.62
C LEU B 194 37.43 16.57 1.60
N THR B 195 38.11 16.99 2.65
CA THR B 195 37.53 17.96 3.57
C THR B 195 37.48 19.31 2.88
N LEU B 196 36.46 20.11 3.21
CA LEU B 196 36.26 21.40 2.57
C LEU B 196 37.50 22.27 2.68
N THR B 197 38.00 22.75 1.54
CA THR B 197 39.17 23.61 1.52
C THR B 197 39.01 24.72 0.50
N ASP B 198 39.66 25.85 0.79
CA ASP B 198 39.69 26.97 -0.14
C ASP B 198 40.73 26.63 -1.19
N GLN B 199 41.41 25.52 -0.96
CA GLN B 199 42.34 24.95 -1.93
C GLN B 199 41.55 23.97 -2.81
N VAL B 200 41.35 24.42 -4.05
CA VAL B 200 40.58 23.71 -5.07
C VAL B 200 41.42 22.59 -5.71
N THR B 201 42.70 22.90 -5.87
CA THR B 201 43.62 21.98 -6.49
C THR B 201 43.57 20.62 -5.80
N ARG B 202 43.43 20.57 -4.47
CA ARG B 202 43.46 19.25 -3.85
C ARG B 202 42.17 18.47 -4.11
N PHE B 203 41.12 19.21 -4.49
CA PHE B 203 39.90 18.58 -4.97
C PHE B 203 40.23 17.85 -6.24
N ASN B 204 40.83 18.60 -7.17
CA ASN B 204 41.23 17.98 -8.43
C ASN B 204 42.18 16.79 -8.27
N GLU B 205 43.08 16.87 -7.30
CA GLU B 205 44.04 15.79 -7.07
C GLU B 205 43.30 14.52 -6.63
N GLU B 206 42.45 14.66 -5.62
CA GLU B 206 41.81 13.46 -5.10
C GLU B 206 40.79 12.90 -6.10
N VAL B 207 39.99 13.77 -6.70
CA VAL B 207 39.05 13.30 -7.72
C VAL B 207 39.79 12.59 -8.85
N LYS B 208 41.00 13.03 -9.15
CA LYS B 208 41.74 12.34 -10.19
C LYS B 208 42.20 10.97 -9.68
N LYS B 209 42.42 10.88 -8.38
CA LYS B 209 42.76 9.59 -7.79
C LYS B 209 41.59 8.58 -7.74
N GLN B 210 40.35 9.06 -7.76
CA GLN B 210 39.20 8.14 -7.60
C GLN B 210 38.99 7.13 -8.74
N SER B 211 38.41 5.99 -8.41
CA SER B 211 38.06 4.94 -9.36
C SER B 211 36.70 4.31 -9.03
N VAL B 212 35.95 3.93 -10.06
CA VAL B 212 34.55 3.51 -9.89
C VAL B 212 34.38 2.09 -9.36
N SER B 213 33.22 1.84 -8.75
CA SER B 213 32.83 0.51 -8.28
C SER B 213 31.55 0.06 -8.98
N ARG B 214 31.02 -1.10 -8.62
CA ARG B 214 29.82 -1.60 -9.28
C ARG B 214 28.81 -2.16 -8.26
N ASN B 215 27.54 -1.78 -8.45
CA ASN B 215 26.49 -2.13 -7.50
C ASN B 215 25.52 -3.19 -8.03
N ARG B 216 25.10 -4.09 -7.14
CA ARG B 216 24.14 -5.12 -7.47
C ARG B 216 22.72 -4.54 -7.58
N ASP B 217 22.23 -3.98 -6.48
CA ASP B 217 20.86 -3.45 -6.48
C ASP B 217 20.83 -2.08 -7.14
N ALA B 218 19.79 -1.82 -7.94
CA ALA B 218 19.69 -0.56 -8.67
C ALA B 218 19.58 0.63 -7.71
N PRO B 219 18.68 0.58 -6.70
CA PRO B 219 18.72 1.66 -5.72
C PRO B 219 20.03 1.64 -4.92
N GLU B 220 20.45 2.81 -4.43
CA GLU B 220 21.77 2.95 -3.79
C GLU B 220 21.71 3.65 -2.43
N GLY B 221 22.83 3.68 -1.72
CA GLY B 221 22.90 4.15 -0.34
C GLY B 221 23.17 5.62 -0.21
N GLY B 222 22.77 6.36 -1.25
CA GLY B 222 22.98 7.78 -1.27
C GLY B 222 22.38 8.45 -0.05
N PHE B 223 21.24 7.98 0.44
CA PHE B 223 20.59 8.68 1.55
C PHE B 223 21.42 8.53 2.85
N ASP B 224 22.14 7.43 2.96
CA ASP B 224 23.18 7.22 3.97
C ASP B 224 24.28 8.26 3.85
N ALA B 225 24.81 8.35 2.64
CA ALA B 225 25.89 9.31 2.35
C ALA B 225 25.47 10.75 2.68
N ILE B 226 24.26 11.11 2.24
CA ILE B 226 23.64 12.42 2.44
C ILE B 226 23.48 12.73 3.92
N MET B 227 23.05 11.73 4.67
CA MET B 227 22.87 11.88 6.10
C MET B 227 24.23 12.19 6.72
N GLN B 228 25.26 11.43 6.36
CA GLN B 228 26.55 11.65 6.99
C GLN B 228 27.19 12.99 6.59
N ALA B 229 27.04 13.41 5.33
CA ALA B 229 27.51 14.74 4.92
C ALA B 229 26.78 15.85 5.68
N THR B 230 25.50 15.63 5.95
CA THR B 230 24.70 16.60 6.69
C THR B 230 25.10 16.71 8.17
N VAL B 231 25.26 15.56 8.80
CA VAL B 231 25.40 15.49 10.24
C VAL B 231 26.82 15.34 10.78
N CYS B 232 27.83 15.24 9.91
CA CYS B 232 29.17 15.30 10.47
C CYS B 232 29.82 16.60 10.11
N ASP B 233 29.78 17.56 11.04
CA ASP B 233 30.26 18.88 10.72
C ASP B 233 31.75 18.97 11.00
N GLU B 234 32.24 18.04 11.80
CA GLU B 234 33.67 17.90 12.02
C GLU B 234 34.38 17.27 10.83
N LYS B 235 33.78 16.19 10.33
CA LYS B 235 34.35 15.50 9.19
C LYS B 235 34.27 16.35 7.93
N ILE B 236 33.07 16.83 7.62
CA ILE B 236 32.94 17.65 6.42
C ILE B 236 33.61 19.01 6.58
N GLY B 237 33.39 19.66 7.72
CA GLY B 237 33.98 20.96 7.96
C GLY B 237 33.24 22.11 7.31
N TRP B 238 31.91 22.10 7.40
CA TRP B 238 31.10 23.21 6.89
C TRP B 238 31.43 24.49 7.64
N ARG B 239 31.53 25.61 6.93
CA ARG B 239 31.81 26.89 7.56
C ARG B 239 30.58 27.39 8.33
N ASN B 240 30.82 28.14 9.41
CA ASN B 240 29.73 28.62 10.25
C ASN B 240 28.89 29.68 9.54
N ASP B 241 29.54 30.76 9.13
CA ASP B 241 28.85 31.77 8.34
C ASP B 241 29.21 31.54 6.88
N ALA B 242 28.27 30.97 6.14
CA ALA B 242 28.43 30.65 4.72
C ALA B 242 27.13 30.03 4.20
N SER B 243 26.94 30.04 2.89
CA SER B 243 25.83 29.28 2.30
C SER B 243 26.33 27.88 2.00
N HIS B 244 25.55 26.88 2.38
CA HIS B 244 25.96 25.48 2.28
C HIS B 244 25.26 24.69 1.17
N LEU B 245 26.01 24.26 0.16
CA LEU B 245 25.45 23.41 -0.88
C LEU B 245 25.97 21.98 -0.79
N LEU B 246 25.06 21.02 -0.65
CA LEU B 246 25.44 19.62 -0.64
C LEU B 246 24.97 19.01 -1.96
N VAL B 247 25.83 19.05 -2.96
CA VAL B 247 25.52 18.55 -4.30
C VAL B 247 25.56 17.02 -4.34
N PHE B 248 24.39 16.41 -4.52
CA PHE B 248 24.21 14.96 -4.54
C PHE B 248 23.98 14.52 -5.97
N THR B 249 24.93 13.80 -6.56
CA THR B 249 24.80 13.44 -7.97
C THR B 249 24.65 11.95 -8.19
N THR B 250 23.54 11.59 -8.82
CA THR B 250 23.32 10.19 -9.14
C THR B 250 22.55 9.96 -10.45
N ASP B 251 22.84 8.80 -11.03
CA ASP B 251 22.22 8.34 -12.27
C ASP B 251 21.10 7.31 -12.02
N ALA B 252 20.87 6.98 -10.77
CA ALA B 252 20.04 5.83 -10.45
C ALA B 252 18.94 6.10 -9.44
N LYS B 253 18.24 5.02 -9.10
CA LYS B 253 17.30 5.00 -7.99
C LYS B 253 18.04 5.07 -6.66
N THR B 254 17.26 5.08 -5.57
CA THR B 254 17.82 5.16 -4.23
C THR B 254 17.06 4.24 -3.29
N HIS B 255 17.77 3.67 -2.33
CA HIS B 255 17.12 2.86 -1.31
C HIS B 255 16.39 3.68 -0.26
N ILE B 256 15.16 3.29 0.01
CA ILE B 256 14.32 3.92 1.02
C ILE B 256 14.76 3.45 2.40
N ALA B 257 14.35 4.19 3.44
CA ALA B 257 14.45 3.66 4.79
C ALA B 257 13.62 2.39 4.87
N LEU B 258 14.04 1.47 5.75
CA LEU B 258 13.46 0.15 6.01
C LEU B 258 13.86 -0.93 4.99
N ASP B 259 14.37 -0.53 3.83
CA ASP B 259 14.90 -1.48 2.85
C ASP B 259 15.94 -2.37 3.50
N GLY B 260 16.75 -1.74 4.34
CA GLY B 260 17.86 -2.39 5.02
C GLY B 260 17.43 -3.65 5.75
N ARG B 261 16.14 -3.81 5.98
CA ARG B 261 15.63 -4.98 6.67
C ARG B 261 15.98 -6.27 5.95
N LEU B 262 15.96 -6.25 4.61
CA LEU B 262 16.34 -7.43 3.84
C LEU B 262 17.74 -7.89 4.20
N ALA B 263 18.64 -6.93 4.38
CA ALA B 263 20.05 -7.19 4.63
C ALA B 263 20.35 -7.69 6.04
N GLY B 264 19.35 -7.71 6.91
CA GLY B 264 19.58 -7.99 8.31
C GLY B 264 19.95 -6.74 9.08
N ILE B 265 19.56 -5.58 8.53
CA ILE B 265 19.70 -4.32 9.24
C ILE B 265 18.36 -3.90 9.84
N VAL B 266 18.32 -3.83 11.17
CA VAL B 266 17.09 -3.60 11.92
C VAL B 266 17.02 -2.16 12.42
N GLN B 267 18.01 -1.79 13.24
CA GLN B 267 18.11 -0.47 13.87
C GLN B 267 17.94 0.69 12.92
N PRO B 268 17.06 1.64 13.26
CA PRO B 268 16.79 2.86 12.48
C PRO B 268 17.91 3.90 12.59
N ASN B 269 18.06 4.75 11.58
CA ASN B 269 19.12 5.77 11.57
C ASN B 269 18.95 6.84 12.66
N ASP B 270 20.00 7.06 13.44
CA ASP B 270 19.98 7.96 14.59
C ASP B 270 20.11 9.45 14.26
N GLY B 271 20.68 9.76 13.09
CA GLY B 271 20.90 11.14 12.71
C GLY B 271 22.28 11.59 13.15
N GLN B 272 22.91 10.82 14.04
CA GLN B 272 24.26 11.11 14.52
C GLN B 272 25.32 10.57 13.55
N CYS B 273 26.38 11.35 13.37
CA CYS B 273 27.39 11.05 12.37
C CYS B 273 28.42 10.01 12.81
N HIS B 274 28.49 8.93 12.04
CA HIS B 274 29.48 7.88 12.29
C HIS B 274 30.72 7.89 11.36
N VAL B 275 30.83 8.87 10.48
CA VAL B 275 32.03 8.98 9.62
C VAL B 275 33.26 9.06 10.53
N GLY B 276 34.18 8.11 10.35
CA GLY B 276 35.29 7.94 11.26
C GLY B 276 36.58 8.66 10.95
N SER B 277 37.67 8.09 11.46
CA SER B 277 39.02 8.57 11.17
C SER B 277 39.46 8.04 9.81
N ASP B 278 38.99 6.85 9.48
CA ASP B 278 39.35 6.19 8.22
C ASP B 278 38.50 6.70 7.07
N ASN B 279 37.61 7.65 7.36
CA ASN B 279 36.77 8.30 6.36
C ASN B 279 35.80 7.34 5.68
N HIS B 280 35.44 6.28 6.39
CA HIS B 280 34.45 5.32 5.93
C HIS B 280 33.25 5.38 6.85
N TYR B 281 32.06 5.21 6.31
CA TYR B 281 30.86 5.21 7.16
C TYR B 281 30.82 3.88 7.91
N SER B 282 30.88 3.96 9.24
CA SER B 282 30.97 2.76 10.06
C SER B 282 29.65 2.02 10.19
N ALA B 283 28.55 2.76 10.11
CA ALA B 283 27.22 2.20 10.33
C ALA B 283 26.45 1.79 9.08
N SER B 284 27.05 1.94 7.90
CA SER B 284 26.42 1.43 6.67
C SER B 284 26.14 -0.05 6.86
N THR B 285 27.12 -0.74 7.42
CA THR B 285 27.03 -2.18 7.69
C THR B 285 25.97 -2.49 8.74
N THR B 286 25.62 -1.51 9.54
CA THR B 286 24.83 -1.72 10.76
C THR B 286 23.50 -0.98 10.74
N MET B 287 23.58 0.34 10.63
CA MET B 287 22.41 1.19 10.68
C MET B 287 21.61 1.25 9.37
N ASP B 288 20.30 1.42 9.50
CA ASP B 288 19.40 1.46 8.36
C ASP B 288 19.48 2.78 7.58
N TYR B 289 18.96 2.77 6.36
CA TYR B 289 18.86 4.00 5.59
C TYR B 289 18.04 5.02 6.36
N PRO B 290 18.41 6.30 6.25
CA PRO B 290 17.67 7.33 6.96
C PRO B 290 16.34 7.57 6.31
N SER B 291 15.36 7.99 7.09
CA SER B 291 14.06 8.35 6.53
C SER B 291 14.13 9.76 5.96
N LEU B 292 13.29 10.02 4.96
CA LEU B 292 13.20 11.32 4.32
C LEU B 292 12.96 12.42 5.35
N GLY B 293 12.11 12.11 6.32
CA GLY B 293 11.82 13.01 7.43
C GLY B 293 13.03 13.36 8.29
N LEU B 294 13.86 12.37 8.58
CA LEU B 294 15.04 12.59 9.41
C LEU B 294 16.06 13.39 8.61
N MET B 295 16.19 13.07 7.34
CA MET B 295 17.05 13.83 6.43
C MET B 295 16.57 15.28 6.38
N THR B 296 15.26 15.46 6.36
CA THR B 296 14.67 16.78 6.31
C THR B 296 15.06 17.57 7.55
N GLU B 297 14.89 16.95 8.71
CA GLU B 297 15.12 17.65 9.97
C GLU B 297 16.59 17.95 10.21
N LYS B 298 17.48 17.15 9.61
CA LYS B 298 18.90 17.37 9.78
C LYS B 298 19.43 18.40 8.80
N LEU B 299 18.91 18.34 7.57
CA LEU B 299 19.17 19.38 6.58
C LEU B 299 18.74 20.73 7.12
N SER B 300 17.55 20.77 7.72
CA SER B 300 17.03 21.99 8.30
C SER B 300 17.88 22.45 9.48
N GLN B 301 18.32 21.51 10.31
CA GLN B 301 19.13 21.85 11.50
C GLN B 301 20.53 22.35 11.16
N LYS B 302 21.36 21.46 10.62
CA LYS B 302 22.76 21.74 10.30
C LYS B 302 22.89 22.80 9.20
N ASN B 303 21.74 23.25 8.70
CA ASN B 303 21.66 24.37 7.78
C ASN B 303 22.40 24.15 6.46
N ILE B 304 21.83 23.27 5.64
CA ILE B 304 22.43 22.78 4.40
C ILE B 304 21.43 22.77 3.23
N ASN B 305 21.83 23.31 2.08
CA ASN B 305 20.98 23.26 0.88
C ASN B 305 21.36 22.09 -0.02
N LEU B 306 20.53 21.05 0.06
CA LEU B 306 20.67 19.84 -0.73
C LEU B 306 20.34 20.05 -2.19
N ILE B 307 21.30 19.81 -3.08
CA ILE B 307 21.05 19.91 -4.52
C ILE B 307 21.00 18.51 -5.15
N PHE B 308 19.84 18.14 -5.69
CA PHE B 308 19.70 16.86 -6.38
C PHE B 308 20.12 16.94 -7.83
N ALA B 309 21.37 16.56 -8.11
CA ALA B 309 21.86 16.43 -9.48
C ALA B 309 21.64 15.02 -9.99
N VAL B 310 20.47 14.78 -10.57
CA VAL B 310 20.06 13.46 -11.00
C VAL B 310 19.95 13.37 -12.53
N THR B 311 20.03 12.15 -13.06
CA THR B 311 19.98 11.94 -14.51
C THR B 311 18.53 11.91 -14.99
N GLU B 312 18.34 12.24 -16.26
CA GLU B 312 17.03 12.42 -16.85
C GLU B 312 16.05 11.28 -16.55
N ASN B 313 16.52 10.05 -16.70
CA ASN B 313 15.71 8.87 -16.46
C ASN B 313 15.00 8.85 -15.10
N VAL B 314 15.58 9.54 -14.12
CA VAL B 314 15.09 9.51 -12.73
C VAL B 314 14.73 10.91 -12.17
N VAL B 315 14.57 11.88 -13.08
CA VAL B 315 14.35 13.25 -12.64
C VAL B 315 12.95 13.44 -12.04
N ASN B 316 11.90 12.91 -12.67
CA ASN B 316 10.56 12.98 -12.08
C ASN B 316 10.57 12.44 -10.64
N LEU B 317 11.26 11.30 -10.50
CA LEU B 317 11.40 10.59 -9.22
C LEU B 317 11.95 11.51 -8.14
N TYR B 318 13.15 12.02 -8.41
CA TYR B 318 13.83 12.84 -7.41
C TYR B 318 13.17 14.20 -7.24
N GLN B 319 12.38 14.62 -8.23
CA GLN B 319 11.57 15.82 -8.12
C GLN B 319 10.48 15.65 -7.08
N ASN B 320 9.85 14.49 -7.13
CA ASN B 320 8.80 14.11 -6.19
C ASN B 320 9.38 13.97 -4.78
N TYR B 321 10.59 13.40 -4.71
CA TYR B 321 11.25 13.26 -3.43
C TYR B 321 11.55 14.66 -2.91
N SER B 322 12.11 15.51 -3.76
CA SER B 322 12.40 16.88 -3.39
C SER B 322 11.17 17.56 -2.79
N GLU B 323 10.00 17.30 -3.40
CA GLU B 323 8.75 17.88 -2.91
C GLU B 323 8.38 17.28 -1.56
N LEU B 324 8.91 16.10 -1.26
CA LEU B 324 8.72 15.50 0.07
C LEU B 324 9.82 15.89 1.06
N ILE B 325 10.83 16.63 0.58
CA ILE B 325 11.85 17.20 1.46
C ILE B 325 11.84 18.69 1.18
N PRO B 326 10.91 19.43 1.80
CA PRO B 326 10.70 20.85 1.48
C PRO B 326 12.00 21.66 1.50
N GLY B 327 12.26 22.42 0.44
CA GLY B 327 13.49 23.18 0.31
C GLY B 327 14.53 22.57 -0.62
N THR B 328 14.41 21.27 -0.87
CA THR B 328 15.37 20.58 -1.74
C THR B 328 15.22 21.03 -3.18
N THR B 329 16.34 21.15 -3.87
CA THR B 329 16.34 21.51 -5.29
C THR B 329 16.79 20.32 -6.11
N VAL B 330 16.40 20.30 -7.37
CA VAL B 330 16.82 19.23 -8.27
C VAL B 330 17.08 19.73 -9.69
N GLY B 331 18.18 19.27 -10.29
CA GLY B 331 18.52 19.69 -11.63
C GLY B 331 19.05 18.51 -12.44
N VAL B 332 18.93 18.62 -13.76
CA VAL B 332 19.34 17.56 -14.68
C VAL B 332 20.83 17.49 -14.96
N LEU B 333 21.41 16.36 -14.59
CA LEU B 333 22.82 16.10 -14.87
C LEU B 333 22.85 15.42 -16.23
N SER B 334 23.84 15.73 -17.06
CA SER B 334 24.13 14.95 -18.28
C SER B 334 24.79 13.60 -17.99
N MET B 335 24.62 12.60 -18.88
CA MET B 335 25.07 11.26 -18.51
C MET B 335 26.55 11.09 -18.22
N ASP B 336 27.28 12.13 -18.69
CA ASP B 336 28.70 12.22 -18.37
C ASP B 336 28.99 13.16 -17.23
N SER B 337 28.01 14.00 -16.92
CA SER B 337 28.20 15.08 -15.95
C SER B 337 29.01 16.27 -16.49
N SER B 338 28.89 16.52 -17.79
CA SER B 338 29.55 17.67 -18.41
C SER B 338 28.99 19.01 -17.89
N ASN B 339 27.69 19.05 -17.62
CA ASN B 339 26.99 20.29 -17.29
C ASN B 339 26.85 20.59 -15.79
N VAL B 340 27.49 19.78 -14.95
CA VAL B 340 27.29 19.92 -13.51
C VAL B 340 27.71 21.32 -13.03
N LEU B 341 28.91 21.78 -13.39
CA LEU B 341 29.35 23.15 -13.10
C LEU B 341 28.21 24.16 -13.16
N GLN B 342 27.69 24.36 -14.38
CA GLN B 342 26.73 25.41 -14.65
C GLN B 342 25.41 25.11 -13.95
N LEU B 343 25.06 23.82 -13.85
CA LEU B 343 23.86 23.44 -13.11
C LEU B 343 23.97 23.93 -11.68
N ILE B 344 25.16 23.76 -11.10
CA ILE B 344 25.51 24.20 -9.75
C ILE B 344 25.48 25.72 -9.57
N VAL B 345 26.12 26.43 -10.50
CA VAL B 345 26.10 27.90 -10.49
C VAL B 345 24.67 28.45 -10.55
N ASP B 346 23.90 27.90 -11.48
CA ASP B 346 22.50 28.25 -11.65
C ASP B 346 21.72 27.92 -10.40
N ALA B 347 22.07 26.80 -9.77
CA ALA B 347 21.39 26.38 -8.54
C ALA B 347 21.68 27.37 -7.38
N TYR B 348 22.92 27.86 -7.32
CA TYR B 348 23.32 28.82 -6.27
C TYR B 348 22.45 30.06 -6.43
N GLY B 349 22.46 30.59 -7.64
CA GLY B 349 21.62 31.74 -7.95
C GLY B 349 20.13 31.45 -7.72
N LYS B 350 19.75 30.19 -7.93
CA LYS B 350 18.40 29.71 -7.66
C LYS B 350 18.00 29.91 -6.20
N ILE B 351 18.78 29.35 -5.27
CA ILE B 351 18.35 29.34 -3.88
C ILE B 351 18.66 30.65 -3.15
N ARG B 352 19.62 31.41 -3.67
CA ARG B 352 19.88 32.74 -3.12
C ARG B 352 18.75 33.70 -3.49
N SER B 353 17.86 33.23 -4.36
CA SER B 353 16.75 34.04 -4.82
C SER B 353 15.54 33.95 -3.92
N LYS B 354 15.57 33.04 -2.94
CA LYS B 354 14.43 32.89 -2.04
C LYS B 354 14.81 33.05 -0.56
N VAL B 355 13.86 33.51 0.24
CA VAL B 355 13.99 33.59 1.70
C VAL B 355 12.67 33.13 2.33
N GLU B 356 12.70 32.04 3.09
CA GLU B 356 11.47 31.54 3.70
C GLU B 356 11.58 31.48 5.20
N LEU B 357 10.65 32.10 5.91
CA LEU B 357 10.77 32.01 7.36
C LEU B 357 10.19 30.72 7.91
N GLU B 358 10.71 30.39 9.09
CA GLU B 358 10.29 29.28 9.93
C GLU B 358 10.10 29.80 11.34
N VAL B 359 9.30 29.07 12.12
CA VAL B 359 9.07 29.39 13.51
C VAL B 359 9.32 28.07 14.22
N ARG B 360 10.23 28.09 15.19
CA ARG B 360 10.56 26.89 15.95
C ARG B 360 10.39 27.08 17.45
N ASP B 361 9.90 26.03 18.10
CA ASP B 361 9.66 25.98 19.53
C ASP B 361 8.57 26.96 19.93
N LEU B 362 7.67 27.24 19.00
CA LEU B 362 6.57 28.16 19.27
C LEU B 362 5.62 27.53 20.28
N PRO B 363 5.48 28.16 21.45
CA PRO B 363 4.59 27.71 22.53
C PRO B 363 3.17 27.47 22.04
N GLU B 364 2.61 26.31 22.37
CA GLU B 364 1.29 25.91 21.89
C GLU B 364 0.19 26.91 22.23
N GLU B 365 0.36 27.62 23.34
CA GLU B 365 -0.67 28.51 23.84
C GLU B 365 -0.62 29.85 23.10
N LEU B 366 0.30 29.94 22.14
CA LEU B 366 0.50 31.16 21.36
C LEU B 366 0.29 30.92 19.85
N SER B 367 -0.06 31.98 19.12
CA SER B 367 -0.31 31.87 17.68
C SER B 367 0.20 33.09 16.91
N LEU B 368 0.74 32.88 15.72
CA LEU B 368 1.32 33.96 14.92
C LEU B 368 0.67 34.13 13.55
N SER B 369 0.66 35.37 13.04
CA SER B 369 0.09 35.72 11.73
C SER B 369 1.10 36.57 10.93
N PHE B 370 1.24 36.29 9.63
CA PHE B 370 2.22 36.98 8.79
C PHE B 370 1.72 37.74 7.56
N ASN B 371 2.20 38.96 7.36
CA ASN B 371 2.11 39.60 6.05
C ASN B 371 3.54 39.80 5.53
N ALA B 372 3.72 39.63 4.23
CA ALA B 372 5.03 39.74 3.60
C ALA B 372 5.11 40.94 2.67
N THR B 373 6.11 41.78 2.82
CA THR B 373 6.32 42.83 1.83
C THR B 373 7.64 42.56 1.14
N CYS B 374 7.55 42.16 -0.13
CA CYS B 374 8.76 41.72 -0.85
C CYS B 374 9.08 42.21 -2.28
N LEU B 375 8.11 42.77 -2.99
CA LEU B 375 8.38 43.42 -4.29
C LEU B 375 8.03 44.89 -4.27
N ASN B 376 9.05 45.74 -4.38
CA ASN B 376 8.85 47.18 -4.26
C ASN B 376 8.08 47.48 -2.97
N ASN B 377 6.91 48.07 -3.12
CA ASN B 377 6.03 48.27 -1.98
C ASN B 377 4.94 47.20 -1.85
N GLU B 378 5.02 46.14 -2.66
CA GLU B 378 3.95 45.14 -2.70
C GLU B 378 3.93 44.14 -1.53
N VAL B 379 2.83 44.22 -0.80
CA VAL B 379 2.51 43.37 0.33
C VAL B 379 1.55 42.21 0.01
N ILE B 380 2.04 40.98 0.09
CA ILE B 380 1.21 39.80 -0.05
C ILE B 380 0.90 39.24 1.33
N PRO B 381 -0.39 39.20 1.70
CA PRO B 381 -0.74 38.91 3.09
C PRO B 381 -0.78 37.40 3.35
N GLY B 382 -0.63 36.98 4.61
CA GLY B 382 -0.65 35.57 4.93
C GLY B 382 0.51 34.78 4.34
N LEU B 383 1.65 35.44 4.17
CA LEU B 383 2.81 34.79 3.56
C LEU B 383 4.06 34.97 4.40
N LYS B 384 4.69 33.85 4.73
CA LYS B 384 5.87 33.85 5.59
C LYS B 384 7.16 33.80 4.79
N SER B 385 7.05 33.84 3.46
CA SER B 385 8.21 33.67 2.60
C SER B 385 8.17 34.57 1.36
N CYS B 386 9.35 34.93 0.85
CA CYS B 386 9.45 35.73 -0.37
C CYS B 386 10.55 35.22 -1.31
N MET B 387 10.24 35.12 -2.59
CA MET B 387 11.15 34.56 -3.59
C MET B 387 11.23 35.48 -4.80
N GLY B 388 12.16 35.20 -5.72
CA GLY B 388 12.40 36.05 -6.87
C GLY B 388 13.39 37.14 -6.53
N LEU B 389 14.12 36.94 -5.45
CA LEU B 389 15.00 37.97 -4.91
C LEU B 389 16.32 38.08 -5.65
N LYS B 390 16.62 39.27 -6.16
CA LYS B 390 17.92 39.55 -6.73
C LYS B 390 18.88 39.66 -5.55
N ILE B 391 20.00 38.94 -5.63
CA ILE B 391 20.92 38.85 -4.51
C ILE B 391 21.35 40.23 -4.00
N GLY B 392 21.20 40.46 -2.70
CA GLY B 392 21.48 41.75 -2.11
C GLY B 392 20.27 42.54 -1.64
N ASP B 393 19.10 42.20 -2.15
CA ASP B 393 17.86 42.88 -1.79
C ASP B 393 17.42 42.46 -0.38
N THR B 394 16.71 43.36 0.31
CA THR B 394 16.20 43.10 1.65
C THR B 394 14.68 43.14 1.65
N VAL B 395 14.05 42.05 2.10
CA VAL B 395 12.60 42.00 2.26
C VAL B 395 12.16 42.14 3.71
N SER B 396 10.85 42.26 3.92
CA SER B 396 10.33 42.45 5.27
C SER B 396 9.03 41.72 5.60
N PHE B 397 8.83 41.39 6.86
CA PHE B 397 7.61 40.67 7.24
C PHE B 397 7.05 41.27 8.51
N SER B 398 5.74 41.39 8.54
CA SER B 398 5.04 41.87 9.71
C SER B 398 4.32 40.71 10.36
N ILE B 399 4.54 40.55 11.66
CA ILE B 399 4.05 39.43 12.43
C ILE B 399 3.09 39.91 13.51
N GLU B 400 2.06 39.10 13.80
CA GLU B 400 1.13 39.38 14.87
C GLU B 400 1.04 38.16 15.77
N ALA B 401 1.48 38.36 17.02
CA ALA B 401 1.46 37.32 18.04
C ALA B 401 0.30 37.51 18.99
N LYS B 402 -0.57 36.49 19.05
CA LYS B 402 -1.72 36.55 19.91
C LYS B 402 -1.66 35.35 20.85
N VAL B 403 -1.84 35.65 22.13
CA VAL B 403 -1.87 34.64 23.18
C VAL B 403 -3.28 34.20 23.52
N ARG B 404 -3.43 32.94 23.90
CA ARG B 404 -4.70 32.42 24.37
C ARG B 404 -4.68 32.37 25.88
N GLY B 405 -5.42 33.28 26.50
CA GLY B 405 -5.44 33.43 27.94
C GLY B 405 -4.14 34.04 28.44
N CYS B 406 -3.79 33.72 29.68
CA CYS B 406 -2.52 34.15 30.27
C CYS B 406 -1.85 32.92 30.89
N PRO B 407 -1.04 32.22 30.08
CA PRO B 407 -0.45 30.92 30.46
C PRO B 407 0.45 30.90 31.70
N GLN B 408 0.99 29.72 31.95
CA GLN B 408 1.69 29.36 33.19
C GLN B 408 2.93 30.20 33.47
N GLU B 409 3.36 30.22 34.73
CA GLU B 409 4.53 31.01 35.09
C GLU B 409 5.82 30.32 34.66
N LYS B 410 6.50 31.00 33.74
CA LYS B 410 7.82 30.67 33.23
C LYS B 410 8.06 31.67 32.12
N GLU B 411 9.32 31.85 31.74
CA GLU B 411 9.65 32.73 30.63
C GLU B 411 9.97 31.85 29.43
N LYS B 412 9.21 31.97 28.33
CA LYS B 412 9.49 31.02 27.25
C LYS B 412 10.10 31.73 26.06
N SER B 413 11.10 31.11 25.48
CA SER B 413 11.79 31.66 24.30
C SER B 413 11.57 30.76 23.10
N PHE B 414 11.42 31.36 21.93
CA PHE B 414 11.29 30.61 20.70
C PHE B 414 12.02 31.34 19.59
N THR B 415 12.17 30.68 18.46
CA THR B 415 13.03 31.21 17.41
C THR B 415 12.32 31.24 16.06
N ILE B 416 12.48 32.39 15.41
CA ILE B 416 12.02 32.63 14.05
C ILE B 416 13.21 32.85 13.15
N LYS B 417 13.43 31.97 12.19
CA LYS B 417 14.58 32.23 11.35
C LYS B 417 14.25 31.91 9.91
N PRO B 418 15.03 32.45 8.98
CA PRO B 418 14.82 32.11 7.57
C PRO B 418 15.42 30.76 7.23
N VAL B 419 14.75 30.01 6.34
CA VAL B 419 15.20 28.67 5.96
C VAL B 419 16.62 28.69 5.42
N GLY B 420 17.50 27.85 5.98
CA GLY B 420 18.85 27.73 5.46
C GLY B 420 19.74 28.92 5.75
N PHE B 421 19.33 29.75 6.70
CA PHE B 421 20.11 30.92 7.10
C PHE B 421 20.73 30.74 8.49
N LYS B 422 21.87 31.41 8.70
CA LYS B 422 22.51 31.40 10.01
C LYS B 422 21.78 32.31 11.00
N ASP B 423 21.46 33.52 10.55
CA ASP B 423 20.83 34.52 11.41
C ASP B 423 19.42 34.11 11.86
N SER B 424 19.06 34.48 13.08
CA SER B 424 17.75 34.12 13.62
C SER B 424 17.22 35.22 14.52
N LEU B 425 15.94 35.53 14.37
CA LEU B 425 15.27 36.41 15.31
C LEU B 425 14.75 35.53 16.43
N ILE B 426 15.17 35.82 17.65
CA ILE B 426 14.68 35.12 18.83
C ILE B 426 13.65 35.95 19.56
N VAL B 427 12.47 35.37 19.75
CA VAL B 427 11.36 36.13 20.29
C VAL B 427 11.07 35.58 21.68
N GLN B 428 11.50 36.33 22.68
CA GLN B 428 11.29 36.01 24.08
C GLN B 428 9.90 36.41 24.51
N VAL B 429 9.09 35.42 24.85
CA VAL B 429 7.73 35.69 25.29
C VAL B 429 7.67 35.63 26.80
N THR B 430 7.20 36.74 27.36
CA THR B 430 6.85 36.86 28.75
C THR B 430 5.35 37.12 28.85
N PHE B 431 4.71 36.35 29.71
CA PHE B 431 3.29 36.45 29.94
C PHE B 431 2.98 37.31 31.16
N ASP B 432 2.34 38.45 30.95
CA ASP B 432 2.00 39.28 32.09
C ASP B 432 0.54 39.11 32.44
N CYS B 433 0.28 38.37 33.52
CA CYS B 433 -1.01 38.45 34.17
C CYS B 433 -0.79 38.52 35.67
N ASP B 434 -0.98 39.72 36.23
CA ASP B 434 -0.96 39.94 37.67
C ASP B 434 -1.72 41.22 38.00
N CYS B 435 -2.37 41.26 39.15
CA CYS B 435 -2.79 42.54 39.69
C CYS B 435 -1.58 43.19 40.33
N ALA B 436 -1.56 44.52 40.38
CA ALA B 436 -0.44 45.23 40.99
C ALA B 436 -0.38 44.91 42.49
N CYS B 437 -1.55 44.60 43.05
CA CYS B 437 -1.70 44.31 44.47
C CYS B 437 -1.54 42.83 44.81
N GLN B 438 -1.27 42.02 43.79
CA GLN B 438 -1.18 40.57 43.93
C GLN B 438 -0.25 40.11 45.07
N ALA B 439 0.97 40.62 45.07
CA ALA B 439 1.95 40.24 46.08
C ALA B 439 1.95 41.20 47.28
N GLN B 440 1.00 42.14 47.29
CA GLN B 440 0.97 43.16 48.32
C GLN B 440 0.35 42.73 49.65
N ALA B 441 -0.70 41.92 49.60
CA ALA B 441 -1.44 41.60 50.82
C ALA B 441 -1.78 40.12 50.96
N GLU B 442 -2.03 39.70 52.20
CA GLU B 442 -2.36 38.31 52.50
C GLU B 442 -3.73 38.17 53.18
N PRO B 443 -4.48 37.12 52.81
CA PRO B 443 -5.80 36.86 53.39
C PRO B 443 -5.74 36.57 54.89
N ASN B 444 -4.85 35.65 55.29
CA ASN B 444 -4.60 35.33 56.69
C ASN B 444 -5.86 35.16 57.54
N SER B 445 -6.76 34.28 57.09
CA SER B 445 -8.03 34.06 57.77
C SER B 445 -8.76 35.39 57.86
N HIS B 446 -8.94 35.90 59.07
CA HIS B 446 -9.65 37.16 59.22
C HIS B 446 -8.67 38.34 59.14
N ARG B 447 -8.77 39.06 58.03
CA ARG B 447 -8.03 40.28 57.78
C ARG B 447 -9.08 41.30 57.39
N CYS B 448 -9.81 40.98 56.33
CA CYS B 448 -11.05 41.66 56.04
C CYS B 448 -12.11 41.05 56.94
N ASN B 449 -12.65 41.88 57.82
CA ASN B 449 -13.67 41.51 58.82
C ASN B 449 -13.27 40.37 59.75
N ASN B 450 -14.25 39.60 60.21
CA ASN B 450 -14.01 38.48 61.12
C ASN B 450 -14.13 37.08 60.53
N GLY B 451 -14.54 36.96 59.27
CA GLY B 451 -14.85 35.67 58.70
C GLY B 451 -13.79 35.09 57.79
N ASN B 452 -14.16 34.06 57.02
CA ASN B 452 -13.28 33.51 56.00
C ASN B 452 -12.86 34.65 55.10
N GLY B 453 -11.57 34.85 54.93
CA GLY B 453 -11.09 36.15 54.53
C GLY B 453 -9.93 36.21 53.56
N THR B 454 -10.05 37.28 52.79
CA THR B 454 -9.42 37.65 51.54
C THR B 454 -8.91 39.06 51.66
N PHE B 455 -7.85 39.38 50.94
CA PHE B 455 -7.52 40.78 50.84
C PHE B 455 -6.43 41.04 49.85
N GLU B 456 -6.93 41.75 48.84
CA GLU B 456 -6.24 42.11 47.63
C GLU B 456 -6.83 43.43 47.17
N CYS B 457 -5.97 44.35 46.76
CA CYS B 457 -6.42 45.68 46.33
C CYS B 457 -7.26 46.37 47.40
N GLY B 458 -7.06 45.99 48.66
CA GLY B 458 -7.80 46.56 49.76
C GLY B 458 -9.23 46.04 49.87
N VAL B 459 -9.67 45.39 48.80
CA VAL B 459 -11.00 44.79 48.78
C VAL B 459 -10.86 43.29 49.00
N CYS B 460 -11.97 42.61 49.21
CA CYS B 460 -11.84 41.18 49.43
C CYS B 460 -12.92 40.32 48.78
N ARG B 461 -12.50 39.11 48.42
CA ARG B 461 -13.36 38.06 47.89
C ARG B 461 -13.52 37.01 48.98
N CYS B 462 -14.70 36.91 49.60
CA CYS B 462 -14.84 35.98 50.71
C CYS B 462 -14.59 34.54 50.27
N GLY B 463 -14.26 33.69 51.24
CA GLY B 463 -13.76 32.36 50.99
C GLY B 463 -14.86 31.36 50.69
N PRO B 464 -14.68 30.12 51.16
CA PRO B 464 -15.48 28.93 50.86
C PRO B 464 -16.87 29.03 51.45
N GLY B 465 -17.78 29.57 50.65
CA GLY B 465 -19.15 29.80 51.07
C GLY B 465 -19.41 31.07 51.86
N TRP B 466 -18.98 32.20 51.32
CA TRP B 466 -19.30 33.52 51.87
C TRP B 466 -19.21 34.59 50.79
N LEU B 467 -19.85 35.73 51.01
CA LEU B 467 -19.94 36.78 50.00
C LEU B 467 -20.00 38.19 50.61
N GLY B 468 -20.05 39.20 49.74
CA GLY B 468 -20.11 40.58 50.17
C GLY B 468 -18.75 41.23 50.37
N SER B 469 -18.75 42.45 50.88
CA SER B 469 -17.51 43.17 51.16
C SER B 469 -16.92 42.65 52.47
N GLN B 470 -17.66 42.85 53.55
CA GLN B 470 -17.35 42.20 54.81
C GLN B 470 -17.72 40.73 54.63
N CYS B 471 -17.06 39.84 55.35
CA CYS B 471 -17.31 38.42 55.15
C CYS B 471 -18.37 37.87 56.11
N GLU B 472 -19.52 37.57 55.54
CA GLU B 472 -20.67 37.06 56.27
C GLU B 472 -21.45 36.09 55.37
N CYS B 473 -22.65 35.72 55.81
CA CYS B 473 -23.52 34.80 55.05
C CYS B 473 -22.81 33.51 54.66
N SER B 474 -22.53 32.67 55.66
CA SER B 474 -21.84 31.41 55.41
C SER B 474 -22.74 30.38 54.74
N GLU B 475 -23.89 30.12 55.33
CA GLU B 475 -24.81 29.08 54.86
C GLU B 475 -25.91 29.66 53.98
N GLU B 476 -25.82 30.95 53.69
CA GLU B 476 -26.84 31.68 52.93
C GLU B 476 -28.20 31.64 53.62
N ASP B 477 -28.19 31.47 54.94
CA ASP B 477 -29.40 31.55 55.75
C ASP B 477 -29.50 32.96 56.32
N TYR B 478 -28.54 33.80 55.93
CA TYR B 478 -28.35 35.11 56.53
C TYR B 478 -29.17 36.20 55.85
N ARG B 479 -28.92 36.44 54.57
CA ARG B 479 -29.60 37.49 53.84
C ARG B 479 -30.41 36.99 52.64
N PRO B 480 -31.54 36.30 52.90
CA PRO B 480 -32.44 35.84 51.84
C PRO B 480 -33.21 37.00 51.21
N SER B 481 -33.26 38.12 51.91
CA SER B 481 -34.02 39.27 51.45
C SER B 481 -33.24 40.12 50.46
N GLN B 482 -32.02 39.72 50.17
CA GLN B 482 -31.24 40.45 49.18
C GLN B 482 -31.24 39.72 47.85
N GLN B 483 -32.06 40.23 46.94
CA GLN B 483 -32.11 39.78 45.55
C GLN B 483 -32.14 41.04 44.70
N ASP B 484 -33.19 41.81 44.92
CA ASP B 484 -33.38 43.13 44.33
C ASP B 484 -33.45 43.08 42.82
N GLU B 485 -32.72 43.96 42.17
CA GLU B 485 -32.56 43.88 40.73
C GLU B 485 -31.33 43.02 40.44
N CYS B 486 -31.55 41.81 39.94
CA CYS B 486 -30.45 40.87 39.85
C CYS B 486 -29.74 40.97 38.50
N SER B 487 -30.32 40.42 37.43
CA SER B 487 -29.73 40.66 36.11
C SER B 487 -30.11 42.04 35.53
N PRO B 488 -31.42 42.33 35.38
CA PRO B 488 -31.81 43.67 34.91
C PRO B 488 -32.17 44.55 36.10
N ARG B 489 -32.68 45.75 35.85
CA ARG B 489 -33.18 46.58 36.95
C ARG B 489 -34.66 46.24 37.14
N GLU B 490 -34.94 45.54 38.24
CA GLU B 490 -36.29 45.06 38.56
C GLU B 490 -36.89 44.28 37.40
N GLY B 491 -36.04 43.52 36.70
CA GLY B 491 -36.45 42.81 35.52
C GLY B 491 -36.99 41.40 35.70
N GLN B 492 -37.27 40.76 34.56
CA GLN B 492 -37.79 39.39 34.56
C GLN B 492 -36.80 38.30 35.01
N PRO B 493 -35.60 38.22 34.39
CA PRO B 493 -34.69 37.14 34.82
C PRO B 493 -34.03 37.39 36.18
N VAL B 494 -33.83 36.34 36.98
CA VAL B 494 -33.11 36.52 38.23
C VAL B 494 -31.61 36.48 37.94
N CYS B 495 -31.04 35.28 37.77
CA CYS B 495 -29.75 35.20 37.09
C CYS B 495 -29.67 34.01 36.13
N SER B 496 -29.75 34.29 34.84
CA SER B 496 -29.50 33.29 33.78
C SER B 496 -30.36 32.03 33.86
N GLN B 497 -31.09 31.88 34.96
CA GLN B 497 -31.90 30.71 35.28
C GLN B 497 -31.12 29.39 35.38
N ARG B 498 -29.80 29.47 35.57
CA ARG B 498 -29.03 28.25 35.78
C ARG B 498 -28.74 28.01 37.26
N GLY B 499 -29.11 28.98 38.10
CA GLY B 499 -28.75 28.92 39.49
C GLY B 499 -29.62 29.78 40.38
N GLU B 500 -29.23 29.92 41.64
CA GLU B 500 -30.08 30.61 42.61
C GLU B 500 -29.48 31.92 43.09
N CYS B 501 -30.31 32.95 43.19
CA CYS B 501 -29.83 34.28 43.55
C CYS B 501 -29.81 34.38 45.06
N LEU B 502 -28.61 34.37 45.63
CA LEU B 502 -28.43 34.45 47.08
C LEU B 502 -27.50 35.59 47.48
N CYS B 503 -27.85 36.26 48.58
CA CYS B 503 -27.05 37.36 49.13
C CYS B 503 -26.82 38.46 48.10
N GLY B 504 -27.80 38.62 47.21
CA GLY B 504 -27.73 39.61 46.15
C GLY B 504 -26.89 39.18 44.96
N GLN B 505 -25.97 38.23 45.14
CA GLN B 505 -25.13 37.76 44.02
C GLN B 505 -25.61 36.35 43.68
N CYS B 506 -25.14 35.72 42.60
CA CYS B 506 -25.74 34.42 42.24
C CYS B 506 -24.84 33.19 42.38
N VAL B 507 -25.41 32.09 42.92
CA VAL B 507 -24.74 30.80 42.85
C VAL B 507 -25.12 30.02 41.58
N CYS B 508 -24.10 29.72 40.80
CA CYS B 508 -24.16 28.98 39.54
C CYS B 508 -24.22 27.46 39.72
N HIS B 509 -25.17 26.85 39.01
CA HIS B 509 -25.30 25.41 38.98
C HIS B 509 -25.67 25.00 37.56
N SER B 510 -25.48 23.73 37.22
CA SER B 510 -25.69 23.28 35.86
C SER B 510 -25.71 21.76 35.75
N SER B 511 -25.73 21.28 34.52
CA SER B 511 -25.61 19.86 34.25
C SER B 511 -24.19 19.39 34.55
N ASP B 512 -23.90 18.13 34.24
CA ASP B 512 -22.63 17.51 34.62
C ASP B 512 -21.51 17.87 33.64
N PHE B 513 -21.82 18.73 32.68
CA PHE B 513 -20.84 19.20 31.70
C PHE B 513 -19.62 19.82 32.39
N GLY B 514 -19.81 20.23 33.64
CA GLY B 514 -18.78 20.88 34.43
C GLY B 514 -18.58 22.31 33.97
N LYS B 515 -17.65 23.01 34.60
CA LYS B 515 -17.33 24.38 34.20
C LYS B 515 -18.53 25.33 34.19
N ILE B 516 -18.89 25.72 32.96
CA ILE B 516 -19.69 26.89 32.61
C ILE B 516 -19.02 28.19 33.07
N THR B 517 -19.84 29.19 33.39
CA THR B 517 -19.31 30.54 33.65
C THR B 517 -20.35 31.65 33.78
N GLY B 518 -19.87 32.82 34.19
CA GLY B 518 -20.68 34.03 34.25
C GLY B 518 -21.06 34.60 35.60
N LYS B 519 -21.26 35.91 35.64
CA LYS B 519 -21.66 36.61 36.87
C LYS B 519 -23.10 36.23 37.22
N TYR B 520 -23.92 36.09 36.19
CA TYR B 520 -25.28 35.62 36.36
C TYR B 520 -25.34 34.11 36.15
N CYS B 521 -24.16 33.51 35.97
CA CYS B 521 -24.01 32.16 35.43
C CYS B 521 -24.65 32.12 34.05
N GLU B 522 -24.36 33.15 33.25
CA GLU B 522 -24.97 33.32 31.94
C GLU B 522 -24.23 32.64 30.77
N CYS B 523 -23.03 32.14 31.03
CA CYS B 523 -22.21 31.56 29.97
C CYS B 523 -21.97 30.07 30.18
N ASP B 524 -22.15 29.27 29.14
CA ASP B 524 -21.80 27.86 29.26
C ASP B 524 -20.46 27.54 28.61
N ASP B 525 -20.01 26.31 28.82
CA ASP B 525 -18.76 25.83 28.24
C ASP B 525 -18.96 24.94 27.00
N PHE B 526 -20.22 24.64 26.68
CA PHE B 526 -20.51 23.59 25.69
C PHE B 526 -21.05 24.11 24.37
N SER B 527 -22.25 24.70 24.38
CA SER B 527 -22.89 25.10 23.14
C SER B 527 -22.04 26.11 22.40
N CYS B 528 -21.67 25.76 21.17
CA CYS B 528 -20.78 26.56 20.35
C CYS B 528 -21.14 26.32 18.89
N VAL B 529 -20.63 27.16 18.00
CA VAL B 529 -20.91 26.97 16.58
C VAL B 529 -20.29 25.66 16.11
N ARG B 530 -21.05 24.91 15.32
CA ARG B 530 -20.61 23.60 14.86
C ARG B 530 -20.62 23.51 13.34
N TYR B 531 -19.60 22.87 12.78
CA TYR B 531 -19.55 22.63 11.35
C TYR B 531 -20.20 21.29 11.02
N LYS B 532 -19.51 20.21 11.38
CA LYS B 532 -20.05 18.86 11.19
C LYS B 532 -20.69 18.36 12.48
N GLY B 533 -20.67 19.19 13.52
CA GLY B 533 -21.27 18.83 14.79
C GLY B 533 -20.25 18.37 15.83
N GLU B 534 -18.98 18.60 15.53
CA GLU B 534 -17.90 18.26 16.45
C GLU B 534 -17.20 19.52 16.96
N MET B 535 -17.43 19.87 18.23
CA MET B 535 -16.88 21.08 18.84
C MET B 535 -17.11 22.28 17.92
N CYS B 536 -16.08 23.10 17.71
CA CYS B 536 -16.14 23.98 16.55
C CYS B 536 -15.25 23.34 15.51
N SER B 537 -15.89 22.61 14.59
CA SER B 537 -15.19 21.80 13.59
C SER B 537 -14.12 20.92 14.23
N GLY B 538 -14.26 20.64 15.53
CA GLY B 538 -13.22 19.98 16.30
C GLY B 538 -11.97 20.83 16.49
N HIS B 539 -11.91 21.96 15.78
CA HIS B 539 -10.71 22.80 15.71
C HIS B 539 -10.69 23.98 16.68
N GLY B 540 -11.64 24.05 17.60
CA GLY B 540 -11.71 25.20 18.48
C GLY B 540 -12.25 24.88 19.86
N GLN B 541 -11.84 25.70 20.84
CA GLN B 541 -12.37 25.62 22.18
C GLN B 541 -13.52 26.61 22.32
N CYS B 542 -14.34 26.44 23.35
CA CYS B 542 -15.54 27.26 23.48
C CYS B 542 -15.65 27.93 24.85
N SER B 543 -15.92 29.23 24.81
CA SER B 543 -16.12 30.01 26.03
C SER B 543 -17.27 30.98 25.81
N CYS B 544 -18.34 30.81 26.60
CA CYS B 544 -19.54 31.63 26.52
C CYS B 544 -20.13 31.61 25.09
N GLY B 545 -20.03 30.45 24.45
CA GLY B 545 -20.52 30.29 23.09
C GLY B 545 -19.60 30.89 22.05
N ASP B 546 -18.67 31.72 22.50
CA ASP B 546 -17.66 32.31 21.63
C ASP B 546 -16.52 31.33 21.41
N CYS B 547 -16.22 31.05 20.15
CA CYS B 547 -15.15 30.12 19.82
C CYS B 547 -13.77 30.76 19.93
N LEU B 548 -12.94 30.20 20.81
CA LEU B 548 -11.54 30.57 20.85
C LEU B 548 -10.80 29.54 20.03
N CYS B 549 -10.22 29.99 18.92
CA CYS B 549 -9.68 29.09 17.90
C CYS B 549 -8.30 28.56 18.26
N ASP B 550 -8.02 27.33 17.80
CA ASP B 550 -6.71 26.72 17.99
C ASP B 550 -5.65 27.40 17.13
N SER B 551 -4.41 26.94 17.27
CA SER B 551 -3.30 27.45 16.47
C SER B 551 -3.56 27.34 14.97
N ASP B 552 -3.37 28.45 14.27
CA ASP B 552 -3.54 28.53 12.82
C ASP B 552 -4.96 28.25 12.35
N TRP B 553 -5.94 28.88 12.99
CA TRP B 553 -7.34 28.76 12.58
C TRP B 553 -8.12 30.05 12.73
N THR B 554 -9.20 30.18 11.95
CA THR B 554 -10.08 31.34 11.99
C THR B 554 -11.52 30.97 11.66
N GLY B 555 -12.40 31.98 11.73
CA GLY B 555 -13.83 31.80 11.51
C GLY B 555 -14.59 31.48 12.79
N TYR B 556 -15.89 31.77 12.77
CA TYR B 556 -16.73 31.53 13.94
C TYR B 556 -16.79 30.05 14.30
N TYR B 557 -16.71 29.20 13.28
CA TYR B 557 -16.79 27.76 13.46
C TYR B 557 -15.40 27.14 13.64
N CYS B 558 -14.38 27.99 13.56
CA CYS B 558 -12.97 27.58 13.56
C CYS B 558 -12.68 26.53 12.49
N ASN B 559 -13.38 26.58 11.37
CA ASN B 559 -13.08 25.70 10.25
C ASN B 559 -12.26 26.36 9.14
N CYS B 560 -11.90 27.62 9.31
CA CYS B 560 -11.12 28.30 8.26
C CYS B 560 -9.63 28.19 8.54
N THR B 561 -8.93 27.45 7.69
CA THR B 561 -7.49 27.25 7.87
C THR B 561 -6.67 28.53 7.70
N THR B 562 -5.52 28.57 8.37
CA THR B 562 -4.59 29.67 8.21
C THR B 562 -3.46 29.32 7.27
N ARG B 563 -3.53 28.14 6.67
CA ARG B 563 -2.47 27.67 5.78
C ARG B 563 -2.60 28.26 4.39
N THR B 564 -1.59 29.03 3.98
CA THR B 564 -1.53 29.60 2.64
C THR B 564 -0.71 28.68 1.75
N ASP B 565 -0.02 27.73 2.38
CA ASP B 565 0.84 26.78 1.67
C ASP B 565 0.04 25.91 0.70
N THR B 566 -1.24 25.71 1.01
CA THR B 566 -2.12 24.93 0.16
C THR B 566 -2.38 25.67 -1.15
N CYS B 567 -2.23 26.99 -1.12
CA CYS B 567 -2.36 27.76 -2.36
C CYS B 567 -0.99 28.09 -2.91
N MET B 568 -0.60 27.39 -3.97
CA MET B 568 0.65 27.65 -4.69
C MET B 568 0.54 27.10 -6.11
N SER B 569 1.24 27.71 -7.06
CA SER B 569 1.27 27.20 -8.44
C SER B 569 2.55 27.51 -9.17
N SER B 570 3.03 26.55 -9.96
CA SER B 570 4.21 26.73 -10.78
C SER B 570 5.39 27.33 -10.00
N ASN B 571 5.71 26.70 -8.87
CA ASN B 571 6.82 27.12 -8.01
C ASN B 571 6.66 28.51 -7.38
N GLY B 572 5.44 28.87 -6.97
CA GLY B 572 5.18 30.16 -6.35
C GLY B 572 3.75 30.65 -6.58
N LEU B 573 3.56 31.96 -6.52
CA LEU B 573 2.41 32.62 -7.15
C LEU B 573 1.04 32.31 -6.52
N LEU B 574 1.01 31.49 -5.47
CA LEU B 574 -0.22 31.19 -4.74
C LEU B 574 -1.28 30.64 -5.68
N CYS B 575 -2.38 31.37 -5.85
CA CYS B 575 -3.47 30.90 -6.67
C CYS B 575 -3.21 31.27 -8.13
N SER B 576 -1.94 31.15 -8.54
CA SER B 576 -1.48 31.46 -9.90
C SER B 576 -1.94 32.86 -10.31
N GLY B 577 -2.03 33.76 -9.32
CA GLY B 577 -2.56 35.09 -9.49
C GLY B 577 -3.87 35.22 -10.26
N ARG B 578 -4.52 34.10 -10.53
CA ARG B 578 -5.78 34.09 -11.27
C ARG B 578 -6.94 34.02 -10.31
N GLY B 579 -6.62 33.90 -9.02
CA GLY B 579 -7.61 33.79 -7.97
C GLY B 579 -7.05 34.24 -6.65
N LYS B 580 -7.88 34.20 -5.61
CA LYS B 580 -7.46 34.59 -4.28
C LYS B 580 -7.57 33.42 -3.31
N CYS B 581 -6.70 33.39 -2.32
CA CYS B 581 -6.62 32.25 -1.41
C CYS B 581 -7.49 32.51 -0.19
N GLU B 582 -8.56 31.73 -0.05
CA GLU B 582 -9.48 31.91 1.06
C GLU B 582 -9.71 30.60 1.79
N CYS B 583 -9.24 30.54 3.04
CA CYS B 583 -9.33 29.37 3.89
C CYS B 583 -8.68 28.15 3.25
N GLY B 584 -7.45 28.35 2.76
CA GLY B 584 -6.68 27.30 2.12
C GLY B 584 -7.27 26.68 0.86
N SER B 585 -8.09 27.44 0.16
CA SER B 585 -8.63 27.00 -1.13
C SER B 585 -8.81 28.21 -2.05
N CYS B 586 -8.39 28.08 -3.31
CA CYS B 586 -8.43 29.23 -4.22
C CYS B 586 -9.82 29.45 -4.80
N VAL B 587 -10.32 30.66 -4.58
CA VAL B 587 -11.49 31.17 -5.30
C VAL B 587 -11.03 31.98 -6.51
N CYS B 588 -11.34 31.49 -7.71
CA CYS B 588 -10.83 32.11 -8.93
C CYS B 588 -11.60 33.40 -9.17
N ILE B 589 -10.93 34.42 -9.71
CA ILE B 589 -11.53 35.75 -9.74
C ILE B 589 -12.55 35.86 -10.88
N GLN B 590 -12.10 36.01 -12.12
CA GLN B 590 -12.93 35.53 -13.24
C GLN B 590 -12.12 35.11 -14.48
N PRO B 591 -11.18 34.16 -14.34
CA PRO B 591 -10.52 33.72 -15.57
C PRO B 591 -11.41 32.82 -16.41
N GLY B 592 -12.46 32.27 -15.79
CA GLY B 592 -13.21 31.18 -16.35
C GLY B 592 -12.48 29.89 -16.00
N SER B 593 -11.32 30.07 -15.37
CA SER B 593 -10.45 28.96 -14.98
C SER B 593 -10.97 28.28 -13.73
N TYR B 594 -10.56 27.04 -13.52
CA TYR B 594 -10.94 26.30 -12.33
C TYR B 594 -9.86 25.28 -11.97
N GLY B 595 -10.14 24.47 -10.97
CA GLY B 595 -9.14 23.59 -10.41
C GLY B 595 -8.74 24.16 -9.06
N ASP B 596 -8.06 23.37 -8.24
CA ASP B 596 -7.71 23.80 -6.88
C ASP B 596 -6.85 25.06 -6.88
N THR B 597 -5.82 25.08 -7.71
CA THR B 597 -4.92 26.23 -7.80
C THR B 597 -5.25 27.17 -8.98
N CYS B 598 -6.37 26.90 -9.65
CA CYS B 598 -6.76 27.60 -10.87
C CYS B 598 -5.72 27.44 -11.98
N GLU B 599 -5.01 26.32 -11.96
CA GLU B 599 -4.00 26.04 -12.98
C GLU B 599 -4.66 25.56 -14.27
N LYS B 600 -5.82 24.91 -14.13
CA LYS B 600 -6.51 24.36 -15.29
C LYS B 600 -7.47 25.38 -15.85
N CYS B 601 -7.16 25.84 -17.06
CA CYS B 601 -7.97 26.85 -17.74
C CYS B 601 -8.20 26.44 -19.18
N PRO B 602 -9.31 25.72 -19.43
CA PRO B 602 -9.59 25.15 -20.76
C PRO B 602 -9.69 26.20 -21.88
N THR B 603 -10.30 27.35 -21.63
CA THR B 603 -10.44 28.35 -22.69
C THR B 603 -9.34 29.41 -22.64
N CYS B 604 -9.46 30.34 -21.70
CA CYS B 604 -8.45 31.36 -21.43
C CYS B 604 -8.26 32.34 -22.59
N PRO B 605 -7.80 33.57 -22.28
CA PRO B 605 -7.43 34.55 -23.30
C PRO B 605 -5.99 34.40 -23.77
N ASP B 606 -5.59 35.21 -24.74
CA ASP B 606 -4.24 35.14 -25.28
C ASP B 606 -3.19 35.72 -24.34
N ALA B 607 -1.94 35.34 -24.57
CA ALA B 607 -0.77 35.83 -23.84
C ALA B 607 -0.39 37.23 -24.31
N CYS B 608 -0.63 37.48 -25.59
CA CYS B 608 -0.30 38.74 -26.23
C CYS B 608 -0.69 40.03 -25.51
N THR B 609 -1.90 40.17 -24.97
CA THR B 609 -2.23 41.47 -24.39
C THR B 609 -1.46 41.81 -23.08
N PHE B 610 -1.06 40.77 -22.35
CA PHE B 610 -0.29 40.92 -21.12
C PHE B 610 1.19 41.03 -21.39
N LYS B 611 1.59 40.42 -22.51
CA LYS B 611 3.00 40.46 -22.83
C LYS B 611 3.16 41.85 -23.42
N LYS B 612 2.15 42.30 -24.14
CA LYS B 612 2.23 43.58 -24.81
C LYS B 612 2.39 44.59 -23.68
N GLU B 613 1.58 44.44 -22.63
CA GLU B 613 1.65 45.40 -21.53
C GLU B 613 2.97 45.34 -20.71
N CYS B 614 3.71 44.23 -20.83
CA CYS B 614 5.02 44.14 -20.17
C CYS B 614 6.21 44.59 -21.03
N VAL B 615 6.01 44.48 -22.35
CA VAL B 615 6.91 45.07 -23.32
C VAL B 615 6.77 46.57 -23.23
N GLU B 616 5.54 47.06 -23.37
CA GLU B 616 5.25 48.46 -23.16
C GLU B 616 5.78 48.97 -21.82
N CYS B 617 5.67 48.15 -20.76
CA CYS B 617 6.30 48.52 -19.49
C CYS B 617 7.80 48.77 -19.65
N LYS B 618 8.55 47.76 -20.10
CA LYS B 618 10.00 47.88 -19.92
C LYS B 618 10.63 48.70 -21.03
N LYS B 619 10.22 48.46 -22.27
CA LYS B 619 10.85 49.12 -23.40
C LYS B 619 10.11 50.39 -23.81
N PHE B 620 8.86 50.54 -23.37
CA PHE B 620 8.10 51.74 -23.71
C PHE B 620 7.66 52.60 -22.53
N ASP B 621 8.00 52.17 -21.31
CA ASP B 621 7.57 52.88 -20.10
C ASP B 621 6.04 52.93 -19.98
N ARG B 622 5.41 51.78 -20.16
CA ARG B 622 3.96 51.59 -19.94
C ARG B 622 3.05 52.40 -20.86
N GLY B 623 2.10 53.11 -20.27
CA GLY B 623 1.14 53.86 -21.07
C GLY B 623 -0.34 53.49 -21.20
N ALA B 624 -0.68 52.22 -21.44
CA ALA B 624 -2.11 51.92 -21.64
C ALA B 624 -3.09 52.21 -20.49
N LEU B 625 -3.91 53.23 -20.76
CA LEU B 625 -5.35 53.36 -20.49
C LEU B 625 -5.93 53.27 -19.08
N HIS B 626 -5.26 52.58 -18.16
CA HIS B 626 -5.90 52.32 -16.88
C HIS B 626 -4.99 52.52 -15.69
N ASP B 627 -4.00 51.64 -15.58
CA ASP B 627 -3.20 51.57 -14.39
C ASP B 627 -2.05 52.54 -14.49
N GLU B 628 -2.11 53.57 -13.66
CA GLU B 628 -1.06 54.57 -13.61
C GLU B 628 -0.19 54.28 -12.39
N ASN B 629 1.00 53.78 -12.67
CA ASN B 629 1.95 53.39 -11.64
C ASN B 629 3.31 53.30 -12.28
N THR B 630 4.30 52.81 -11.54
CA THR B 630 5.62 52.65 -12.11
C THR B 630 5.74 51.37 -12.94
N CYS B 631 5.81 50.24 -12.23
CA CYS B 631 6.12 48.92 -12.81
C CYS B 631 5.67 47.87 -11.80
N ASN B 632 6.43 46.78 -11.71
CA ASN B 632 6.19 45.53 -10.94
C ASN B 632 5.72 44.35 -11.79
N ARG B 633 5.66 44.53 -13.10
CA ARG B 633 5.55 43.38 -13.98
C ARG B 633 6.92 42.73 -14.18
N TYR B 634 7.04 41.46 -13.81
CA TYR B 634 8.26 40.68 -14.05
C TYR B 634 7.90 39.49 -14.94
N CYS B 635 8.71 39.23 -15.97
CA CYS B 635 8.33 38.22 -16.96
C CYS B 635 9.48 37.41 -17.56
N ARG B 636 9.23 36.11 -17.71
CA ARG B 636 10.09 35.20 -18.47
C ARG B 636 11.56 35.26 -18.07
N ASP B 637 12.41 35.65 -19.02
CA ASP B 637 13.84 35.73 -18.80
C ASP B 637 14.51 36.73 -19.73
N GLU B 638 15.83 36.67 -19.80
CA GLU B 638 16.67 37.64 -20.50
C GLU B 638 16.30 37.86 -21.97
N ILE B 639 15.66 38.99 -22.24
CA ILE B 639 15.32 39.37 -23.61
C ILE B 639 16.48 40.10 -24.29
N GLU B 640 17.15 39.38 -25.20
CA GLU B 640 18.16 39.97 -26.06
C GLU B 640 17.55 40.39 -27.41
N SER B 641 18.40 40.88 -28.31
CA SER B 641 17.92 41.44 -29.56
C SER B 641 18.38 40.64 -30.79
N VAL B 642 17.43 40.33 -31.67
CA VAL B 642 17.74 39.65 -32.91
C VAL B 642 17.35 40.52 -34.09
N LYS B 643 18.00 40.31 -35.23
CA LYS B 643 17.64 41.05 -36.44
C LYS B 643 16.55 40.34 -37.25
N GLU B 644 16.37 39.06 -36.97
CA GLU B 644 15.37 38.27 -37.66
C GLU B 644 14.91 37.08 -36.82
N LEU B 645 13.68 36.65 -37.03
CA LEU B 645 13.23 35.38 -36.46
C LEU B 645 13.64 34.29 -37.44
N LYS B 646 13.42 33.04 -37.08
CA LYS B 646 13.80 31.92 -37.93
C LYS B 646 12.86 30.75 -37.73
N ASP B 647 12.73 29.89 -38.74
CA ASP B 647 12.09 28.61 -38.47
C ASP B 647 13.21 27.67 -38.06
N THR B 648 13.32 27.44 -36.76
CA THR B 648 14.44 26.68 -36.21
C THR B 648 14.12 25.21 -35.99
N GLY B 649 12.85 24.85 -36.11
CA GLY B 649 12.41 23.51 -35.78
C GLY B 649 12.47 23.30 -34.28
N LYS B 650 12.48 24.40 -33.54
CA LYS B 650 12.54 24.39 -32.08
C LYS B 650 11.18 24.78 -31.53
N ASP B 651 11.09 24.95 -30.22
CA ASP B 651 9.84 25.41 -29.64
C ASP B 651 9.87 26.93 -29.70
N ALA B 652 9.00 27.48 -30.55
CA ALA B 652 8.99 28.91 -30.80
C ALA B 652 7.57 29.41 -31.02
N VAL B 653 7.30 30.61 -30.51
CA VAL B 653 6.02 31.25 -30.70
C VAL B 653 6.22 32.68 -31.16
N ASN B 654 5.88 32.97 -32.41
CA ASN B 654 6.05 34.33 -32.90
C ASN B 654 4.78 35.12 -32.66
N CYS B 655 4.89 36.07 -31.75
CA CYS B 655 3.82 36.99 -31.42
C CYS B 655 4.09 38.41 -31.88
N THR B 656 3.10 39.02 -32.51
CA THR B 656 3.23 40.40 -32.96
C THR B 656 1.97 41.03 -32.39
N TYR B 657 2.11 42.24 -31.89
CA TYR B 657 0.95 42.97 -31.36
C TYR B 657 1.08 44.47 -31.46
N LYS B 658 -0.07 45.13 -31.50
CA LYS B 658 -0.10 46.59 -31.47
C LYS B 658 -0.22 47.03 -30.02
N ASN B 659 -0.31 48.32 -29.81
CA ASN B 659 -0.45 48.90 -28.48
C ASN B 659 -0.81 50.36 -28.60
N GLU B 660 -0.97 51.04 -27.47
CA GLU B 660 -1.22 52.48 -27.50
C GLU B 660 0.02 53.14 -28.07
N ASP B 661 -0.16 54.34 -28.64
CA ASP B 661 0.92 55.13 -29.23
C ASP B 661 1.36 54.57 -30.59
N ASP B 662 0.72 53.46 -31.00
CA ASP B 662 0.94 52.84 -32.31
C ASP B 662 2.36 52.31 -32.56
N CYS B 663 2.71 51.23 -31.87
CA CYS B 663 3.96 50.52 -32.13
C CYS B 663 3.68 49.09 -32.60
N VAL B 664 4.42 48.59 -33.61
CA VAL B 664 4.26 47.16 -33.91
C VAL B 664 5.53 46.35 -33.68
N VAL B 665 5.57 45.72 -32.51
CA VAL B 665 6.58 44.76 -32.07
C VAL B 665 6.43 43.33 -32.60
N ARG B 666 7.53 42.67 -32.97
CA ARG B 666 7.40 41.30 -33.45
C ARG B 666 8.45 40.57 -32.64
N PHE B 667 8.05 39.48 -31.99
CA PHE B 667 8.98 38.72 -31.14
C PHE B 667 8.70 37.22 -31.04
N GLN B 668 9.74 36.39 -31.08
CA GLN B 668 9.48 34.97 -30.89
C GLN B 668 9.86 34.52 -29.47
N TYR B 669 9.17 33.49 -28.99
CA TYR B 669 9.28 33.06 -27.60
C TYR B 669 9.75 31.60 -27.50
N TYR B 670 10.63 31.29 -26.56
CA TYR B 670 11.24 29.96 -26.56
C TYR B 670 11.34 29.41 -25.14
N GLU B 671 10.58 28.36 -24.85
CA GLU B 671 10.60 27.77 -23.52
C GLU B 671 11.52 26.54 -23.46
N ASP B 672 11.59 25.95 -22.27
CA ASP B 672 12.39 24.75 -22.03
C ASP B 672 13.85 24.85 -22.47
N SER B 673 14.48 25.99 -22.21
CA SER B 673 15.92 26.11 -22.45
C SER B 673 16.69 25.99 -21.14
N SER B 674 17.34 24.84 -20.94
CA SER B 674 18.03 24.50 -19.70
C SER B 674 17.20 24.84 -18.46
N GLY B 675 15.94 24.43 -18.46
CA GLY B 675 15.06 24.68 -17.33
C GLY B 675 14.67 26.15 -17.23
N LYS B 676 14.86 26.88 -18.32
CA LYS B 676 14.56 28.30 -18.36
C LYS B 676 13.92 28.69 -19.68
N SER B 677 13.71 29.98 -19.88
CA SER B 677 13.05 30.48 -21.08
C SER B 677 13.80 31.65 -21.71
N ILE B 678 13.46 31.96 -22.95
CA ILE B 678 14.22 32.90 -23.76
C ILE B 678 13.27 33.75 -24.59
N LEU B 679 13.24 35.05 -24.29
CA LEU B 679 12.37 36.00 -24.97
C LEU B 679 13.15 36.74 -26.06
N TYR B 680 12.73 36.62 -27.31
CA TYR B 680 13.36 37.42 -28.35
C TYR B 680 12.80 38.84 -28.32
N VAL B 681 13.66 39.85 -28.39
CA VAL B 681 13.19 41.23 -28.40
C VAL B 681 13.64 41.95 -29.66
N VAL B 682 12.68 42.40 -30.46
CA VAL B 682 12.95 43.22 -31.63
C VAL B 682 13.54 44.56 -31.23
N GLU B 683 14.67 44.91 -31.84
CA GLU B 683 15.34 46.16 -31.50
C GLU B 683 14.53 47.37 -31.94
N GLU B 684 14.65 48.46 -31.18
CA GLU B 684 14.00 49.73 -31.47
C GLU B 684 12.46 49.66 -31.33
N PRO B 685 11.82 50.82 -31.20
CA PRO B 685 10.38 51.04 -31.16
C PRO B 685 9.65 50.56 -32.42
N GLU B 686 10.30 50.69 -33.57
CA GLU B 686 9.69 50.42 -34.86
C GLU B 686 8.51 51.36 -35.12
N CYS B 687 7.32 50.77 -35.32
CA CYS B 687 6.09 51.48 -35.68
C CYS B 687 6.10 51.92 -37.15
N ASP C 1 33.55 -37.16 -23.96
CA ASP C 1 33.15 -37.22 -22.56
C ASP C 1 33.41 -38.62 -21.99
N ILE C 2 33.40 -38.74 -20.66
CA ILE C 2 33.68 -40.02 -20.02
C ILE C 2 32.65 -41.08 -20.41
N GLN C 3 33.12 -42.21 -20.95
CA GLN C 3 32.27 -43.31 -21.39
C GLN C 3 31.89 -44.28 -20.26
N MET C 4 30.64 -44.74 -20.28
CA MET C 4 30.12 -45.63 -19.25
C MET C 4 29.94 -47.06 -19.74
N THR C 5 30.71 -47.98 -19.17
CA THR C 5 30.73 -49.36 -19.66
C THR C 5 30.06 -50.37 -18.72
N GLN C 6 28.93 -50.91 -19.19
CA GLN C 6 28.32 -52.08 -18.58
C GLN C 6 28.70 -53.30 -19.42
N THR C 7 29.56 -54.16 -18.88
CA THR C 7 30.15 -55.25 -19.67
C THR C 7 29.26 -56.48 -19.83
N THR C 8 28.21 -56.58 -19.02
CA THR C 8 27.29 -57.70 -19.11
C THR C 8 25.92 -57.20 -19.54
N SER C 9 25.56 -57.47 -20.80
CA SER C 9 24.34 -56.90 -21.38
C SER C 9 23.08 -57.77 -21.26
N SER C 10 23.22 -59.03 -20.88
CA SER C 10 22.04 -59.88 -20.68
C SER C 10 22.14 -60.78 -19.44
N LEU C 11 21.53 -60.37 -18.34
CA LEU C 11 21.59 -61.17 -17.11
C LEU C 11 20.37 -62.07 -16.90
N SER C 12 20.57 -63.36 -17.16
CA SER C 12 19.52 -64.35 -16.91
C SER C 12 19.43 -64.64 -15.42
N ALA C 13 18.21 -64.67 -14.88
CA ALA C 13 18.03 -64.97 -13.46
C ALA C 13 16.60 -65.43 -13.17
N SER C 14 16.47 -66.27 -12.14
CA SER C 14 15.16 -66.75 -11.71
C SER C 14 14.48 -65.69 -10.84
N LEU C 15 13.30 -66.02 -10.33
CA LEU C 15 12.60 -65.12 -9.42
C LEU C 15 13.11 -65.34 -8.00
N GLY C 16 13.56 -64.27 -7.37
CA GLY C 16 14.13 -64.36 -6.03
C GLY C 16 15.64 -64.26 -5.98
N ASP C 17 16.28 -64.24 -7.15
CA ASP C 17 17.74 -64.27 -7.21
C ASP C 17 18.40 -62.99 -6.75
N ARG C 18 19.73 -63.01 -6.69
CA ARG C 18 20.50 -61.81 -6.39
C ARG C 18 21.15 -61.30 -7.68
N VAL C 19 20.76 -60.10 -8.10
CA VAL C 19 21.30 -59.58 -9.36
C VAL C 19 22.20 -58.36 -9.17
N ILE C 20 23.51 -58.57 -9.32
CA ILE C 20 24.46 -57.48 -9.19
C ILE C 20 24.87 -56.91 -10.55
N ILE C 21 24.28 -55.77 -10.91
CA ILE C 21 24.53 -55.14 -12.21
C ILE C 21 25.73 -54.20 -12.17
N SER C 22 26.87 -54.60 -12.75
CA SER C 22 28.07 -53.78 -12.65
C SER C 22 28.07 -52.70 -13.74
N CYS C 23 28.73 -51.58 -13.47
CA CYS C 23 28.90 -50.49 -14.44
C CYS C 23 30.10 -49.63 -14.06
N ARG C 24 31.10 -49.57 -14.94
CA ARG C 24 32.29 -48.74 -14.68
C ARG C 24 32.41 -47.47 -15.52
N ALA C 25 32.68 -46.37 -14.83
CA ALA C 25 32.98 -45.08 -15.44
C ALA C 25 34.40 -44.99 -16.02
N SER C 26 34.54 -44.22 -17.10
CA SER C 26 35.86 -43.96 -17.70
C SER C 26 36.74 -43.14 -16.78
N GLN C 27 36.24 -41.98 -16.38
CA GLN C 27 36.93 -41.11 -15.43
C GLN C 27 36.14 -41.13 -14.14
N ASP C 28 36.80 -40.88 -13.01
CA ASP C 28 36.08 -40.82 -11.75
C ASP C 28 35.07 -39.68 -11.77
N ILE C 29 33.81 -40.02 -11.56
CA ILE C 29 32.73 -39.02 -11.58
C ILE C 29 32.32 -38.56 -10.19
N SER C 30 33.03 -39.00 -9.16
CA SER C 30 32.72 -38.64 -7.79
C SER C 30 31.26 -38.90 -7.40
N ASN C 31 30.82 -40.12 -7.65
CA ASN C 31 29.54 -40.64 -7.17
C ASN C 31 28.26 -39.93 -7.60
N TYR C 32 28.24 -39.33 -8.78
CA TYR C 32 26.95 -38.97 -9.35
C TYR C 32 26.60 -40.00 -10.41
N LEU C 33 25.72 -40.93 -10.05
CA LEU C 33 25.29 -41.97 -10.97
C LEU C 33 23.82 -42.29 -10.76
N SER C 34 23.03 -42.18 -11.82
CA SER C 34 21.63 -42.56 -11.78
C SER C 34 21.36 -43.93 -12.40
N TRP C 35 20.55 -44.75 -11.74
CA TRP C 35 20.16 -46.05 -12.28
C TRP C 35 18.71 -45.99 -12.76
N TYR C 36 18.47 -46.26 -14.04
CA TYR C 36 17.13 -46.18 -14.63
C TYR C 36 16.62 -47.53 -15.13
N GLN C 37 15.39 -47.85 -14.77
CA GLN C 37 14.72 -49.05 -15.26
C GLN C 37 13.72 -48.81 -16.39
N GLN C 38 14.12 -49.13 -17.61
CA GLN C 38 13.23 -49.07 -18.77
C GLN C 38 12.46 -50.38 -18.99
N LYS C 39 11.18 -50.43 -18.62
CA LYS C 39 10.38 -51.64 -18.85
C LYS C 39 10.26 -51.89 -20.35
N PRO C 40 10.03 -53.16 -20.74
CA PRO C 40 10.03 -53.59 -22.15
C PRO C 40 9.18 -52.75 -23.12
N ASP C 41 8.09 -52.16 -22.64
CA ASP C 41 7.27 -51.32 -23.51
C ASP C 41 7.92 -49.96 -23.71
N GLY C 42 8.95 -49.68 -22.92
CA GLY C 42 9.76 -48.48 -23.12
C GLY C 42 9.72 -47.36 -22.10
N THR C 43 8.74 -47.36 -21.19
CA THR C 43 8.72 -46.32 -20.15
C THR C 43 9.89 -46.51 -19.18
N VAL C 44 10.61 -45.42 -18.93
CA VAL C 44 11.81 -45.42 -18.09
C VAL C 44 11.65 -44.77 -16.71
N LYS C 45 11.62 -45.57 -15.64
CA LYS C 45 11.48 -45.00 -14.30
C LYS C 45 12.86 -44.94 -13.61
N LEU C 46 13.14 -43.85 -12.89
CA LEU C 46 14.35 -43.71 -12.05
C LEU C 46 14.34 -44.50 -10.75
N LEU C 47 15.31 -45.40 -10.57
CA LEU C 47 15.36 -46.18 -9.33
C LEU C 47 16.32 -45.61 -8.30
N ILE C 48 17.48 -45.14 -8.75
CA ILE C 48 18.50 -44.68 -7.81
C ILE C 48 19.22 -43.40 -8.24
N PHE C 49 19.53 -42.52 -7.30
CA PHE C 49 20.39 -41.39 -7.62
C PHE C 49 21.49 -41.16 -6.59
N TYR C 50 22.58 -40.56 -7.05
CA TYR C 50 23.79 -40.32 -6.26
C TYR C 50 24.36 -41.61 -5.66
N THR C 51 24.47 -42.61 -6.51
CA THR C 51 25.19 -43.87 -6.29
C THR C 51 24.51 -44.80 -5.29
N SER C 52 23.87 -44.21 -4.28
CA SER C 52 22.77 -44.85 -3.60
C SER C 52 21.77 -43.83 -3.09
N LYS C 53 20.61 -43.76 -3.72
CA LYS C 53 19.44 -43.29 -3.05
C LYS C 53 18.22 -43.78 -3.78
N LEU C 54 17.24 -44.21 -3.00
CA LEU C 54 15.94 -44.59 -3.51
C LEU C 54 15.15 -43.34 -3.82
N HIS C 55 14.49 -43.30 -4.97
CA HIS C 55 13.64 -42.17 -5.30
C HIS C 55 12.17 -42.49 -5.08
N SER C 56 11.60 -41.91 -4.03
CA SER C 56 10.18 -42.05 -3.70
C SER C 56 9.74 -43.52 -3.74
N GLY C 57 8.81 -43.79 -4.65
CA GLY C 57 8.18 -45.09 -4.74
C GLY C 57 8.99 -46.32 -5.12
N VAL C 58 10.29 -46.20 -5.33
CA VAL C 58 11.05 -47.39 -5.68
C VAL C 58 11.30 -48.20 -4.39
N PRO C 59 11.02 -49.52 -4.43
CA PRO C 59 11.17 -50.45 -3.30
C PRO C 59 12.61 -50.62 -2.81
N SER C 60 12.75 -51.17 -1.60
CA SER C 60 14.04 -51.31 -0.94
C SER C 60 14.92 -52.39 -1.58
N ARG C 61 14.38 -53.08 -2.59
CA ARG C 61 15.09 -54.17 -3.24
C ARG C 61 16.31 -53.70 -4.05
N PHE C 62 16.37 -52.41 -4.34
CA PHE C 62 17.43 -51.91 -5.21
C PHE C 62 18.58 -51.28 -4.42
N SER C 63 19.56 -52.11 -4.04
CA SER C 63 20.71 -51.63 -3.28
C SER C 63 21.67 -50.80 -4.13
N GLY C 64 21.91 -49.55 -3.75
CA GLY C 64 22.85 -48.71 -4.48
C GLY C 64 24.28 -48.92 -4.04
N SER C 65 25.07 -49.69 -4.76
CA SER C 65 26.46 -49.87 -4.37
C SER C 65 27.40 -49.08 -5.29
N GLY C 66 28.45 -48.49 -4.71
CA GLY C 66 29.44 -47.83 -5.55
C GLY C 66 30.23 -46.64 -5.02
N SER C 67 31.37 -46.40 -5.66
CA SER C 67 32.30 -45.32 -5.35
C SER C 67 33.28 -45.25 -6.51
N GLY C 68 33.94 -44.11 -6.68
CA GLY C 68 34.99 -44.00 -7.67
C GLY C 68 34.46 -44.28 -9.07
N THR C 69 35.04 -45.28 -9.72
CA THR C 69 34.59 -45.74 -11.03
C THR C 69 33.55 -46.85 -10.91
N ASP C 70 33.97 -47.99 -10.34
CA ASP C 70 33.13 -49.18 -10.25
C ASP C 70 31.84 -48.93 -9.48
N TYR C 71 30.70 -49.17 -10.14
CA TYR C 71 29.39 -49.01 -9.52
C TYR C 71 28.60 -50.30 -9.70
N SER C 72 27.61 -50.54 -8.85
CA SER C 72 26.83 -51.76 -8.97
C SER C 72 25.43 -51.68 -8.36
N LEU C 73 24.42 -51.89 -9.22
CA LEU C 73 23.03 -51.98 -8.76
C LEU C 73 22.72 -53.39 -8.28
N THR C 74 22.55 -53.55 -6.97
CA THR C 74 22.35 -54.85 -6.38
C THR C 74 20.87 -55.10 -6.10
N ILE C 75 20.18 -55.77 -7.02
CA ILE C 75 18.77 -56.11 -6.79
C ILE C 75 18.59 -57.23 -5.78
N SER C 76 17.75 -56.96 -4.78
CA SER C 76 17.39 -57.94 -3.75
C SER C 76 16.43 -58.97 -4.36
N ASN C 77 15.72 -59.74 -3.54
CA ASN C 77 14.91 -60.84 -4.05
C ASN C 77 14.01 -60.38 -5.21
N LEU C 78 14.19 -61.05 -6.35
CA LEU C 78 13.63 -60.64 -7.65
C LEU C 78 12.13 -60.91 -7.79
N ASP C 79 11.47 -60.08 -8.59
CA ASP C 79 10.06 -60.28 -8.90
C ASP C 79 9.76 -59.89 -10.35
N GLN C 80 8.52 -60.12 -10.76
CA GLN C 80 8.09 -60.01 -12.15
C GLN C 80 8.22 -58.62 -12.78
N GLU C 81 7.92 -57.58 -12.01
CA GLU C 81 7.97 -56.24 -12.56
C GLU C 81 9.39 -55.74 -12.52
N ASP C 82 10.29 -56.62 -12.10
CA ASP C 82 11.67 -56.26 -11.98
C ASP C 82 12.36 -56.81 -13.22
N ILE C 83 11.60 -57.41 -14.14
CA ILE C 83 12.23 -57.84 -15.40
C ILE C 83 12.19 -56.69 -16.40
N ALA C 84 13.36 -56.09 -16.63
CA ALA C 84 13.49 -54.91 -17.50
C ALA C 84 14.94 -54.58 -17.85
N THR C 85 15.14 -53.47 -18.55
CA THR C 85 16.47 -53.02 -18.99
C THR C 85 17.06 -51.89 -18.13
N TYR C 86 18.07 -52.22 -17.34
CA TYR C 86 18.71 -51.28 -16.39
C TYR C 86 19.93 -50.51 -16.87
N PHE C 87 19.78 -49.20 -17.03
CA PHE C 87 20.86 -48.31 -17.48
C PHE C 87 21.52 -47.59 -16.31
N CYS C 88 22.84 -47.37 -16.39
CA CYS C 88 23.49 -46.44 -15.48
C CYS C 88 23.73 -45.15 -16.27
N GLN C 89 23.75 -44.03 -15.57
CA GLN C 89 24.03 -42.73 -16.18
C GLN C 89 24.88 -41.80 -15.32
N GLN C 90 25.99 -41.38 -15.90
CA GLN C 90 26.92 -40.46 -15.28
C GLN C 90 26.35 -39.06 -15.42
N GLY C 91 26.08 -38.46 -14.25
CA GLY C 91 25.53 -37.13 -14.11
C GLY C 91 26.45 -36.08 -13.50
N ASN C 92 27.65 -36.49 -13.13
CA ASN C 92 28.60 -35.58 -12.48
C ASN C 92 28.92 -34.37 -13.33
N THR C 93 29.63 -34.61 -14.43
CA THR C 93 29.98 -33.56 -15.36
C THR C 93 28.89 -33.44 -16.41
N PHE C 94 29.12 -32.54 -17.36
CA PHE C 94 28.23 -32.43 -18.51
C PHE C 94 28.56 -33.49 -19.56
N PRO C 95 28.15 -33.29 -20.82
CA PRO C 95 27.03 -34.06 -21.34
C PRO C 95 26.90 -35.47 -20.79
N TYR C 96 25.66 -35.76 -20.41
CA TYR C 96 25.30 -36.87 -19.56
C TYR C 96 25.56 -38.19 -20.24
N THR C 97 26.28 -39.06 -19.55
CA THR C 97 26.70 -40.28 -20.23
C THR C 97 26.02 -41.53 -19.73
N PHE C 98 25.22 -42.15 -20.57
CA PHE C 98 24.54 -43.35 -20.13
C PHE C 98 25.40 -44.59 -20.36
N GLY C 99 24.90 -45.72 -19.86
CA GLY C 99 25.53 -47.01 -20.09
C GLY C 99 24.82 -47.69 -21.23
N GLY C 100 25.12 -48.96 -21.43
CA GLY C 100 24.51 -49.72 -22.52
C GLY C 100 23.16 -50.27 -22.11
N GLY C 101 22.99 -50.44 -20.80
CA GLY C 101 21.77 -51.01 -20.27
C GLY C 101 21.96 -52.50 -20.14
N THR C 102 21.31 -53.09 -19.14
CA THR C 102 21.37 -54.52 -18.93
C THR C 102 19.98 -55.11 -18.78
N LYS C 103 19.63 -55.96 -19.74
CA LYS C 103 18.33 -56.61 -19.81
C LYS C 103 18.19 -57.80 -18.86
N VAL C 104 17.25 -57.71 -17.93
CA VAL C 104 17.04 -58.82 -16.99
C VAL C 104 16.14 -59.87 -17.65
N GLU C 105 16.75 -61.02 -17.90
CA GLU C 105 16.14 -62.16 -18.57
C GLU C 105 15.58 -63.25 -17.66
N MET C 106 14.27 -63.45 -17.68
CA MET C 106 13.63 -64.51 -16.91
C MET C 106 14.15 -65.87 -17.38
N ARG C 107 14.39 -66.76 -16.43
CA ARG C 107 15.05 -68.04 -16.71
C ARG C 107 14.06 -69.20 -16.76
N ARG C 108 14.13 -69.97 -17.84
CA ARG C 108 13.28 -71.13 -18.04
C ARG C 108 14.18 -72.26 -18.50
N ALA C 109 13.84 -73.51 -18.17
CA ALA C 109 14.65 -74.65 -18.59
C ALA C 109 14.77 -74.65 -20.12
N ASP C 110 15.92 -75.07 -20.62
CA ASP C 110 16.17 -75.05 -22.07
C ASP C 110 15.08 -75.79 -22.85
N ALA C 111 14.61 -75.16 -23.92
CA ALA C 111 13.56 -75.74 -24.77
C ALA C 111 13.91 -75.63 -26.25
N ALA C 112 14.08 -76.77 -26.91
CA ALA C 112 14.35 -76.80 -28.35
C ALA C 112 13.31 -76.00 -29.14
N PRO C 113 13.75 -75.30 -30.19
CA PRO C 113 12.86 -74.49 -31.03
C PRO C 113 12.03 -75.31 -31.99
N THR C 114 10.77 -74.92 -32.19
CA THR C 114 9.93 -75.57 -33.18
C THR C 114 10.00 -74.75 -34.47
N VAL C 115 10.67 -75.32 -35.46
CA VAL C 115 10.92 -74.63 -36.72
C VAL C 115 9.98 -75.15 -37.81
N SER C 116 9.55 -74.26 -38.70
CA SER C 116 8.68 -74.63 -39.80
C SER C 116 8.93 -73.72 -40.99
N ILE C 117 8.85 -74.29 -42.19
CA ILE C 117 9.01 -73.45 -43.36
C ILE C 117 7.65 -73.07 -43.90
N PHE C 118 7.66 -72.14 -44.86
CA PHE C 118 6.49 -71.65 -45.53
C PHE C 118 6.85 -71.30 -46.97
N PRO C 119 6.95 -72.31 -47.84
CA PRO C 119 7.09 -72.02 -49.27
C PRO C 119 5.92 -71.16 -49.75
N PRO C 120 6.15 -70.28 -50.74
CA PRO C 120 5.09 -69.40 -51.26
C PRO C 120 3.85 -70.17 -51.67
N SER C 121 2.71 -69.49 -51.61
CA SER C 121 1.45 -70.10 -52.01
C SER C 121 0.54 -69.00 -52.54
N SER C 122 -0.38 -69.36 -53.43
CA SER C 122 -1.39 -68.44 -53.95
C SER C 122 -0.83 -67.09 -54.39
N GLU C 123 -1.37 -66.03 -53.78
CA GLU C 123 -0.91 -64.67 -54.00
C GLU C 123 0.59 -64.53 -53.75
N GLN C 124 1.13 -65.36 -52.87
CA GLN C 124 2.56 -65.37 -52.61
C GLN C 124 3.25 -66.09 -53.74
N LEU C 125 2.58 -67.13 -54.26
CA LEU C 125 3.11 -67.89 -55.39
C LEU C 125 3.37 -66.90 -56.53
N THR C 126 2.32 -66.27 -57.06
CA THR C 126 2.61 -65.32 -58.13
C THR C 126 2.28 -63.84 -57.84
N SER C 127 3.31 -63.07 -57.50
CA SER C 127 3.30 -61.61 -57.62
C SER C 127 4.09 -61.20 -58.84
N GLY C 128 4.59 -62.21 -59.56
CA GLY C 128 5.62 -62.04 -60.57
C GLY C 128 6.96 -62.26 -59.89
N GLY C 129 6.99 -61.96 -58.58
CA GLY C 129 8.08 -62.36 -57.70
C GLY C 129 7.54 -63.40 -56.75
N ALA C 130 8.19 -63.56 -55.59
CA ALA C 130 7.70 -64.44 -54.52
C ALA C 130 8.47 -64.25 -53.22
N SER C 131 8.05 -64.95 -52.17
CA SER C 131 8.76 -64.96 -50.88
C SER C 131 8.46 -66.25 -50.11
N VAL C 132 9.49 -66.79 -49.44
CA VAL C 132 9.36 -68.04 -48.69
C VAL C 132 9.76 -67.82 -47.23
N VAL C 133 8.82 -67.90 -46.30
CA VAL C 133 9.13 -67.53 -44.91
C VAL C 133 9.43 -68.72 -43.98
N CYS C 134 10.49 -68.60 -43.18
CA CYS C 134 10.83 -69.66 -42.22
C CYS C 134 10.80 -69.13 -40.80
N PHE C 135 9.85 -69.62 -40.00
CA PHE C 135 9.70 -69.19 -38.62
C PHE C 135 10.17 -70.25 -37.61
N LEU C 136 10.87 -69.79 -36.58
CA LEU C 136 11.34 -70.68 -35.51
C LEU C 136 10.80 -70.17 -34.19
N ASN C 137 9.95 -70.96 -33.53
CA ASN C 137 9.21 -70.44 -32.39
C ASN C 137 9.47 -71.06 -31.03
N ASN C 138 9.40 -70.21 -30.02
CA ASN C 138 9.26 -70.64 -28.63
C ASN C 138 10.37 -71.54 -28.10
N PHE C 139 11.55 -70.95 -27.88
CA PHE C 139 12.69 -71.69 -27.37
C PHE C 139 13.38 -70.95 -26.23
N TYR C 140 14.08 -71.68 -25.37
CA TYR C 140 14.99 -71.05 -24.42
C TYR C 140 16.34 -70.87 -25.11
N PRO C 141 17.44 -70.73 -24.33
CA PRO C 141 18.19 -69.48 -24.34
C PRO C 141 18.36 -68.96 -25.74
N LYS C 142 18.05 -67.68 -25.86
CA LYS C 142 17.57 -67.08 -27.09
C LYS C 142 18.48 -67.32 -28.28
N ASP C 143 19.74 -66.98 -28.12
CA ASP C 143 20.66 -66.91 -29.24
C ASP C 143 20.83 -68.23 -29.98
N ILE C 144 20.62 -68.16 -31.29
CA ILE C 144 20.76 -69.30 -32.18
C ILE C 144 21.17 -68.80 -33.56
N ASN C 145 21.97 -69.59 -34.26
CA ASN C 145 22.46 -69.20 -35.57
C ASN C 145 21.69 -69.92 -36.69
N VAL C 146 21.05 -69.15 -37.56
CA VAL C 146 20.25 -69.73 -38.63
C VAL C 146 20.72 -69.33 -40.02
N LYS C 147 20.59 -70.25 -40.95
CA LYS C 147 20.97 -69.99 -42.34
C LYS C 147 20.10 -70.85 -43.24
N TRP C 148 20.04 -70.49 -44.51
CA TRP C 148 19.29 -71.30 -45.45
C TRP C 148 20.24 -72.00 -46.40
N LYS C 149 19.80 -73.12 -46.96
CA LYS C 149 20.64 -73.84 -47.88
C LYS C 149 19.87 -74.11 -49.16
N ILE C 150 20.56 -74.02 -50.29
CA ILE C 150 19.94 -74.30 -51.58
C ILE C 150 20.85 -75.25 -52.33
N ASP C 151 20.43 -76.51 -52.46
CA ASP C 151 21.25 -77.53 -53.11
C ASP C 151 22.62 -77.66 -52.44
N GLY C 152 22.70 -77.29 -51.16
CA GLY C 152 23.95 -77.34 -50.43
C GLY C 152 24.65 -75.99 -50.34
N SER C 153 24.34 -75.09 -51.27
CA SER C 153 24.93 -73.75 -51.31
C SER C 153 24.33 -72.83 -50.26
N GLU C 154 25.04 -71.76 -49.93
CA GLU C 154 24.57 -70.78 -48.95
C GLU C 154 24.50 -69.39 -49.58
N ARG C 155 23.48 -68.61 -49.21
CA ARG C 155 23.33 -67.27 -49.78
C ARG C 155 23.32 -66.19 -48.69
N GLN C 156 23.29 -64.93 -49.12
CA GLN C 156 23.32 -63.80 -48.21
C GLN C 156 22.23 -62.77 -48.47
N ASN C 157 22.29 -62.16 -49.65
CA ASN C 157 21.49 -60.99 -50.01
C ASN C 157 19.99 -61.08 -49.70
N GLY C 158 19.25 -61.88 -50.45
CA GLY C 158 17.82 -61.96 -50.19
C GLY C 158 17.59 -62.67 -48.88
N VAL C 159 17.06 -61.91 -47.92
CA VAL C 159 16.76 -62.37 -46.57
C VAL C 159 16.39 -61.13 -45.75
N LEU C 160 15.73 -61.34 -44.61
CA LEU C 160 15.65 -60.32 -43.56
C LEU C 160 15.45 -61.03 -42.22
N ASN C 161 16.00 -60.48 -41.15
CA ASN C 161 15.94 -61.14 -39.85
C ASN C 161 15.04 -60.42 -38.85
N SER C 162 14.52 -61.20 -37.90
CA SER C 162 13.56 -60.71 -36.92
C SER C 162 13.56 -61.61 -35.68
N TRP C 163 13.09 -61.06 -34.56
CA TRP C 163 13.05 -61.79 -33.30
C TRP C 163 11.86 -61.34 -32.49
N THR C 164 11.76 -61.83 -31.27
CA THR C 164 10.65 -61.46 -30.40
C THR C 164 11.15 -61.40 -28.98
N ASP C 165 10.78 -60.34 -28.26
CA ASP C 165 11.14 -60.22 -26.86
C ASP C 165 10.61 -61.44 -26.13
N GLN C 166 11.30 -61.83 -25.07
CA GLN C 166 10.97 -63.05 -24.35
C GLN C 166 9.50 -63.04 -24.01
N ASP C 167 8.82 -64.09 -24.42
CA ASP C 167 7.40 -64.18 -24.20
C ASP C 167 7.16 -64.29 -22.71
N SER C 168 6.03 -63.76 -22.25
CA SER C 168 5.63 -63.87 -20.86
C SER C 168 4.34 -64.65 -20.94
N LYS C 169 3.89 -65.19 -19.80
CA LYS C 169 3.23 -66.50 -19.76
C LYS C 169 4.35 -67.47 -20.16
N ASP C 170 4.15 -68.28 -21.21
CA ASP C 170 5.24 -69.15 -21.68
C ASP C 170 6.47 -68.27 -21.91
N SER C 171 7.59 -68.59 -21.27
CA SER C 171 8.75 -67.72 -21.42
C SER C 171 9.65 -68.36 -22.46
N THR C 172 9.57 -67.83 -23.67
CA THR C 172 10.30 -68.40 -24.79
C THR C 172 10.57 -67.36 -25.85
N TYR C 173 11.77 -67.40 -26.40
CA TYR C 173 12.14 -66.53 -27.50
C TYR C 173 11.71 -67.14 -28.83
N SER C 174 11.53 -66.31 -29.84
CA SER C 174 11.24 -66.81 -31.18
C SER C 174 11.88 -65.92 -32.24
N MET C 175 11.94 -66.39 -33.48
CA MET C 175 12.57 -65.59 -34.52
C MET C 175 12.00 -65.86 -35.89
N SER C 176 12.26 -64.90 -36.77
CA SER C 176 11.81 -64.93 -38.14
C SER C 176 12.96 -64.76 -39.11
N SER C 177 12.91 -65.51 -40.21
CA SER C 177 13.78 -65.20 -41.33
C SER C 177 12.90 -65.11 -42.57
N THR C 178 12.77 -63.91 -43.10
CA THR C 178 11.91 -63.71 -44.26
C THR C 178 12.74 -63.66 -45.52
N LEU C 179 12.67 -64.74 -46.29
CA LEU C 179 13.43 -64.88 -47.52
C LEU C 179 12.77 -64.10 -48.66
N THR C 180 13.60 -63.57 -49.55
CA THR C 180 13.10 -62.85 -50.72
C THR C 180 13.65 -63.50 -51.99
N LEU C 181 12.87 -63.45 -53.05
CA LEU C 181 13.30 -64.00 -54.34
C LEU C 181 12.50 -63.40 -55.49
N THR C 182 13.06 -63.52 -56.70
CA THR C 182 12.37 -63.08 -57.90
C THR C 182 11.91 -64.32 -58.67
N LYS C 183 11.30 -64.12 -59.82
CA LYS C 183 10.85 -65.22 -60.68
C LYS C 183 12.00 -66.16 -61.02
N ASP C 184 13.05 -65.59 -61.59
CA ASP C 184 14.21 -66.35 -62.04
C ASP C 184 14.95 -67.02 -60.88
N GLU C 185 15.16 -66.30 -59.79
CA GLU C 185 15.89 -66.83 -58.64
C GLU C 185 15.11 -67.91 -57.90
N TYR C 186 13.78 -67.82 -57.92
CA TYR C 186 12.95 -68.82 -57.25
C TYR C 186 12.90 -70.07 -58.12
N GLU C 187 12.68 -69.87 -59.41
CA GLU C 187 12.62 -70.99 -60.35
C GLU C 187 13.94 -71.75 -60.46
N ARG C 188 15.05 -71.01 -60.35
CA ARG C 188 16.39 -71.55 -60.60
C ARG C 188 16.81 -72.76 -59.76
N HIS C 189 16.11 -73.03 -58.67
CA HIS C 189 16.51 -74.13 -57.80
C HIS C 189 15.34 -74.98 -57.32
N ASN C 190 15.56 -76.30 -57.26
CA ASN C 190 14.52 -77.26 -56.91
C ASN C 190 14.25 -77.44 -55.43
N SER C 191 15.30 -77.44 -54.60
CA SER C 191 15.13 -77.77 -53.19
C SER C 191 15.86 -76.82 -52.22
N TYR C 192 15.07 -76.20 -51.34
CA TYR C 192 15.60 -75.32 -50.31
C TYR C 192 15.63 -76.05 -48.98
N THR C 193 16.17 -75.39 -47.95
CA THR C 193 16.22 -75.97 -46.60
C THR C 193 16.50 -74.89 -45.56
N CYS C 194 15.84 -75.00 -44.42
CA CYS C 194 15.99 -74.06 -43.31
C CYS C 194 16.87 -74.74 -42.24
N GLU C 195 17.92 -74.07 -41.78
CA GLU C 195 18.82 -74.74 -40.84
C GLU C 195 19.20 -73.85 -39.67
N ALA C 196 18.89 -74.32 -38.46
CA ALA C 196 19.17 -73.58 -37.23
C ALA C 196 20.01 -74.39 -36.25
N THR C 197 21.12 -73.80 -35.84
CA THR C 197 21.97 -74.36 -34.80
C THR C 197 21.70 -73.64 -33.48
N HIS C 198 21.50 -74.39 -32.41
CA HIS C 198 21.20 -73.79 -31.10
C HIS C 198 21.86 -74.58 -29.98
N LYS C 199 21.98 -73.96 -28.82
CA LYS C 199 22.60 -74.57 -27.66
C LYS C 199 21.83 -75.78 -27.10
N THR C 200 20.61 -76.00 -27.57
CA THR C 200 19.80 -77.12 -27.09
C THR C 200 20.42 -78.48 -27.44
N SER C 201 20.82 -78.67 -28.70
CA SER C 201 21.48 -79.90 -29.12
C SER C 201 22.55 -79.59 -30.16
N THR C 202 23.52 -80.49 -30.28
CA THR C 202 24.66 -80.28 -31.18
C THR C 202 24.28 -80.47 -32.64
N SER C 203 23.48 -81.48 -32.93
CA SER C 203 23.04 -81.71 -34.29
C SER C 203 22.00 -80.66 -34.66
N PRO C 204 22.34 -79.79 -35.63
CA PRO C 204 21.50 -78.66 -36.02
C PRO C 204 20.15 -79.10 -36.58
N ILE C 205 19.09 -78.37 -36.23
CA ILE C 205 17.76 -78.70 -36.70
C ILE C 205 17.54 -78.14 -38.10
N VAL C 206 17.26 -79.03 -39.05
CA VAL C 206 17.05 -78.62 -40.44
C VAL C 206 15.67 -79.01 -40.97
N LYS C 207 14.85 -78.01 -41.25
CA LYS C 207 13.61 -78.23 -41.97
C LYS C 207 13.98 -78.31 -43.44
N SER C 208 13.16 -78.98 -44.25
CA SER C 208 13.50 -79.18 -45.65
C SER C 208 12.29 -79.04 -46.57
N PHE C 209 12.42 -78.17 -47.56
CA PHE C 209 11.33 -77.95 -48.52
C PHE C 209 11.82 -78.02 -49.95
N ASN C 210 11.37 -79.04 -50.67
CA ASN C 210 11.69 -79.20 -52.08
C ASN C 210 10.44 -78.96 -52.94
N ARG C 211 10.62 -78.30 -54.07
CA ARG C 211 9.48 -78.00 -54.94
C ARG C 211 9.25 -79.11 -55.96
N ASN C 212 8.12 -79.78 -55.83
CA ASN C 212 7.76 -80.89 -56.73
C ASN C 212 6.31 -80.82 -57.18
N GLU C 213 6.10 -81.12 -58.46
CA GLU C 213 4.75 -81.09 -59.04
C GLU C 213 4.63 -82.18 -60.11
N CYS C 214 3.49 -82.18 -60.79
CA CYS C 214 3.22 -83.18 -61.82
C CYS C 214 2.16 -82.70 -62.80
N GLN D 1 2.09 -37.09 -8.16
CA GLN D 1 1.31 -37.31 -9.37
C GLN D 1 1.79 -36.42 -10.50
N VAL D 2 2.94 -36.78 -11.06
CA VAL D 2 3.60 -36.05 -12.12
C VAL D 2 3.46 -36.76 -13.46
N GLN D 3 2.92 -36.07 -14.46
CA GLN D 3 2.76 -36.69 -15.77
C GLN D 3 3.42 -35.88 -16.90
N LEU D 4 4.30 -36.54 -17.64
CA LEU D 4 4.92 -35.94 -18.82
C LEU D 4 4.28 -36.42 -20.13
N GLN D 5 3.29 -35.68 -20.59
CA GLN D 5 2.51 -35.99 -21.80
C GLN D 5 3.21 -35.59 -23.11
N GLN D 6 3.74 -36.57 -23.84
CA GLN D 6 4.41 -36.27 -25.11
C GLN D 6 3.50 -36.22 -26.33
N SER D 7 4.09 -35.82 -27.45
CA SER D 7 3.44 -35.87 -28.77
C SER D 7 3.42 -37.30 -29.30
N GLY D 8 2.54 -37.58 -30.26
CA GLY D 8 2.46 -38.90 -30.84
C GLY D 8 3.61 -39.14 -31.79
N ALA D 9 3.60 -40.27 -32.49
CA ALA D 9 4.64 -40.61 -33.46
C ALA D 9 4.75 -39.50 -34.51
N GLU D 10 5.96 -39.22 -34.99
CA GLU D 10 6.12 -38.18 -36.00
C GLU D 10 6.92 -38.58 -37.24
N LEU D 11 6.19 -39.03 -38.26
CA LEU D 11 6.77 -39.39 -39.55
C LEU D 11 6.95 -38.13 -40.39
N ALA D 12 8.18 -37.87 -40.83
CA ALA D 12 8.45 -36.67 -41.62
C ALA D 12 9.51 -36.92 -42.70
N GLU D 13 9.24 -36.40 -43.89
CA GLU D 13 10.14 -36.57 -45.03
C GLU D 13 11.49 -35.90 -44.75
N PRO D 14 12.59 -36.52 -45.22
CA PRO D 14 13.96 -36.04 -44.97
C PRO D 14 14.18 -34.56 -45.31
N GLY D 15 14.79 -33.84 -44.38
CA GLY D 15 15.03 -32.42 -44.57
C GLY D 15 14.06 -31.55 -43.79
N ALA D 16 12.90 -32.11 -43.45
CA ALA D 16 11.86 -31.34 -42.77
C ALA D 16 12.20 -31.06 -41.32
N SER D 17 11.36 -30.25 -40.66
CA SER D 17 11.59 -29.93 -39.25
C SER D 17 10.45 -30.25 -38.28
N VAL D 18 10.40 -31.46 -37.75
CA VAL D 18 9.32 -31.81 -36.83
C VAL D 18 9.49 -31.05 -35.52
N LYS D 19 8.43 -30.94 -34.72
CA LYS D 19 8.52 -30.27 -33.41
C LYS D 19 7.67 -30.92 -32.31
N MET D 20 8.25 -31.78 -31.47
CA MET D 20 7.48 -32.52 -30.46
C MET D 20 7.14 -31.70 -29.20
N SER D 21 6.05 -32.06 -28.53
CA SER D 21 5.54 -31.32 -27.35
C SER D 21 5.65 -32.17 -26.07
N CYS D 22 5.83 -31.54 -24.91
CA CYS D 22 5.88 -32.26 -23.63
C CYS D 22 5.21 -31.54 -22.46
N LYS D 23 3.97 -31.92 -22.16
CA LYS D 23 3.20 -31.34 -21.05
C LYS D 23 3.63 -31.83 -19.66
N ALA D 24 3.89 -30.88 -18.77
CA ALA D 24 4.40 -31.18 -17.41
C ALA D 24 3.36 -31.02 -16.30
N SER D 25 2.55 -32.04 -16.04
CA SER D 25 1.51 -31.92 -15.02
C SER D 25 1.94 -32.45 -13.65
N GLY D 26 1.57 -31.73 -12.60
CA GLY D 26 1.73 -32.21 -11.24
C GLY D 26 2.88 -31.65 -10.41
N TYR D 27 3.49 -30.57 -10.87
CA TYR D 27 4.51 -29.86 -10.11
C TYR D 27 4.76 -28.53 -10.81
N THR D 28 5.61 -27.66 -10.25
CA THR D 28 5.76 -26.35 -10.86
C THR D 28 6.86 -26.31 -11.92
N PHE D 29 6.39 -26.33 -13.16
CA PHE D 29 7.19 -26.53 -14.35
C PHE D 29 8.31 -25.53 -14.57
N SER D 30 7.99 -24.26 -14.35
CA SER D 30 8.90 -23.17 -14.61
C SER D 30 10.02 -23.14 -13.61
N SER D 31 9.91 -23.94 -12.55
CA SER D 31 10.96 -23.92 -11.57
C SER D 31 11.89 -25.13 -11.73
N PHE D 32 11.59 -26.02 -12.70
CA PHE D 32 12.46 -27.20 -12.87
C PHE D 32 13.04 -27.42 -14.26
N TRP D 33 14.31 -27.85 -14.28
CA TRP D 33 15.06 -28.10 -15.52
C TRP D 33 14.44 -29.24 -16.33
N MET D 34 14.54 -29.13 -17.65
CA MET D 34 13.92 -30.06 -18.58
C MET D 34 14.95 -30.72 -19.52
N HIS D 35 15.26 -31.99 -19.27
CA HIS D 35 16.20 -32.75 -20.12
C HIS D 35 15.53 -33.53 -21.25
N TRP D 36 16.22 -33.67 -22.37
CA TRP D 36 15.73 -34.49 -23.49
C TRP D 36 16.71 -35.64 -23.76
N VAL D 37 16.18 -36.85 -23.91
CA VAL D 37 17.02 -38.01 -24.22
C VAL D 37 16.62 -38.72 -25.50
N LYS D 38 17.61 -39.00 -26.33
CA LYS D 38 17.40 -39.65 -27.62
C LYS D 38 17.73 -41.14 -27.54
N GLN D 39 16.75 -41.99 -27.84
CA GLN D 39 17.00 -43.42 -27.96
C GLN D 39 16.72 -43.92 -29.37
N ARG D 40 17.79 -44.22 -30.11
CA ARG D 40 17.69 -44.83 -31.42
C ARG D 40 17.19 -46.26 -31.25
N PRO D 41 16.52 -46.82 -32.27
CA PRO D 41 15.99 -48.18 -32.14
C PRO D 41 17.06 -49.19 -31.75
N GLY D 42 16.78 -49.95 -30.69
CA GLY D 42 17.71 -50.93 -30.17
C GLY D 42 19.07 -50.37 -29.79
N GLN D 43 19.12 -49.10 -29.43
CA GLN D 43 20.38 -48.45 -29.08
C GLN D 43 20.37 -47.86 -27.67
N GLY D 44 21.50 -47.30 -27.25
CA GLY D 44 21.60 -46.73 -25.92
C GLY D 44 21.01 -45.34 -25.83
N LEU D 45 21.12 -44.74 -24.65
CA LEU D 45 20.53 -43.44 -24.38
C LEU D 45 21.52 -42.30 -24.61
N GLU D 46 21.21 -41.42 -25.56
CA GLU D 46 22.04 -40.27 -25.87
C GLU D 46 21.43 -38.96 -25.38
N TRP D 47 22.04 -38.40 -24.32
CA TRP D 47 21.57 -37.14 -23.75
C TRP D 47 21.65 -36.02 -24.79
N ILE D 48 20.58 -35.25 -24.93
CA ILE D 48 20.56 -34.22 -25.96
C ILE D 48 20.87 -32.80 -25.47
N GLY D 49 20.59 -32.54 -24.19
CA GLY D 49 20.81 -31.22 -23.64
C GLY D 49 19.69 -30.89 -22.68
N TYR D 50 19.78 -29.75 -22.00
CA TYR D 50 18.69 -29.37 -21.10
C TYR D 50 18.25 -27.95 -21.43
N ILE D 51 17.02 -27.65 -21.05
CA ILE D 51 16.48 -26.30 -21.12
C ILE D 51 15.85 -25.83 -19.82
N ASN D 52 16.33 -24.71 -19.30
CA ASN D 52 15.67 -24.10 -18.15
C ASN D 52 14.57 -23.17 -18.65
N PRO D 53 13.31 -23.46 -18.30
CA PRO D 53 12.19 -22.57 -18.65
C PRO D 53 12.35 -21.23 -17.93
N ARG D 54 11.36 -20.34 -18.00
CA ARG D 54 11.57 -18.98 -17.48
C ARG D 54 12.74 -18.39 -18.27
N SER D 55 13.91 -18.31 -17.64
CA SER D 55 15.10 -17.73 -18.27
C SER D 55 15.27 -18.15 -19.74
N GLY D 56 14.93 -19.39 -20.05
CA GLY D 56 14.91 -19.83 -21.43
C GLY D 56 16.24 -20.39 -21.85
N TYR D 57 17.23 -20.28 -20.96
CA TYR D 57 18.57 -20.77 -21.24
C TYR D 57 18.58 -22.27 -21.55
N THR D 58 19.28 -22.63 -22.62
CA THR D 58 19.37 -24.01 -23.08
C THR D 58 20.79 -24.42 -23.41
N GLU D 59 21.30 -25.46 -22.74
CA GLU D 59 22.61 -26.00 -23.11
C GLU D 59 22.46 -27.38 -23.74
N CYS D 60 22.74 -27.46 -25.04
CA CYS D 60 22.63 -28.72 -25.77
C CYS D 60 23.91 -29.53 -25.67
N ASN D 61 23.86 -30.77 -26.16
CA ASN D 61 25.06 -31.57 -26.31
C ASN D 61 25.78 -31.14 -27.56
N GLU D 62 27.10 -31.28 -27.59
CA GLU D 62 27.81 -30.81 -28.78
C GLU D 62 27.72 -31.76 -29.96
N ILE D 63 27.39 -33.03 -29.70
CA ILE D 63 27.20 -33.97 -30.81
C ILE D 63 25.84 -33.84 -31.46
N PHE D 64 24.97 -33.08 -30.82
CA PHE D 64 23.64 -32.84 -31.34
C PHE D 64 23.53 -31.36 -31.67
N ARG D 65 24.67 -30.66 -31.52
CA ARG D 65 24.72 -29.23 -31.78
C ARG D 65 24.26 -28.90 -33.20
N ASP D 66 23.45 -27.84 -33.30
CA ASP D 66 22.83 -27.36 -34.54
C ASP D 66 21.80 -28.35 -35.10
N LYS D 67 21.25 -29.17 -34.21
CA LYS D 67 20.17 -30.10 -34.55
C LYS D 67 18.94 -29.81 -33.69
N ALA D 68 19.14 -29.88 -32.37
CA ALA D 68 18.07 -29.73 -31.40
C ALA D 68 17.75 -28.27 -31.05
N THR D 69 16.56 -27.83 -31.42
CA THR D 69 16.07 -26.48 -31.08
C THR D 69 15.04 -26.48 -29.94
N MET D 70 15.54 -26.31 -28.70
CA MET D 70 14.75 -26.38 -27.47
C MET D 70 14.04 -25.11 -27.00
N THR D 71 12.72 -25.11 -27.02
CA THR D 71 11.93 -23.98 -26.52
C THR D 71 11.08 -24.42 -25.31
N ALA D 72 10.57 -23.45 -24.54
CA ALA D 72 9.73 -23.76 -23.38
C ALA D 72 8.63 -22.74 -23.14
N ASP D 73 7.38 -23.18 -23.25
CA ASP D 73 6.21 -22.38 -22.94
C ASP D 73 5.80 -22.46 -21.46
N THR D 74 6.19 -21.45 -20.69
CA THR D 74 6.02 -21.48 -19.24
C THR D 74 4.55 -21.17 -18.89
N SER D 75 3.82 -20.62 -19.85
CA SER D 75 2.42 -20.28 -19.61
C SER D 75 1.50 -21.49 -19.79
N SER D 76 2.02 -22.57 -20.35
CA SER D 76 1.27 -23.83 -20.47
C SER D 76 1.97 -25.02 -19.80
N SER D 77 3.12 -24.75 -19.19
CA SER D 77 3.98 -25.80 -18.64
C SER D 77 4.28 -26.88 -19.69
N THR D 78 4.82 -26.46 -20.84
CA THR D 78 5.06 -27.36 -21.97
C THR D 78 6.41 -27.16 -22.65
N ALA D 79 7.29 -28.15 -22.54
CA ALA D 79 8.59 -28.11 -23.23
C ALA D 79 8.44 -28.50 -24.71
N TYR D 80 9.29 -27.95 -25.57
CA TYR D 80 9.27 -28.29 -27.00
C TYR D 80 10.62 -28.51 -27.65
N MET D 81 10.86 -29.66 -28.25
CA MET D 81 12.15 -29.83 -28.92
C MET D 81 11.91 -29.98 -30.41
N GLN D 82 12.30 -28.98 -31.18
CA GLN D 82 12.20 -29.02 -32.63
C GLN D 82 13.42 -29.72 -33.25
N LEU D 83 13.18 -30.53 -34.29
CA LEU D 83 14.28 -31.16 -35.01
C LEU D 83 14.38 -30.74 -36.48
N SER D 84 15.33 -29.85 -36.78
CA SER D 84 15.49 -29.28 -38.11
C SER D 84 16.29 -30.17 -39.06
N GLY D 85 15.78 -30.37 -40.26
CA GLY D 85 16.50 -31.08 -41.31
C GLY D 85 16.74 -32.53 -40.95
N LEU D 86 15.68 -33.21 -40.52
CA LEU D 86 15.81 -34.56 -39.98
C LEU D 86 16.22 -35.58 -41.02
N THR D 87 17.35 -36.23 -40.78
CA THR D 87 17.80 -37.35 -41.59
C THR D 87 17.35 -38.67 -40.97
N SER D 88 17.64 -39.79 -41.63
CA SER D 88 17.13 -41.07 -41.17
C SER D 88 17.80 -41.57 -39.90
N GLU D 89 18.91 -40.94 -39.50
CA GLU D 89 19.59 -41.40 -38.30
C GLU D 89 18.98 -40.63 -37.15
N ASP D 90 18.00 -39.82 -37.48
CA ASP D 90 17.23 -39.11 -36.47
C ASP D 90 16.02 -39.96 -36.15
N SER D 91 15.91 -41.14 -36.78
CA SER D 91 14.78 -42.01 -36.44
C SER D 91 15.04 -42.53 -35.04
N ALA D 92 14.13 -42.23 -34.12
CA ALA D 92 14.36 -42.46 -32.70
C ALA D 92 13.16 -42.13 -31.84
N VAL D 93 13.13 -42.71 -30.64
CA VAL D 93 12.12 -42.41 -29.64
C VAL D 93 12.66 -41.33 -28.71
N TYR D 94 12.08 -40.13 -28.77
CA TYR D 94 12.57 -38.99 -28.01
C TYR D 94 11.83 -38.89 -26.67
N TYR D 95 12.61 -38.65 -25.61
CA TYR D 95 12.15 -38.60 -24.22
C TYR D 95 12.37 -37.31 -23.40
N CYS D 96 11.33 -36.53 -23.14
CA CYS D 96 11.45 -35.45 -22.14
C CYS D 96 11.52 -36.07 -20.74
N ALA D 97 12.38 -35.46 -19.92
CA ALA D 97 12.68 -35.87 -18.56
C ALA D 97 12.76 -34.70 -17.58
N SER D 98 12.03 -34.79 -16.49
CA SER D 98 12.08 -33.81 -15.41
C SER D 98 13.38 -33.99 -14.60
N PHE D 99 14.18 -32.92 -14.54
CA PHE D 99 15.47 -32.99 -13.85
C PHE D 99 15.40 -32.73 -12.35
N LEU D 100 15.76 -33.75 -11.58
CA LEU D 100 15.86 -33.69 -10.12
C LEU D 100 17.19 -33.05 -9.74
N GLY D 101 17.47 -32.97 -8.44
CA GLY D 101 18.76 -32.50 -7.97
C GLY D 101 19.82 -33.53 -8.32
N ARG D 102 21.07 -33.27 -7.93
CA ARG D 102 22.20 -34.15 -8.20
C ARG D 102 22.35 -34.46 -9.69
N GLY D 103 22.64 -35.71 -10.02
CA GLY D 103 22.88 -36.11 -11.39
C GLY D 103 21.76 -36.89 -12.06
N ALA D 104 20.51 -36.69 -11.64
CA ALA D 104 19.47 -37.61 -12.10
C ALA D 104 18.13 -37.00 -12.52
N MET D 105 17.73 -37.35 -13.74
CA MET D 105 16.42 -37.04 -14.32
C MET D 105 15.26 -37.85 -13.74
N ASP D 106 14.35 -37.20 -13.01
CA ASP D 106 13.36 -37.98 -12.26
C ASP D 106 12.06 -37.77 -13.01
N TYR D 107 11.27 -38.84 -13.15
CA TYR D 107 9.96 -38.80 -13.80
C TYR D 107 10.11 -38.44 -15.29
N TRP D 108 9.82 -39.41 -16.15
CA TRP D 108 10.06 -39.26 -17.58
C TRP D 108 8.76 -39.11 -18.38
N GLY D 109 8.90 -38.99 -19.70
CA GLY D 109 7.77 -38.95 -20.60
C GLY D 109 7.49 -40.32 -21.19
N GLN D 110 6.47 -40.41 -22.04
CA GLN D 110 6.08 -41.66 -22.68
C GLN D 110 6.94 -41.94 -23.90
N GLY D 111 7.46 -40.87 -24.50
CA GLY D 111 8.29 -40.96 -25.69
C GLY D 111 7.57 -40.62 -26.98
N THR D 112 8.34 -40.03 -27.89
CA THR D 112 7.87 -39.63 -29.22
C THR D 112 8.67 -40.36 -30.29
N SER D 113 8.01 -41.19 -31.11
CA SER D 113 8.74 -42.00 -32.07
C SER D 113 8.77 -41.31 -33.44
N VAL D 114 9.84 -40.55 -33.68
CA VAL D 114 9.99 -39.86 -34.95
C VAL D 114 10.63 -40.79 -35.97
N THR D 115 10.05 -40.87 -37.16
CA THR D 115 10.61 -41.76 -38.18
C THR D 115 10.81 -41.08 -39.54
N VAL D 116 12.06 -40.96 -39.96
CA VAL D 116 12.39 -40.30 -41.20
C VAL D 116 12.43 -41.29 -42.35
N SER D 117 11.52 -41.18 -43.31
CA SER D 117 11.49 -42.11 -44.42
C SER D 117 10.92 -41.45 -45.68
N SER D 118 10.93 -42.18 -46.80
CA SER D 118 10.57 -41.60 -48.08
C SER D 118 9.36 -42.23 -48.78
N ALA D 119 9.03 -41.65 -49.93
CA ALA D 119 7.92 -42.06 -50.80
C ALA D 119 6.56 -42.10 -50.11
N LYS D 120 5.73 -43.06 -50.50
CA LYS D 120 4.33 -43.07 -50.13
C LYS D 120 3.87 -44.34 -49.41
N THR D 121 2.70 -44.24 -48.77
CA THR D 121 2.09 -45.36 -48.06
C THR D 121 1.60 -46.45 -49.01
N THR D 122 1.69 -47.69 -48.55
CA THR D 122 1.26 -48.84 -49.32
C THR D 122 0.57 -49.86 -48.42
N ALA D 123 -0.45 -50.53 -48.95
CA ALA D 123 -1.27 -51.47 -48.17
C ALA D 123 -0.74 -52.90 -48.23
N PRO D 124 -0.96 -53.66 -47.15
CA PRO D 124 -0.49 -55.04 -46.94
C PRO D 124 -1.33 -56.11 -47.63
N SER D 125 -0.69 -57.24 -47.91
CA SER D 125 -1.35 -58.41 -48.49
C SER D 125 -0.99 -59.63 -47.67
N VAL D 126 -2.01 -60.41 -47.31
CA VAL D 126 -1.80 -61.57 -46.44
C VAL D 126 -1.83 -62.87 -47.22
N TYR D 127 -0.68 -63.52 -47.29
CA TYR D 127 -0.52 -64.79 -47.98
C TYR D 127 -0.71 -65.94 -46.99
N PRO D 128 -1.84 -66.65 -47.10
CA PRO D 128 -2.14 -67.74 -46.17
C PRO D 128 -1.13 -68.89 -46.28
N LEU D 129 0.11 -68.65 -45.86
CA LEU D 129 1.15 -69.65 -46.01
C LEU D 129 0.83 -70.92 -45.22
N ALA D 130 0.77 -72.03 -45.94
CA ALA D 130 0.55 -73.34 -45.34
C ALA D 130 1.75 -74.22 -45.65
N PRO D 131 1.95 -75.28 -44.86
CA PRO D 131 3.14 -76.13 -44.92
C PRO D 131 3.45 -76.73 -46.30
N VAL D 132 2.46 -77.31 -46.96
CA VAL D 132 2.64 -77.96 -48.27
C VAL D 132 3.71 -79.06 -48.23
N CYS D 133 3.97 -79.58 -47.04
CA CYS D 133 4.89 -80.69 -46.81
C CYS D 133 4.94 -81.00 -45.31
N GLY D 134 5.34 -82.22 -44.98
CA GLY D 134 5.41 -82.64 -43.59
C GLY D 134 4.98 -84.09 -43.50
N ASP D 135 4.66 -84.54 -42.30
CA ASP D 135 3.98 -85.83 -42.17
C ASP D 135 2.57 -85.58 -41.64
N THR D 136 1.61 -85.64 -42.55
CA THR D 136 0.18 -85.43 -42.26
C THR D 136 -0.07 -84.22 -41.36
N THR D 137 0.79 -83.21 -41.46
CA THR D 137 0.79 -82.08 -40.54
C THR D 137 0.57 -82.57 -39.11
N GLY D 138 1.60 -83.21 -38.55
CA GLY D 138 1.49 -83.91 -37.28
C GLY D 138 0.94 -83.01 -36.19
N SER D 139 0.46 -83.62 -35.12
CA SER D 139 -0.51 -82.98 -34.22
C SER D 139 -0.06 -81.60 -33.74
N SER D 140 -1.07 -80.77 -33.50
CA SER D 140 -1.09 -79.32 -33.70
C SER D 140 -0.78 -78.96 -35.15
N VAL D 141 -0.30 -77.74 -35.38
CA VAL D 141 0.01 -77.31 -36.75
C VAL D 141 0.84 -76.03 -36.73
N THR D 142 1.56 -75.75 -37.80
CA THR D 142 2.26 -74.48 -37.88
C THR D 142 1.92 -73.81 -39.20
N LEU D 143 1.19 -72.70 -39.12
CA LEU D 143 0.76 -71.96 -40.30
C LEU D 143 0.73 -70.47 -40.01
N GLY D 144 0.57 -69.66 -41.06
CA GLY D 144 0.48 -68.22 -40.87
C GLY D 144 0.62 -67.41 -42.14
N CYS D 145 0.72 -66.10 -41.98
CA CYS D 145 0.76 -65.19 -43.12
C CYS D 145 1.86 -64.14 -42.99
N LEU D 146 2.72 -64.07 -44.01
CA LEU D 146 3.77 -63.06 -44.09
C LEU D 146 3.20 -61.77 -44.68
N VAL D 147 3.75 -60.62 -44.26
CA VAL D 147 3.28 -59.34 -44.76
C VAL D 147 4.36 -58.28 -45.07
N LYS D 148 4.52 -57.95 -46.35
CA LYS D 148 5.49 -56.93 -46.77
C LYS D 148 4.59 -56.01 -47.59
N GLY D 149 5.03 -54.79 -47.93
CA GLY D 149 4.13 -53.87 -48.61
C GLY D 149 3.25 -53.31 -47.52
N TYR D 150 3.90 -53.09 -46.39
CA TYR D 150 3.30 -52.73 -45.10
C TYR D 150 3.40 -51.30 -44.51
N PHE D 151 3.44 -50.25 -45.33
CA PHE D 151 3.72 -48.94 -44.74
C PHE D 151 2.47 -48.12 -44.46
N PRO D 152 1.58 -48.69 -43.63
CA PRO D 152 1.15 -48.15 -42.33
C PRO D 152 2.14 -48.68 -41.29
N GLU D 153 2.68 -47.87 -40.38
CA GLU D 153 3.70 -48.42 -39.49
C GLU D 153 3.11 -49.38 -38.45
N PRO D 154 2.14 -48.94 -37.62
CA PRO D 154 1.53 -49.93 -36.74
C PRO D 154 0.43 -50.72 -37.47
N VAL D 155 0.24 -51.98 -37.11
CA VAL D 155 -0.86 -52.76 -37.68
C VAL D 155 -1.15 -54.00 -36.84
N THR D 156 -2.18 -54.74 -37.24
CA THR D 156 -2.68 -55.83 -36.40
C THR D 156 -2.89 -57.15 -37.14
N LEU D 157 -2.43 -58.24 -36.51
CA LEU D 157 -2.63 -59.59 -37.03
C LEU D 157 -3.31 -60.43 -35.96
N THR D 158 -4.39 -61.11 -36.32
CA THR D 158 -5.16 -61.90 -35.36
C THR D 158 -5.73 -63.18 -35.95
N TRP D 159 -5.90 -64.18 -35.08
CA TRP D 159 -6.46 -65.46 -35.48
C TRP D 159 -7.84 -65.69 -34.85
N ASN D 160 -8.80 -66.11 -35.67
CA ASN D 160 -10.15 -66.44 -35.21
C ASN D 160 -10.87 -65.29 -34.51
N SER D 161 -10.62 -64.06 -34.96
CA SER D 161 -11.25 -62.86 -34.42
C SER D 161 -11.10 -62.72 -32.90
N GLY D 162 -9.86 -62.85 -32.43
CA GLY D 162 -9.55 -62.70 -31.01
C GLY D 162 -10.04 -63.83 -30.13
N SER D 163 -10.79 -64.77 -30.71
CA SER D 163 -11.32 -65.88 -29.95
C SER D 163 -10.21 -66.90 -29.68
N LEU D 164 -9.31 -67.04 -30.65
CA LEU D 164 -8.15 -67.90 -30.47
C LEU D 164 -6.93 -67.01 -30.32
N SER D 165 -6.41 -66.95 -29.10
CA SER D 165 -5.27 -66.09 -28.79
C SER D 165 -4.00 -66.90 -28.55
N ALA D 166 -4.04 -67.74 -27.52
CA ALA D 166 -2.89 -68.55 -27.11
C ALA D 166 -2.29 -69.33 -28.28
N GLY D 167 -0.97 -69.22 -28.43
CA GLY D 167 -0.27 -69.88 -29.51
C GLY D 167 -0.09 -68.98 -30.72
N VAL D 168 -0.17 -67.66 -30.49
CA VAL D 168 -0.02 -66.70 -31.57
C VAL D 168 1.27 -65.90 -31.44
N HIS D 169 2.22 -66.16 -32.34
CA HIS D 169 3.49 -65.45 -32.36
C HIS D 169 3.56 -64.51 -33.56
N THR D 170 3.54 -63.21 -33.30
CA THR D 170 3.58 -62.19 -34.34
C THR D 170 4.82 -61.34 -34.22
N PHE D 171 5.64 -61.37 -35.27
CA PHE D 171 6.94 -60.71 -35.29
C PHE D 171 6.92 -59.24 -35.67
N PRO D 172 7.89 -58.46 -35.16
CA PRO D 172 8.04 -57.05 -35.50
C PRO D 172 8.61 -56.89 -36.91
N ALA D 173 8.10 -55.91 -37.66
CA ALA D 173 8.49 -55.69 -39.05
C ALA D 173 9.94 -55.25 -39.21
N VAL D 174 10.47 -55.39 -40.43
CA VAL D 174 11.84 -54.97 -40.73
C VAL D 174 11.86 -54.04 -41.95
N LEU D 175 12.47 -52.87 -41.79
CA LEU D 175 12.54 -51.89 -42.85
C LEU D 175 13.34 -52.41 -44.06
N GLN D 176 12.73 -52.34 -45.23
CA GLN D 176 13.34 -52.79 -46.48
C GLN D 176 14.04 -51.63 -47.19
N SER D 177 14.06 -50.48 -46.51
CA SER D 177 14.40 -49.15 -47.03
C SER D 177 13.15 -48.56 -47.70
N ASP D 178 12.18 -49.43 -48.00
CA ASP D 178 10.81 -48.96 -48.06
C ASP D 178 9.81 -49.96 -47.47
N LEU D 179 9.13 -49.44 -46.47
CA LEU D 179 7.75 -49.75 -46.13
C LEU D 179 7.30 -50.98 -45.35
N TYR D 180 7.98 -52.14 -45.32
CA TYR D 180 8.11 -52.98 -44.10
C TYR D 180 8.06 -54.48 -44.43
N THR D 181 8.43 -55.36 -43.49
CA THR D 181 8.33 -56.79 -43.76
C THR D 181 8.16 -57.55 -42.45
N LEU D 182 6.93 -57.99 -42.25
CA LEU D 182 6.45 -58.73 -41.08
C LEU D 182 6.14 -60.18 -41.39
N SER D 183 6.14 -61.03 -40.36
CA SER D 183 5.62 -62.38 -40.47
C SER D 183 4.76 -62.73 -39.25
N SER D 184 3.77 -63.60 -39.42
CA SER D 184 2.92 -64.04 -38.31
C SER D 184 2.66 -65.55 -38.35
N SER D 185 3.04 -66.25 -37.29
CA SER D 185 2.88 -67.70 -37.24
C SER D 185 1.98 -68.13 -36.10
N VAL D 186 1.40 -69.32 -36.22
CA VAL D 186 0.52 -69.82 -35.17
C VAL D 186 0.61 -71.34 -35.04
N THR D 187 0.52 -71.84 -33.82
CA THR D 187 0.48 -73.26 -33.60
C THR D 187 -0.88 -73.65 -33.00
N VAL D 188 -1.71 -74.27 -33.84
CA VAL D 188 -3.06 -74.68 -33.43
C VAL D 188 -3.23 -76.19 -33.54
N THR D 189 -3.99 -76.76 -32.61
CA THR D 189 -4.20 -78.21 -32.53
C THR D 189 -4.71 -78.82 -33.84
N SER D 190 -4.04 -79.88 -34.30
CA SER D 190 -4.43 -80.60 -35.51
C SER D 190 -5.62 -81.46 -35.19
N SER D 191 -5.97 -81.50 -33.91
CA SER D 191 -7.19 -82.12 -33.47
C SER D 191 -8.32 -81.22 -33.94
N THR D 192 -7.95 -80.01 -34.36
CA THR D 192 -8.85 -79.17 -35.11
C THR D 192 -8.47 -79.26 -36.58
N TRP D 193 -7.45 -78.50 -37.03
CA TRP D 193 -6.93 -78.69 -38.39
C TRP D 193 -8.08 -78.28 -39.34
N PRO D 194 -7.97 -78.44 -40.69
CA PRO D 194 -8.74 -77.53 -41.54
C PRO D 194 -10.25 -77.57 -41.29
N SER D 195 -10.73 -78.52 -40.50
CA SER D 195 -12.11 -78.38 -40.06
C SER D 195 -12.02 -77.55 -38.79
N GLN D 196 -12.25 -76.27 -39.01
CA GLN D 196 -12.22 -75.20 -38.04
C GLN D 196 -12.27 -73.95 -38.90
N SER D 197 -12.61 -72.79 -38.34
CA SER D 197 -12.41 -71.56 -39.09
C SER D 197 -11.18 -70.86 -38.55
N ILE D 198 -10.08 -70.91 -39.31
CA ILE D 198 -8.85 -70.26 -38.89
C ILE D 198 -8.53 -69.14 -39.86
N THR D 199 -8.72 -67.91 -39.42
CA THR D 199 -8.64 -66.76 -40.31
C THR D 199 -7.55 -65.79 -39.90
N CYS D 200 -6.73 -65.38 -40.86
CA CYS D 200 -5.68 -64.42 -40.59
C CYS D 200 -6.20 -63.03 -40.86
N ASN D 201 -6.35 -62.24 -39.80
CA ASN D 201 -6.87 -60.89 -39.93
C ASN D 201 -5.76 -59.87 -39.87
N VAL D 202 -5.49 -59.23 -41.00
CA VAL D 202 -4.46 -58.21 -41.09
C VAL D 202 -5.11 -56.85 -41.30
N ALA D 203 -4.91 -55.96 -40.33
CA ALA D 203 -5.51 -54.63 -40.39
C ALA D 203 -4.46 -53.55 -40.45
N HIS D 204 -4.48 -52.79 -41.54
CA HIS D 204 -3.56 -51.65 -41.70
C HIS D 204 -4.36 -50.37 -41.73
N PRO D 205 -4.23 -49.56 -40.66
CA PRO D 205 -5.03 -48.35 -40.42
C PRO D 205 -4.86 -47.25 -41.47
N ALA D 206 -3.76 -47.25 -42.21
CA ALA D 206 -3.56 -46.23 -43.24
C ALA D 206 -4.45 -46.50 -44.44
N SER D 207 -4.65 -47.79 -44.73
CA SER D 207 -5.48 -48.20 -45.86
C SER D 207 -6.95 -48.36 -45.49
N SER D 208 -7.25 -48.33 -44.19
CA SER D 208 -8.60 -48.54 -43.68
C SER D 208 -9.26 -49.79 -44.26
N THR D 209 -8.45 -50.83 -44.46
CA THR D 209 -8.94 -52.09 -45.00
C THR D 209 -8.45 -53.26 -44.15
N LYS D 210 -9.35 -54.20 -43.84
CA LYS D 210 -8.96 -55.37 -43.08
C LYS D 210 -9.07 -56.66 -43.92
N VAL D 211 -7.92 -57.20 -44.30
CA VAL D 211 -7.87 -58.43 -45.08
C VAL D 211 -7.95 -59.67 -44.20
N ASP D 212 -8.95 -60.51 -44.44
CA ASP D 212 -9.07 -61.75 -43.70
C ASP D 212 -8.81 -62.94 -44.62
N LYS D 213 -7.68 -63.62 -44.40
CA LYS D 213 -7.31 -64.73 -45.24
C LYS D 213 -7.09 -66.02 -44.44
N LYS D 214 -7.93 -67.01 -44.70
CA LYS D 214 -7.76 -68.32 -44.09
C LYS D 214 -6.96 -69.19 -45.06
N ILE D 215 -6.58 -70.40 -44.64
CA ILE D 215 -5.88 -71.26 -45.58
C ILE D 215 -6.51 -72.66 -45.67
N GLU D 216 -7.20 -72.93 -46.77
CA GLU D 216 -7.69 -74.28 -47.03
C GLU D 216 -6.60 -75.20 -47.57
N PRO D 217 -6.08 -74.86 -48.77
CA PRO D 217 -5.10 -75.64 -49.53
C PRO D 217 -3.66 -75.21 -49.35
N ARG D 218 -2.77 -75.89 -50.07
CA ARG D 218 -1.34 -75.62 -50.00
C ARG D 218 -0.67 -75.86 -51.35
C1 NAG E . 27.83 -15.17 19.18
C2 NAG E . 27.69 -13.71 19.55
C3 NAG E . 28.61 -12.86 18.67
C4 NAG E . 30.04 -13.40 18.69
C5 NAG E . 30.04 -14.90 18.37
C6 NAG E . 31.39 -15.55 18.49
C7 NAG E . 25.45 -13.33 20.45
C8 NAG E . 24.07 -12.81 20.18
N2 NAG E . 26.32 -13.24 19.45
O3 NAG E . 28.60 -11.51 19.11
O4 NAG E . 30.78 -12.70 17.70
O5 NAG E . 29.17 -15.59 19.30
O6 NAG E . 32.32 -14.79 19.24
O7 NAG E . 25.77 -13.79 21.55
C1 NAG E . 31.81 -11.91 18.31
C2 NAG E . 33.02 -12.01 17.40
C3 NAG E . 34.20 -11.34 18.06
C4 NAG E . 33.86 -9.87 18.27
C5 NAG E . 32.59 -9.75 19.13
C6 NAG E . 32.11 -8.32 19.25
C7 NAG E . 33.03 -13.90 15.85
C8 NAG E . 32.37 -12.98 14.89
N2 NAG E . 33.32 -13.39 17.06
O3 NAG E . 35.34 -11.50 17.23
O4 NAG E . 34.93 -9.17 18.90
O5 NAG E . 31.51 -10.51 18.55
O6 NAG E . 30.72 -8.20 18.98
O7 NAG E . 33.30 -15.07 15.57
C1 BMA E . 35.84 -8.52 17.97
C2 BMA E . 35.38 -8.52 16.49
C3 BMA E . 36.60 -8.17 15.69
C4 BMA E . 37.03 -6.76 16.04
C5 BMA E . 37.34 -6.67 17.56
C6 BMA E . 37.55 -5.25 18.02
O2 BMA E . 34.43 -7.49 16.24
O3 BMA E . 36.35 -8.29 14.29
O4 BMA E . 38.18 -6.42 15.28
O5 BMA E . 36.23 -7.22 18.35
O6 BMA E . 37.57 -5.29 19.43
C1 MAN E . 36.73 -4.25 19.96
C2 MAN E . 37.66 -3.15 20.45
C3 MAN E . 38.54 -3.74 21.56
C4 MAN E . 37.69 -4.44 22.65
C5 MAN E . 36.67 -5.43 22.03
C6 MAN E . 35.66 -5.94 23.03
O2 MAN E . 36.93 -2.09 21.06
O3 MAN E . 39.37 -2.74 22.14
O4 MAN E . 38.54 -5.11 23.60
O5 MAN E . 35.94 -4.75 20.98
O6 MAN E . 34.58 -6.53 22.31
C1 BMA E . 39.26 -6.23 23.05
C2 BMA E . 40.78 -5.95 23.18
C3 BMA E . 41.61 -7.21 22.90
C4 BMA E . 41.07 -8.40 23.68
C5 BMA E . 39.61 -8.61 23.29
C6 BMA E . 38.99 -9.83 23.96
O2 BMA E . 41.09 -5.55 24.50
O3 BMA E . 42.98 -7.01 23.21
O4 BMA E . 41.81 -9.57 23.38
O5 BMA E . 38.86 -7.44 23.68
O6 BMA E . 39.17 -9.71 25.36
C1 MAN E . 36.83 -9.57 13.85
C2 MAN E . 37.95 -9.37 12.82
C3 MAN E . 37.35 -8.82 11.55
C4 MAN E . 36.22 -9.72 11.03
C5 MAN E . 35.18 -9.99 12.13
C6 MAN E . 34.20 -11.08 11.75
O2 MAN E . 38.54 -10.63 12.47
O3 MAN E . 38.33 -8.64 10.53
O4 MAN E . 35.58 -9.10 9.92
O5 MAN E . 35.82 -10.41 13.36
O6 MAN E . 33.12 -10.48 11.04
C1 NAG F . -9.25 -18.30 -11.50
C2 NAG F . -9.75 -18.05 -12.91
C3 NAG F . -10.93 -17.08 -12.86
C4 NAG F . -12.00 -17.58 -11.90
C5 NAG F . -11.39 -17.98 -10.55
C6 NAG F . -12.38 -18.69 -9.64
C7 NAG F . -8.35 -18.12 -14.92
C8 NAG F . -7.23 -17.47 -15.68
N2 NAG F . -8.69 -17.54 -13.76
O3 NAG F . -11.47 -16.94 -14.17
O4 NAG F . -12.93 -16.53 -11.66
O5 NAG F . -10.28 -18.88 -10.73
O6 NAG F . -13.23 -17.76 -8.97
O7 NAG F . -8.90 -19.14 -15.32
C1 NAG F . -14.19 -16.81 -12.31
C2 NAG F . -14.74 -15.57 -12.99
C3 NAG F . -16.13 -15.86 -13.54
C4 NAG F . -16.12 -17.10 -14.43
C5 NAG F . -15.40 -18.26 -13.75
C6 NAG F . -15.16 -19.43 -14.67
C7 NAG F . -14.48 -13.19 -12.48
C8 NAG F . -14.54 -12.14 -11.40
N2 NAG F . -14.76 -14.44 -12.08
O3 NAG F . -16.57 -14.71 -14.26
O4 NAG F . -17.45 -17.52 -14.70
O5 NAG F . -14.12 -17.87 -13.25
O6 NAG F . -14.26 -19.07 -15.72
O7 NAG F . -14.19 -12.92 -13.63
C1 BMA F . -18.05 -16.84 -15.82
C2 BMA F . -18.27 -17.83 -16.98
C3 BMA F . -19.13 -17.18 -18.09
C4 BMA F . -20.34 -16.43 -17.50
C5 BMA F . -19.86 -15.43 -16.46
C6 BMA F . -20.99 -14.64 -15.85
O2 BMA F . -18.97 -18.96 -16.52
O3 BMA F . -19.58 -18.14 -19.04
O4 BMA F . -21.03 -15.74 -18.53
O5 BMA F . -19.22 -16.18 -15.42
O6 BMA F . -20.90 -14.75 -14.44
C1 NAG G . -2.52 -5.00 -9.87
C2 NAG G . -3.20 -5.08 -11.22
C3 NAG G . -2.56 -6.19 -12.04
C4 NAG G . -1.06 -5.94 -12.17
C5 NAG G . -0.40 -5.62 -10.82
C6 NAG G . 0.97 -5.01 -10.99
C7 NAG G . -5.25 -6.30 -10.50
C8 NAG G . -6.74 -6.28 -10.52
N2 NAG G . -4.65 -5.27 -11.11
O3 NAG G . -3.16 -6.19 -13.34
O4 NAG G . -0.43 -7.09 -12.70
O5 NAG G . -1.17 -4.67 -10.06
O6 NAG G . 1.03 -4.21 -12.17
O7 NAG G . -4.62 -7.20 -9.96
C1 NAG G . 0.11 -6.75 -13.98
C2 NAG G . 1.40 -7.52 -14.25
C3 NAG G . 1.92 -7.20 -15.65
C4 NAG G . 0.83 -7.42 -16.68
C5 NAG G . -0.43 -6.66 -16.29
C6 NAG G . -1.60 -6.92 -17.20
C7 NAG G . 2.50 -7.86 -12.07
C8 NAG G . 3.61 -7.42 -11.16
N2 NAG G . 2.42 -7.22 -13.25
O3 NAG G . 3.06 -8.01 -15.95
O4 NAG G . 1.28 -6.98 -17.95
O5 NAG G . -0.83 -7.06 -14.98
O6 NAG G . -1.51 -6.16 -18.40
O7 NAG G . 1.71 -8.75 -11.76
C1 BMA G . 1.24 -8.09 -18.86
C2 BMA G . 0.75 -7.51 -20.17
C3 BMA G . 0.82 -8.57 -21.26
C4 BMA G . 2.20 -9.22 -21.32
C5 BMA G . 2.61 -9.76 -19.93
C6 BMA G . 4.06 -10.23 -19.88
O2 BMA G . 1.59 -6.43 -20.56
O3 BMA G . 0.48 -8.01 -22.54
O4 BMA G . 2.20 -10.29 -22.26
O5 BMA G . 2.50 -8.70 -18.98
O6 BMA G . 4.15 -11.60 -20.27
C1 MAN G . 4.98 -11.67 -21.45
C2 MAN G . 6.31 -10.91 -21.23
C3 MAN G . 6.78 -10.24 -22.52
C4 MAN G . 6.41 -11.12 -23.73
C5 MAN G . 4.88 -11.24 -23.85
C6 MAN G . 4.42 -12.49 -24.56
O2 MAN G . 7.37 -11.81 -20.88
O3 MAN G . 8.19 -9.99 -22.48
O4 MAN G . 6.90 -10.55 -24.93
O5 MAN G . 4.25 -11.22 -22.55
O6 MAN G . 4.89 -12.41 -25.89
C1 MAN G . 8.62 -8.76 -23.12
C2 MAN G . 7.49 -7.71 -23.30
C3 MAN G . 7.86 -6.72 -24.43
C4 MAN G . 9.38 -6.59 -24.58
C5 MAN G . 9.96 -7.93 -25.04
C6 MAN G . 11.46 -8.04 -24.83
O2 MAN G . 7.31 -6.91 -22.13
O3 MAN G . 7.27 -5.44 -24.22
O4 MAN G . 9.67 -5.61 -25.56
O5 MAN G . 9.32 -9.04 -24.33
O6 MAN G . 11.72 -8.26 -23.44
C1 MAN G . -0.81 -7.36 -22.48
C2 MAN G . -1.70 -7.93 -23.60
C3 MAN G . -1.26 -7.36 -24.94
C4 MAN G . -1.22 -5.82 -24.89
C5 MAN G . -0.28 -5.38 -23.77
C6 MAN G . -0.24 -3.87 -23.59
O2 MAN G . -3.07 -7.53 -23.43
O3 MAN G . -2.12 -7.78 -25.99
O4 MAN G . -0.77 -5.33 -26.14
O5 MAN G . -0.72 -5.95 -22.52
O6 MAN G . 0.93 -3.54 -22.86
C1 NAG H . -21.30 10.23 35.96
C2 NAG H . -19.90 9.82 35.54
C3 NAG H . -19.11 11.06 35.11
C4 NAG H . -19.88 11.88 34.09
C5 NAG H . -21.35 12.08 34.51
C6 NAG H . -22.20 12.69 33.42
C7 NAG H . -18.65 7.93 36.49
C8 NAG H . -17.99 7.37 37.71
N2 NAG H . -19.22 9.13 36.63
O3 NAG H . -17.85 10.66 34.58
O4 NAG H . -19.27 13.16 33.98
O5 NAG H . -21.95 10.84 34.86
O6 NAG H . -23.50 13.02 33.90
O7 NAG H . -18.65 7.33 35.42
C1 NAG H . -18.81 13.43 32.65
C2 NAG H . -17.31 13.20 32.55
C3 NAG H . -16.81 13.52 31.14
C4 NAG H . -17.64 12.77 30.09
C5 NAG H . -19.12 13.03 30.33
C6 NAG H . -20.02 12.24 29.39
C7 NAG H . -15.40 13.69 34.02
C8 NAG H . -14.83 14.64 35.02
N2 NAG H . -16.60 14.01 33.53
O3 NAG H . -15.44 13.14 31.01
O4 NAG H . -17.28 13.20 28.79
O5 NAG H . -19.48 12.65 31.66
O6 NAG H . -20.77 13.11 28.55
O7 NAG H . -14.81 12.67 33.67
C1 NAG I . -27.12 32.91 -21.16
C2 NAG I . -27.50 34.12 -22.00
C3 NAG I . -27.30 35.40 -21.19
C4 NAG I . -28.07 35.31 -19.88
C5 NAG I . -27.67 34.06 -19.12
C6 NAG I . -28.47 33.84 -17.85
C7 NAG I . -27.37 34.14 -24.44
C8 NAG I . -26.47 34.20 -25.65
N2 NAG I . -26.77 34.17 -23.25
O3 NAG I . -27.72 36.52 -21.97
O4 NAG I . -27.85 36.47 -19.10
O5 NAG I . -27.87 32.90 -19.94
O6 NAG I . -28.67 32.46 -17.61
O7 NAG I . -28.59 34.06 -24.56
C1 NAG I . -28.98 37.36 -19.28
C2 NAG I . -30.19 36.88 -18.47
C3 NAG I . -30.64 37.94 -17.48
C4 NAG I . -29.44 38.49 -16.72
C5 NAG I . -28.49 39.18 -17.68
C6 NAG I . -27.02 38.86 -17.42
C7 NAG I . -32.11 35.49 -19.13
C8 NAG I . -33.18 35.25 -20.15
N2 NAG I . -31.29 36.52 -19.36
O3 NAG I . -31.57 37.36 -16.56
O4 NAG I . -29.85 39.39 -15.69
O5 NAG I . -28.77 38.79 -19.03
O6 NAG I . -26.23 39.01 -18.59
O7 NAG I . -31.98 34.77 -18.14
C1 BMA I . -30.63 40.50 -16.21
C2 BMA I . -32.04 40.52 -15.56
C3 BMA I . -32.22 41.74 -14.60
C4 BMA I . -31.77 43.08 -15.25
C5 BMA I . -30.75 42.86 -16.39
C6 BMA I . -29.84 44.04 -16.61
O2 BMA I . -32.27 39.34 -14.82
O3 BMA I . -31.55 41.57 -13.34
O4 BMA I . -32.91 43.77 -15.73
O5 BMA I . -29.95 41.73 -16.07
O6 BMA I . -30.57 45.23 -16.32
C1 MAN I . -32.40 41.11 -12.27
C2 MAN I . -33.52 42.14 -11.91
C3 MAN I . -33.20 42.80 -10.56
C4 MAN I . -33.05 41.75 -9.42
C5 MAN I . -32.24 40.51 -9.87
C6 MAN I . -33.05 39.22 -9.91
O2 MAN I . -34.77 41.49 -11.74
O3 MAN I . -34.11 43.92 -10.22
O4 MAN I . -32.39 42.34 -8.31
O5 MAN I . -31.61 40.72 -11.17
O6 MAN I . -33.53 38.97 -8.60
C1 MAN I . -35.34 43.67 -9.47
C2 MAN I . -35.18 44.18 -7.98
C3 MAN I . -36.39 43.83 -7.07
C4 MAN I . -37.33 42.78 -7.70
C5 MAN I . -36.48 41.75 -8.44
C6 MAN I . -37.26 40.54 -8.88
O2 MAN I . -35.06 45.60 -7.93
O3 MAN I . -37.10 45.01 -6.57
O4 MAN I . -38.05 42.11 -6.68
O5 MAN I . -35.94 42.38 -9.64
O6 MAN I . -36.33 39.59 -9.38
C1 MAN I . -38.31 45.32 -7.32
C2 MAN I . -38.33 46.82 -7.73
C3 MAN I . -39.12 47.69 -6.73
C4 MAN I . -40.45 47.03 -6.39
C5 MAN I . -40.14 45.70 -5.71
C6 MAN I . -41.39 45.00 -5.21
O2 MAN I . -38.99 47.01 -8.99
O3 MAN I . -39.34 49.01 -7.20
O4 MAN I . -41.20 47.85 -5.51
O5 MAN I . -39.51 44.84 -6.70
O6 MAN I . -40.97 43.96 -4.32
C1 NAG J . 6.38 11.97 -9.89
C2 NAG J . 6.11 10.62 -10.56
C3 NAG J . 4.72 10.60 -11.16
C4 NAG J . 3.69 10.85 -10.06
C5 NAG J . 3.95 12.20 -9.40
C6 NAG J . 4.09 12.11 -7.90
C7 NAG J . 7.72 9.12 -11.64
C8 NAG J . 7.30 8.09 -10.64
N2 NAG J . 7.12 10.31 -11.56
O3 NAG J . 4.48 9.33 -11.77
O4 NAG J . 2.36 10.75 -10.55
O5 NAG J . 5.16 12.79 -9.91
O6 NAG J . 4.34 13.39 -7.32
O7 NAG J . 8.57 8.88 -12.50
C1 NAG J . 2.07 11.65 -11.65
C2 NAG J . 1.12 10.94 -12.59
C3 NAG J . -0.27 10.84 -11.96
C4 NAG J . -0.79 12.20 -11.54
C5 NAG J . 0.24 13.00 -10.72
C6 NAG J . 0.36 12.54 -9.28
C7 NAG J . 0.98 10.93 -15.04
C8 NAG J . 0.92 11.78 -16.28
N2 NAG J . 1.05 11.59 -13.88
O3 NAG J . -0.26 9.94 -10.86
O4 NAG J . -1.17 12.97 -12.68
O5 NAG J . 1.55 12.95 -11.33
O6 NAG J . 0.28 13.62 -8.38
O7 NAG J . 0.95 9.70 -15.09
C1 NAG K . -1.75 41.50 8.18
C2 NAG K . -1.53 42.31 9.44
C3 NAG K . -2.82 42.90 9.94
C4 NAG K . -3.30 43.89 8.89
C5 NAG K . -3.59 43.16 7.58
C6 NAG K . -2.98 43.84 6.36
C7 NAG K . 0.30 41.84 11.01
C8 NAG K . 0.92 43.10 10.48
N2 NAG K . -0.88 41.50 10.48
O3 NAG K . -2.55 43.57 11.16
O4 NAG K . -4.43 44.63 9.38
O5 NAG K . -3.11 41.81 7.60
O6 NAG K . -1.60 44.14 6.55
O7 NAG K . 0.85 41.16 11.86
C1 NAG K . -5.72 44.02 9.28
C2 NAG K . -6.37 44.23 10.65
C3 NAG K . -7.88 43.98 10.59
C4 NAG K . -8.51 44.78 9.47
C5 NAG K . -7.82 44.44 8.16
C6 NAG K . -8.36 45.23 6.99
C7 NAG K . -4.98 43.84 12.65
C8 NAG K . -4.44 42.81 13.59
N2 NAG K . -5.76 43.37 11.66
O3 NAG K . -8.46 44.34 11.84
O4 NAG K . -9.89 44.48 9.38
O5 NAG K . -6.43 44.76 8.28
O6 NAG K . -7.74 46.51 6.90
O7 NAG K . -4.70 45.03 12.74
C1 NAG L . -18.69 -4.87 52.15
C2 NAG L . -18.29 -5.83 51.03
C3 NAG L . -16.94 -6.48 51.31
C4 NAG L . -15.89 -5.43 51.66
C5 NAG L . -16.41 -4.54 52.78
C6 NAG L . -15.45 -3.42 53.15
C7 NAG L . -19.66 -7.78 51.71
C8 NAG L . -20.73 -8.73 51.29
N2 NAG L . -19.31 -6.85 50.81
O3 NAG L . -16.51 -7.23 50.18
O4 NAG L . -14.69 -6.07 52.09
O5 NAG L . -17.63 -3.92 52.37
O6 NAG L . -15.22 -3.38 54.56
O7 NAG L . -19.13 -7.84 52.82
MN MN M . -12.43 -16.21 -2.25
MN MN N . -15.76 -6.19 7.20
MN MN O . -14.32 -5.80 20.32
MN MN P . -7.13 -14.28 27.77
N NO3 Q . 10.75 -34.92 -5.39
O1 NO3 Q . 11.20 -35.32 -4.12
O2 NO3 Q . 11.15 -33.69 -5.93
O3 NO3 Q . 9.89 -35.75 -6.11
N NO3 R . 10.07 -26.10 -5.23
O1 NO3 R . 9.88 -25.46 -4.01
O2 NO3 R . 11.06 -27.09 -5.37
O3 NO3 R . 9.28 -25.73 -6.33
C1 NAG S . 1.84 47.32 14.22
C2 NAG S . 2.82 47.78 13.16
C3 NAG S . 2.10 48.57 12.07
C4 NAG S . 0.72 47.96 11.82
C5 NAG S . -0.15 48.16 13.07
C6 NAG S . -1.18 47.07 13.27
C7 NAG S . 4.93 48.00 14.38
C8 NAG S . 5.96 48.96 14.92
N2 NAG S . 3.90 48.56 13.74
O3 NAG S . 2.87 48.54 10.87
O4 NAG S . 0.10 48.61 10.71
O5 NAG S . 0.68 48.19 14.24
O6 NAG S . -2.40 47.61 13.75
O7 NAG S . 5.03 46.79 14.53
C1 NAG T . -17.51 26.43 8.05
C2 NAG T . -17.62 26.29 6.53
C3 NAG T . -18.90 26.97 6.02
C4 NAG T . -20.11 26.46 6.79
C5 NAG T . -19.89 26.66 8.29
C6 NAG T . -21.01 26.13 9.14
C7 NAG T . -15.34 26.17 5.61
C8 NAG T . -14.25 26.91 4.91
N2 NAG T . -16.45 26.86 5.86
O3 NAG T . -19.06 26.69 4.63
O4 NAG T . -21.28 27.16 6.37
O5 NAG T . -18.69 25.97 8.67
O6 NAG T . -20.97 26.67 10.45
O7 NAG T . -15.21 24.99 5.96
MN MN U . 28.05 8.13 -16.67
#